data_5DZY
#
_entry.id   5DZY
#
_cell.length_a   85.140
_cell.length_b   137.070
_cell.length_c   326.190
_cell.angle_alpha   90.00
_cell.angle_beta   90.00
_cell.angle_gamma   90.00
#
_symmetry.space_group_name_H-M   'P 21 21 21'
#
loop_
_entity.id
_entity.type
_entity.pdbx_description
1 polymer 'Pcdhb8 protein'
2 branched alpha-L-fucopyranose-(1-6)-2-acetamido-2-deoxy-beta-D-glucopyranose
3 branched beta-D-galactopyranose-(1-4)-2-acetamido-2-deoxy-beta-D-glucopyranose-(1-4)-alpha-D-mannopyranose-(1-3)-[2-acetamido-2-deoxy-beta-D-glucopyranose-(1-4)-alpha-D-mannopyranose-(1-6)]beta-D-mannopyranose-(1-4)-2-acetamido-2-deoxy-beta-D-glucopyranose-(1-4)-[alpha-L-fucopyranose-(1-6)]2-acetamido-2-deoxy-beta-D-glucopyranose
4 branched beta-D-mannopyranose-(1-4)-2-acetamido-2-deoxy-beta-D-glucopyranose-(1-4)-2-acetamido-2-deoxy-beta-D-glucopyranose
5 branched alpha-D-mannopyranose-(1-3)-beta-D-mannopyranose-(1-4)-2-acetamido-2-deoxy-beta-D-glucopyranose-(1-4)-[alpha-L-fucopyranose-(1-6)]2-acetamido-2-deoxy-beta-D-glucopyranose
6 non-polymer alpha-D-mannopyranose
7 non-polymer 'CALCIUM ION'
8 non-polymer 2-acetamido-2-deoxy-beta-D-glucopyranose
9 water water
#
_entity_poly.entity_id   1
_entity_poly.type   'polypeptide(L)'
_entity_poly.pdbx_seq_one_letter_code
;EAISYSMPEETESGYLVANLAQDLGLRVGELTTRGARIHHNGNKELLQLDAERGNLLLKEKPDREALCGATEPCVLHFQI
ILENPVQFFQTDLQFTDINDHFPEFPDTEMLLKIQEIAQPGTVFPLKAAQDPDIGSNAVQNYTVSPNLHFHVVTLSRSDD
RKYPELVLDRALDREEQPELTLILTALDGGAPPKSGTTTVRIEVVDINDNAPQFLQSLYAVEVPENSPLNALVVTVSARD
LDAGIHGNVAYSLFQGGGGPQPFVIDEITGEIRLKGALDFEATSYYTMEIVATDSGGLSGKCTVAIQVLDVNDNAPKLTI
SSLTSSIPENAPEAVVAVFSVSDPDSGDNGRMVCSIQNGLPFLLKPTFKNFYTLVTERPLDRESNAEYNITITVSDLGTP
RLTTQHTITVQVSDINDNHHHHHHHH
;
_entity_poly.pdbx_strand_id   A,B,C,D,E,F
#
# COMPACT_ATOMS: atom_id res chain seq x y z
N ILE A 3 64.50 101.53 38.55
CA ILE A 3 63.58 100.81 39.43
C ILE A 3 62.40 100.25 38.66
N SER A 4 61.89 99.11 39.11
CA SER A 4 60.78 98.45 38.45
C SER A 4 59.70 98.01 39.44
N TYR A 5 58.44 98.10 39.02
CA TYR A 5 57.33 97.69 39.86
C TYR A 5 56.44 96.70 39.13
N SER A 6 55.83 95.78 39.88
CA SER A 6 54.96 94.77 39.30
C SER A 6 53.58 94.77 39.95
N MET A 7 52.54 94.57 39.14
CA MET A 7 51.17 94.57 39.62
C MET A 7 50.24 93.85 38.66
N PRO A 8 49.24 93.14 39.19
CA PRO A 8 48.26 92.37 38.40
C PRO A 8 47.49 93.20 37.38
N GLU A 9 46.94 92.53 36.38
CA GLU A 9 46.19 93.18 35.31
C GLU A 9 44.80 93.59 35.79
N GLU A 10 44.21 94.58 35.10
CA GLU A 10 42.84 95.01 35.35
C GLU A 10 42.60 95.49 36.77
N THR A 11 43.60 96.14 37.35
CA THR A 11 43.46 96.74 38.67
C THR A 11 42.71 98.06 38.54
N GLU A 12 41.79 98.31 39.47
CA GLU A 12 40.95 99.51 39.44
C GLU A 12 41.76 100.79 39.38
N SER A 13 41.25 101.78 38.67
CA SER A 13 41.92 103.07 38.53
C SER A 13 41.94 103.82 39.85
N GLY A 14 43.06 104.49 40.13
CA GLY A 14 43.22 105.21 41.37
C GLY A 14 43.99 104.38 42.40
N TYR A 15 44.44 103.21 41.98
CA TYR A 15 45.20 102.31 42.84
C TYR A 15 46.57 102.89 43.15
N LEU A 16 46.99 102.76 44.40
CA LEU A 16 48.30 103.25 44.82
C LEU A 16 49.41 102.32 44.29
N VAL A 17 50.13 102.80 43.29
CA VAL A 17 51.16 102.00 42.64
C VAL A 17 52.40 101.84 43.52
N ALA A 18 53.04 102.96 43.86
CA ALA A 18 54.26 102.92 44.64
C ALA A 18 54.50 104.20 45.43
N ASN A 19 55.06 104.05 46.63
CA ASN A 19 55.45 105.19 47.44
C ASN A 19 56.76 105.78 46.93
N LEU A 20 56.66 106.64 45.94
CA LEU A 20 57.83 107.18 45.24
C LEU A 20 58.77 107.96 46.16
N ALA A 21 58.19 108.68 47.11
CA ALA A 21 58.96 109.52 48.02
C ALA A 21 59.96 108.71 48.84
N GLN A 22 59.51 107.58 49.38
CA GLN A 22 60.37 106.73 50.19
C GLN A 22 61.33 105.93 49.33
N ASP A 23 60.87 105.50 48.15
CA ASP A 23 61.69 104.71 47.24
C ASP A 23 62.85 105.52 46.67
N LEU A 24 62.63 106.83 46.52
CA LEU A 24 63.69 107.70 46.02
C LEU A 24 64.54 108.22 47.17
N GLY A 25 64.06 108.04 48.39
CA GLY A 25 64.79 108.46 49.58
C GLY A 25 64.89 109.96 49.70
N LEU A 26 63.85 110.67 49.27
CA LEU A 26 63.83 112.12 49.31
C LEU A 26 62.74 112.63 50.25
N ARG A 27 62.84 113.91 50.61
CA ARG A 27 61.87 114.54 51.50
C ARG A 27 60.53 114.72 50.80
N VAL A 28 59.46 114.83 51.57
CA VAL A 28 58.11 114.90 51.03
C VAL A 28 57.86 116.17 50.22
N GLY A 29 58.31 117.31 50.75
CA GLY A 29 58.13 118.58 50.08
C GLY A 29 59.08 118.75 48.90
N GLU A 30 60.13 117.93 48.89
CA GLU A 30 61.14 117.99 47.83
C GLU A 30 60.53 117.59 46.49
N LEU A 31 59.52 116.72 46.53
CA LEU A 31 58.86 116.25 45.32
C LEU A 31 58.24 117.39 44.52
N THR A 32 57.56 118.29 45.22
CA THR A 32 56.95 119.45 44.57
C THR A 32 57.95 120.59 44.47
N THR A 33 59.02 120.52 45.26
CA THR A 33 60.07 121.53 45.21
C THR A 33 60.87 121.43 43.93
N ARG A 34 61.18 120.20 43.51
CA ARG A 34 62.01 119.97 42.33
C ARG A 34 61.19 120.06 41.05
N GLY A 35 59.90 120.36 41.18
CA GLY A 35 59.01 120.43 40.03
C GLY A 35 58.94 119.12 39.29
N ALA A 36 58.57 118.06 40.00
CA ALA A 36 58.55 116.71 39.46
C ALA A 36 57.60 116.58 38.28
N ARG A 37 58.13 116.11 37.15
CA ARG A 37 57.30 115.86 35.98
C ARG A 37 57.51 114.43 35.46
N ILE A 38 56.55 113.94 34.69
CA ILE A 38 56.67 112.61 34.11
C ILE A 38 56.64 112.70 32.58
N HIS A 39 57.58 112.01 31.94
CA HIS A 39 57.75 112.07 30.50
C HIS A 39 57.72 110.66 29.88
N HIS A 40 56.95 110.52 28.82
CA HIS A 40 56.79 109.25 28.13
C HIS A 40 56.26 109.46 26.71
N ASN A 41 56.49 108.48 25.85
CA ASN A 41 56.01 108.57 24.47
C ASN A 41 54.74 107.75 24.25
N GLY A 42 54.19 107.23 25.35
CA GLY A 42 52.98 106.44 25.29
C GLY A 42 51.78 107.27 24.86
N ASN A 43 50.87 106.65 24.11
CA ASN A 43 49.68 107.33 23.62
C ASN A 43 48.80 107.81 24.77
N LYS A 44 48.60 106.94 25.75
CA LYS A 44 47.78 107.27 26.91
C LYS A 44 48.64 107.42 28.16
N GLU A 45 48.33 108.43 28.96
CA GLU A 45 49.04 108.64 30.22
C GLU A 45 48.45 107.76 31.32
N LEU A 46 49.00 106.56 31.45
CA LEU A 46 48.50 105.59 32.42
C LEU A 46 48.75 106.04 33.87
N LEU A 47 49.82 106.79 34.08
CA LEU A 47 50.23 107.16 35.43
C LEU A 47 50.15 108.67 35.68
N GLN A 48 49.53 109.03 36.80
CA GLN A 48 49.55 110.41 37.27
C GLN A 48 50.32 110.48 38.58
N LEU A 49 51.10 111.54 38.75
CA LEU A 49 51.98 111.65 39.91
C LEU A 49 51.45 112.62 40.97
N ASP A 50 51.14 112.10 42.14
CA ASP A 50 50.77 112.91 43.28
C ASP A 50 52.03 113.41 43.98
N ALA A 51 52.42 114.64 43.66
CA ALA A 51 53.69 115.19 44.14
C ALA A 51 53.64 115.61 45.61
N GLU A 52 52.45 115.95 46.09
CA GLU A 52 52.30 116.45 47.45
C GLU A 52 52.56 115.37 48.49
N ARG A 53 52.10 114.15 48.23
CA ARG A 53 52.30 113.04 49.15
C ARG A 53 53.43 112.15 48.64
N GLY A 54 53.90 112.43 47.43
CA GLY A 54 54.98 111.68 46.83
C GLY A 54 54.59 110.26 46.45
N ASN A 55 53.40 110.11 45.90
CA ASN A 55 52.90 108.80 45.50
C ASN A 55 52.61 108.72 44.01
N LEU A 56 52.83 107.54 43.43
CA LEU A 56 52.55 107.31 42.02
C LEU A 56 51.20 106.61 41.88
N LEU A 57 50.31 107.18 41.07
CA LEU A 57 48.95 106.66 40.93
C LEU A 57 48.61 106.28 39.50
N LEU A 58 47.63 105.41 39.35
CA LEU A 58 47.12 105.01 38.03
C LEU A 58 45.99 105.93 37.59
N LYS A 59 46.05 106.40 36.35
CA LYS A 59 45.02 107.27 35.81
C LYS A 59 43.88 106.46 35.20
N GLU A 60 44.22 105.36 34.54
CA GLU A 60 43.23 104.50 33.91
C GLU A 60 43.49 103.03 34.21
N LYS A 61 42.46 102.20 34.04
CA LYS A 61 42.59 100.77 34.26
C LYS A 61 43.26 100.08 33.06
N PRO A 62 44.38 99.39 33.31
CA PRO A 62 45.18 98.76 32.26
C PRO A 62 44.67 97.38 31.84
N ASP A 63 44.80 97.08 30.55
CA ASP A 63 44.48 95.76 30.03
C ASP A 63 45.66 95.23 29.23
N ARG A 64 46.24 94.13 29.71
CA ARG A 64 47.48 93.58 29.14
C ARG A 64 47.35 93.27 27.65
N GLU A 65 46.27 92.61 27.28
CA GLU A 65 46.08 92.17 25.89
C GLU A 65 45.99 93.34 24.92
N ALA A 66 45.58 94.50 25.43
CA ALA A 66 45.46 95.70 24.61
C ALA A 66 46.74 96.53 24.66
N LEU A 67 47.59 96.25 25.64
CA LEU A 67 48.84 96.97 25.81
C LEU A 67 50.02 96.24 25.19
N CYS A 68 50.21 94.98 25.58
CA CYS A 68 51.32 94.18 25.09
C CYS A 68 50.85 93.14 24.07
N GLY A 69 49.77 92.45 24.39
CA GLY A 69 49.22 91.45 23.50
C GLY A 69 49.93 90.10 23.62
N ALA A 70 50.82 89.83 22.69
CA ALA A 70 51.54 88.56 22.66
C ALA A 70 52.91 88.68 23.33
N THR A 71 53.43 89.91 23.39
CA THR A 71 54.74 90.16 23.99
C THR A 71 54.72 89.95 25.50
N GLU A 72 55.76 89.28 26.00
CA GLU A 72 55.85 88.97 27.42
C GLU A 72 57.32 88.99 27.86
N PRO A 73 57.62 89.65 28.99
CA PRO A 73 56.69 90.33 29.91
C PRO A 73 56.20 91.68 29.39
N CYS A 74 55.03 92.11 29.88
CA CYS A 74 54.47 93.40 29.52
C CYS A 74 55.06 94.50 30.38
N VAL A 75 56.14 95.11 29.91
CA VAL A 75 56.84 96.13 30.67
C VAL A 75 56.82 97.48 29.95
N LEU A 76 56.27 98.49 30.61
CA LEU A 76 56.23 99.84 30.04
C LEU A 76 57.30 100.73 30.67
N HIS A 77 58.16 101.31 29.83
CA HIS A 77 59.24 102.14 30.31
C HIS A 77 58.92 103.63 30.15
N PHE A 78 59.04 104.37 31.25
CA PHE A 78 58.79 105.81 31.23
C PHE A 78 59.89 106.51 32.03
N GLN A 79 60.01 107.83 31.90
CA GLN A 79 61.07 108.55 32.59
C GLN A 79 60.58 109.79 33.32
N ILE A 80 60.77 109.81 34.64
CA ILE A 80 60.40 110.96 35.45
C ILE A 80 61.58 111.91 35.63
N ILE A 81 61.33 113.21 35.50
CA ILE A 81 62.39 114.20 35.58
C ILE A 81 62.16 115.21 36.70
N LEU A 82 63.26 115.62 37.33
CA LEU A 82 63.25 116.60 38.41
C LEU A 82 64.14 117.78 38.02
N GLU A 83 63.81 118.97 38.51
CA GLU A 83 64.48 120.19 38.05
C GLU A 83 65.40 120.83 39.09
N ASN A 84 65.25 120.47 40.36
CA ASN A 84 66.02 121.12 41.42
C ASN A 84 66.77 120.14 42.32
N PRO A 85 67.97 119.69 41.87
CA PRO A 85 68.58 120.03 40.59
C PRO A 85 68.09 119.12 39.46
N VAL A 86 68.64 119.30 38.27
CA VAL A 86 68.24 118.50 37.11
C VAL A 86 68.66 117.05 37.26
N GLN A 87 67.66 116.17 37.40
CA GLN A 87 67.94 114.74 37.54
C GLN A 87 66.91 113.90 36.79
N PHE A 88 67.36 112.78 36.24
CA PHE A 88 66.49 111.90 35.46
C PHE A 88 66.37 110.54 36.12
N PHE A 89 65.18 109.94 36.04
CA PHE A 89 64.96 108.62 36.61
C PHE A 89 64.09 107.76 35.70
N GLN A 90 64.68 106.70 35.16
CA GLN A 90 63.95 105.78 34.29
C GLN A 90 63.28 104.68 35.11
N THR A 91 61.97 104.53 34.94
CA THR A 91 61.20 103.56 35.69
C THR A 91 60.42 102.64 34.75
N ASP A 92 60.40 101.35 35.08
CA ASP A 92 59.68 100.35 34.31
C ASP A 92 58.50 99.81 35.10
N LEU A 93 57.41 99.48 34.41
CA LEU A 93 56.22 98.94 35.06
C LEU A 93 55.74 97.67 34.38
N GLN A 94 55.79 96.56 35.12
CA GLN A 94 55.37 95.27 34.60
C GLN A 94 53.96 94.91 35.07
N PHE A 95 53.16 94.36 34.17
CA PHE A 95 51.80 93.94 34.51
C PHE A 95 51.64 92.43 34.43
N THR A 96 51.30 91.81 35.57
CA THR A 96 51.08 90.38 35.63
C THR A 96 49.72 90.02 35.02
N ASP A 97 49.74 89.11 34.05
CA ASP A 97 48.51 88.73 33.36
C ASP A 97 47.57 87.96 34.28
N ILE A 98 46.27 88.23 34.12
CA ILE A 98 45.25 87.51 34.87
C ILE A 98 44.35 86.72 33.93
N ASN A 99 43.65 85.73 34.46
CA ASN A 99 42.74 84.92 33.66
C ASN A 99 41.38 85.59 33.53
N ASP A 100 41.31 86.65 32.74
CA ASP A 100 40.08 87.41 32.56
C ASP A 100 39.50 87.24 31.16
N HIS A 101 39.91 86.18 30.48
CA HIS A 101 39.39 85.87 29.15
C HIS A 101 38.85 84.45 29.09
N PHE A 102 37.61 84.31 28.62
CA PHE A 102 37.01 83.00 28.44
C PHE A 102 37.40 82.40 27.09
N PRO A 103 37.72 81.10 27.07
CA PRO A 103 38.02 80.39 25.83
C PRO A 103 36.85 80.47 24.85
N GLU A 104 37.13 80.95 23.63
CA GLU A 104 36.09 81.11 22.62
C GLU A 104 36.44 80.36 21.35
N PHE A 105 35.50 79.52 20.89
CA PHE A 105 35.68 78.78 19.65
C PHE A 105 35.34 79.65 18.45
N PRO A 106 36.10 79.48 17.34
CA PRO A 106 35.87 80.23 16.10
C PRO A 106 34.46 80.03 15.55
N ASP A 107 34.09 78.79 15.30
CA ASP A 107 32.77 78.47 14.79
C ASP A 107 31.86 77.96 15.91
N THR A 108 30.59 78.34 15.86
CA THR A 108 29.62 77.91 16.85
C THR A 108 29.32 76.42 16.70
N GLU A 109 29.54 75.90 15.50
CA GLU A 109 29.39 74.47 15.24
C GLU A 109 30.44 73.99 14.24
N MET A 110 30.99 72.81 14.49
CA MET A 110 31.98 72.22 13.59
C MET A 110 31.39 71.06 12.81
N LEU A 111 31.56 71.09 11.49
CA LEU A 111 31.00 70.06 10.62
C LEU A 111 32.02 68.97 10.29
N LEU A 112 31.66 67.73 10.61
CA LEU A 112 32.49 66.58 10.27
C LEU A 112 31.68 65.52 9.53
N LYS A 113 32.10 65.22 8.31
CA LYS A 113 31.44 64.19 7.51
C LYS A 113 32.31 62.94 7.42
N ILE A 114 32.12 62.02 8.35
CA ILE A 114 32.94 60.82 8.43
C ILE A 114 32.25 59.61 7.79
N GLN A 115 32.98 58.90 6.93
CA GLN A 115 32.44 57.71 6.27
C GLN A 115 32.24 56.58 7.27
N GLU A 116 31.32 55.68 6.95
CA GLU A 116 30.92 54.60 7.85
C GLU A 116 32.04 53.61 8.13
N ILE A 117 32.87 53.33 7.13
CA ILE A 117 33.92 52.32 7.26
C ILE A 117 35.22 52.89 7.84
N ALA A 118 35.13 54.03 8.52
CA ALA A 118 36.31 54.62 9.16
C ALA A 118 36.78 53.75 10.32
N GLN A 119 38.01 53.24 10.21
CA GLN A 119 38.56 52.37 11.23
C GLN A 119 38.99 53.14 12.47
N PRO A 120 38.84 52.52 13.66
CA PRO A 120 39.25 53.11 14.94
C PRO A 120 40.72 53.51 14.94
N GLY A 121 41.04 54.59 15.63
CA GLY A 121 42.40 55.10 15.66
C GLY A 121 42.61 56.18 14.63
N THR A 122 41.56 56.47 13.86
CA THR A 122 41.62 57.52 12.84
C THR A 122 41.46 58.89 13.48
N VAL A 123 42.37 59.81 13.17
CA VAL A 123 42.34 61.14 13.73
C VAL A 123 41.59 62.13 12.85
N PHE A 124 40.89 63.07 13.48
CA PHE A 124 40.15 64.10 12.77
C PHE A 124 40.46 65.46 13.36
N PRO A 125 41.03 66.36 12.55
CA PRO A 125 41.44 67.69 13.01
C PRO A 125 40.27 68.57 13.41
N LEU A 126 40.39 69.26 14.54
CA LEU A 126 39.36 70.17 15.01
C LEU A 126 39.92 71.58 15.18
N LYS A 127 39.07 72.58 15.02
CA LYS A 127 39.48 73.97 15.22
C LYS A 127 39.69 74.24 16.70
N ALA A 128 40.84 74.82 17.04
CA ALA A 128 41.20 75.04 18.43
C ALA A 128 40.45 76.21 19.06
N ALA A 129 40.33 76.18 20.38
CA ALA A 129 39.75 77.30 21.12
C ALA A 129 40.85 78.31 21.42
N GLN A 130 40.58 79.58 21.13
CA GLN A 130 41.59 80.62 21.28
C GLN A 130 41.44 81.36 22.61
N ASP A 131 42.58 81.78 23.16
CA ASP A 131 42.60 82.49 24.43
C ASP A 131 43.73 83.50 24.45
N PRO A 132 43.38 84.81 24.49
CA PRO A 132 44.34 85.92 24.43
C PRO A 132 45.30 85.96 25.62
N ASP A 133 45.08 85.12 26.63
CA ASP A 133 45.92 85.11 27.82
C ASP A 133 47.29 84.49 27.54
N ILE A 134 48.11 84.39 28.58
CA ILE A 134 49.47 83.88 28.44
C ILE A 134 49.81 82.87 29.53
N GLY A 135 50.35 81.72 29.13
CA GLY A 135 50.83 80.71 30.06
C GLY A 135 49.73 79.82 30.60
N SER A 136 49.64 79.73 31.93
CA SER A 136 48.65 78.90 32.58
C SER A 136 47.25 79.49 32.43
N ASN A 137 47.19 80.78 32.11
CA ASN A 137 45.91 81.46 31.92
C ASN A 137 45.33 81.20 30.53
N ALA A 138 46.10 80.52 29.69
CA ALA A 138 45.66 80.20 28.34
C ALA A 138 45.01 78.82 28.29
N VAL A 139 44.73 78.33 27.09
CA VAL A 139 44.12 77.02 26.92
C VAL A 139 45.04 75.91 27.43
N GLN A 140 44.47 74.99 28.20
CA GLN A 140 45.24 73.95 28.85
C GLN A 140 44.69 72.55 28.56
N ASN A 141 43.37 72.42 28.52
CA ASN A 141 42.75 71.11 28.36
C ASN A 141 41.59 71.10 27.36
N TYR A 142 41.37 69.94 26.76
CA TYR A 142 40.21 69.73 25.88
C TYR A 142 39.50 68.44 26.26
N THR A 143 38.20 68.53 26.50
CA THR A 143 37.40 67.36 26.84
C THR A 143 36.17 67.28 25.94
N VAL A 144 35.68 66.06 25.74
CA VAL A 144 34.52 65.84 24.88
C VAL A 144 33.39 65.19 25.69
N SER A 145 32.15 65.56 25.37
CA SER A 145 30.98 65.01 26.04
C SER A 145 30.96 63.49 25.93
N PRO A 146 30.62 62.80 27.05
CA PRO A 146 30.64 61.34 27.16
C PRO A 146 29.84 60.63 26.07
N ASN A 147 30.55 59.94 25.18
CA ASN A 147 29.92 59.12 24.15
C ASN A 147 30.62 57.77 24.04
N LEU A 148 30.21 56.97 23.07
CA LEU A 148 30.75 55.63 22.92
C LEU A 148 31.54 55.45 21.62
N HIS A 149 31.76 56.55 20.90
CA HIS A 149 32.43 56.49 19.62
C HIS A 149 33.77 57.22 19.59
N PHE A 150 33.78 58.44 20.12
CA PHE A 150 34.96 59.30 20.01
C PHE A 150 35.56 59.71 21.35
N HIS A 151 36.79 60.23 21.29
CA HIS A 151 37.44 60.84 22.44
C HIS A 151 38.50 61.82 21.95
N VAL A 152 38.53 63.01 22.53
CA VAL A 152 39.40 64.08 22.04
C VAL A 152 40.77 64.06 22.74
N VAL A 153 41.81 64.36 21.98
CA VAL A 153 43.17 64.43 22.52
C VAL A 153 43.80 65.78 22.18
N THR A 154 44.55 66.34 23.12
CA THR A 154 45.19 67.64 22.94
C THR A 154 46.63 67.49 22.46
N LEU A 155 47.02 68.35 21.52
CA LEU A 155 48.39 68.33 21.00
C LEU A 155 49.11 69.64 21.32
N SER A 156 50.31 69.52 21.91
CA SER A 156 51.11 70.69 22.24
C SER A 156 52.26 70.85 21.24
N ARG A 157 51.94 70.65 19.96
CA ARG A 157 52.93 70.71 18.90
C ARG A 157 53.39 72.16 18.66
N SER A 158 54.55 72.31 18.03
CA SER A 158 55.13 73.61 17.67
C SER A 158 55.42 74.47 18.90
N ASP A 159 54.95 75.71 18.88
CA ASP A 159 55.26 76.68 19.92
C ASP A 159 54.40 76.51 21.17
N ASP A 160 54.22 75.25 21.58
CA ASP A 160 53.46 74.91 22.80
C ASP A 160 52.03 75.45 22.77
N ARG A 161 51.49 75.67 21.58
CA ARG A 161 50.11 76.06 21.43
C ARG A 161 49.23 74.82 21.29
N LYS A 162 48.28 74.67 22.19
CA LYS A 162 47.48 73.44 22.25
C LYS A 162 46.33 73.43 21.24
N TYR A 163 46.29 72.37 20.44
CA TYR A 163 45.23 72.18 19.45
C TYR A 163 44.64 70.77 19.59
N PRO A 164 43.31 70.68 19.69
CA PRO A 164 42.61 69.42 19.90
C PRO A 164 42.32 68.66 18.60
N GLU A 165 42.29 67.34 18.69
CA GLU A 165 41.86 66.52 17.57
C GLU A 165 41.06 65.31 18.08
N LEU A 166 40.03 64.95 17.33
CA LEU A 166 39.11 63.90 17.75
C LEU A 166 39.56 62.53 17.27
N VAL A 167 39.56 61.55 18.16
CA VAL A 167 39.99 60.20 17.82
C VAL A 167 38.83 59.19 17.94
N LEU A 168 38.67 58.37 16.91
CA LEU A 168 37.62 57.35 16.89
C LEU A 168 38.06 56.12 17.67
N ASP A 169 37.13 55.53 18.40
CA ASP A 169 37.44 54.34 19.20
C ASP A 169 36.59 53.14 18.74
N ARG A 170 35.33 53.38 18.45
CA ARG A 170 34.43 52.34 17.96
C ARG A 170 33.83 52.73 16.61
N ALA A 171 33.87 51.82 15.65
CA ALA A 171 33.43 52.09 14.29
C ALA A 171 31.97 52.55 14.23
N LEU A 172 31.69 53.44 13.28
CA LEU A 172 30.35 54.00 13.12
C LEU A 172 29.45 53.09 12.30
N ASP A 173 28.17 53.46 12.22
CA ASP A 173 27.20 52.70 11.44
C ASP A 173 25.96 53.56 11.17
N ARG A 174 25.76 53.94 9.91
CA ARG A 174 24.64 54.80 9.54
C ARG A 174 23.31 54.08 9.71
N GLU A 175 23.33 52.75 9.58
CA GLU A 175 22.13 51.94 9.72
C GLU A 175 21.66 51.90 11.17
N GLU A 176 22.57 52.23 12.09
CA GLU A 176 22.24 52.30 13.51
C GLU A 176 22.02 53.74 13.95
N GLN A 177 23.06 54.55 13.81
CA GLN A 177 22.97 55.97 14.15
C GLN A 177 23.51 56.85 13.02
N PRO A 178 22.59 57.53 12.31
CA PRO A 178 22.92 58.35 11.14
C PRO A 178 23.76 59.58 11.46
N GLU A 179 23.47 60.25 12.58
CA GLU A 179 24.14 61.49 12.91
C GLU A 179 24.53 61.58 14.38
N LEU A 180 25.72 62.12 14.64
CA LEU A 180 26.21 62.33 16.00
C LEU A 180 26.32 63.82 16.33
N THR A 181 26.06 64.15 17.58
CA THR A 181 26.21 65.52 18.07
C THR A 181 26.97 65.53 19.38
N LEU A 182 28.17 66.10 19.38
CA LEU A 182 29.00 66.12 20.57
C LEU A 182 29.22 67.53 21.10
N ILE A 183 29.66 67.61 22.35
CA ILE A 183 29.99 68.90 22.96
C ILE A 183 31.49 68.98 23.26
N LEU A 184 32.17 69.89 22.56
CA LEU A 184 33.59 70.07 22.77
C LEU A 184 33.84 71.20 23.78
N THR A 185 34.41 70.85 24.92
CA THR A 185 34.66 71.81 25.98
C THR A 185 36.15 72.06 26.17
N ALA A 186 36.54 73.32 26.24
CA ALA A 186 37.93 73.71 26.45
C ALA A 186 38.10 74.29 27.84
N LEU A 187 39.02 73.70 28.60
CA LEU A 187 39.27 74.10 29.98
C LEU A 187 40.58 74.89 30.11
N ASP A 188 40.51 75.97 30.89
CA ASP A 188 41.68 76.80 31.16
C ASP A 188 42.51 76.18 32.28
N GLY A 189 43.76 76.61 32.40
CA GLY A 189 44.65 76.09 33.43
C GLY A 189 44.74 77.01 34.63
N GLY A 190 43.96 78.09 34.62
CA GLY A 190 43.96 79.05 35.70
C GLY A 190 43.12 78.59 36.87
N ALA A 191 43.09 79.39 37.94
CA ALA A 191 42.31 79.08 39.13
C ALA A 191 41.43 80.27 39.53
N PRO A 192 40.11 80.12 39.40
CA PRO A 192 39.43 78.92 38.89
C PRO A 192 39.44 78.84 37.37
N PRO A 193 39.44 77.62 36.82
CA PRO A 193 39.48 77.38 35.37
C PRO A 193 38.31 78.01 34.62
N LYS A 194 38.57 78.49 33.41
CA LYS A 194 37.53 79.05 32.55
C LYS A 194 37.23 78.10 31.41
N SER A 195 35.96 78.04 30.99
CA SER A 195 35.53 77.08 29.98
C SER A 195 35.12 77.73 28.67
N GLY A 196 35.08 76.93 27.61
CA GLY A 196 34.57 77.37 26.32
C GLY A 196 34.01 76.19 25.54
N THR A 197 32.71 76.22 25.26
CA THR A 197 32.07 75.07 24.62
C THR A 197 31.61 75.33 23.19
N THR A 198 31.63 74.28 22.38
CA THR A 198 31.12 74.34 21.01
C THR A 198 30.48 73.01 20.62
N THR A 199 29.73 73.01 19.52
CA THR A 199 29.04 71.81 19.07
C THR A 199 29.76 71.14 17.91
N VAL A 200 30.13 69.87 18.09
CA VAL A 200 30.72 69.08 17.03
C VAL A 200 29.65 68.26 16.33
N ARG A 201 29.35 68.63 15.09
CA ARG A 201 28.33 67.95 14.31
C ARG A 201 28.94 66.91 13.38
N ILE A 202 28.68 65.64 13.68
CA ILE A 202 29.24 64.54 12.89
C ILE A 202 28.18 63.89 12.00
N GLU A 203 28.40 63.98 10.69
CA GLU A 203 27.49 63.39 9.71
C GLU A 203 28.08 62.12 9.11
N VAL A 204 27.47 60.98 9.43
CA VAL A 204 27.96 59.70 8.95
C VAL A 204 27.60 59.46 7.48
N VAL A 205 28.62 59.46 6.62
CA VAL A 205 28.42 59.23 5.20
C VAL A 205 28.11 57.75 4.93
N ASP A 206 27.09 57.50 4.12
CA ASP A 206 26.67 56.12 3.82
C ASP A 206 27.72 55.35 3.03
N ILE A 207 27.99 54.12 3.47
CA ILE A 207 28.86 53.22 2.73
C ILE A 207 28.12 51.92 2.42
N ASN A 208 28.23 51.45 1.18
CA ASN A 208 27.56 50.22 0.76
C ASN A 208 28.19 49.00 1.41
N ASP A 209 27.80 48.72 2.64
CA ASP A 209 28.31 47.56 3.37
C ASP A 209 27.20 46.53 3.59
N ASN A 210 26.03 46.83 3.04
CA ASN A 210 24.89 45.92 3.11
C ASN A 210 24.50 45.37 1.74
N ALA A 211 24.25 44.07 1.69
CA ALA A 211 23.85 43.40 0.45
C ALA A 211 22.34 43.30 0.36
N PRO A 212 21.79 43.48 -0.85
CA PRO A 212 20.34 43.41 -1.07
C PRO A 212 19.76 42.03 -0.80
N GLN A 213 18.58 41.98 -0.20
CA GLN A 213 17.91 40.72 0.08
C GLN A 213 16.48 40.73 -0.45
N PHE A 214 16.03 39.57 -0.92
CA PHE A 214 14.65 39.43 -1.41
C PHE A 214 13.69 39.21 -0.25
N LEU A 215 12.46 39.72 -0.40
CA LEU A 215 11.43 39.55 0.62
C LEU A 215 11.08 38.08 0.81
N GLN A 216 11.02 37.35 -0.31
CA GLN A 216 10.74 35.92 -0.27
C GLN A 216 11.93 35.15 -0.85
N SER A 217 12.25 34.02 -0.25
CA SER A 217 13.36 33.19 -0.72
C SER A 217 12.94 32.33 -1.90
N LEU A 218 11.63 32.07 -2.00
CA LEU A 218 11.10 31.24 -3.07
C LEU A 218 9.82 31.84 -3.66
N TYR A 219 9.74 31.86 -4.98
CA TYR A 219 8.54 32.33 -5.66
C TYR A 219 7.94 31.23 -6.53
N ALA A 220 6.69 30.86 -6.24
CA ALA A 220 6.01 29.83 -7.00
C ALA A 220 4.69 30.35 -7.55
N VAL A 221 4.60 30.42 -8.89
CA VAL A 221 3.42 30.94 -9.54
C VAL A 221 3.02 30.08 -10.74
N GLU A 222 1.72 29.87 -10.92
CA GLU A 222 1.20 29.08 -12.02
C GLU A 222 0.65 29.96 -13.14
N VAL A 223 1.01 29.64 -14.38
CA VAL A 223 0.52 30.38 -15.54
C VAL A 223 0.06 29.43 -16.64
N PRO A 224 -1.17 29.62 -17.13
CA PRO A 224 -1.75 28.82 -18.20
C PRO A 224 -0.91 28.83 -19.48
N GLU A 225 -1.01 27.77 -20.26
CA GLU A 225 -0.27 27.64 -21.51
C GLU A 225 -0.73 28.64 -22.55
N ASN A 226 -2.03 28.91 -22.56
CA ASN A 226 -2.63 29.81 -23.55
C ASN A 226 -2.65 31.26 -23.08
N SER A 227 -1.81 31.59 -22.12
CA SER A 227 -1.75 32.95 -21.58
C SER A 227 -1.24 33.94 -22.62
N PRO A 228 -1.85 35.13 -22.66
CA PRO A 228 -1.50 36.18 -23.63
C PRO A 228 -0.05 36.62 -23.54
N LEU A 229 0.46 37.22 -24.60
CA LEU A 229 1.82 37.74 -24.62
C LEU A 229 1.91 38.96 -23.68
N ASN A 230 3.11 39.22 -23.17
CA ASN A 230 3.33 40.28 -22.18
C ASN A 230 2.44 40.13 -20.95
N ALA A 231 2.29 38.90 -20.48
CA ALA A 231 1.48 38.63 -19.30
C ALA A 231 2.30 38.77 -18.02
N LEU A 232 1.72 39.42 -17.02
CA LEU A 232 2.39 39.60 -15.74
C LEU A 232 2.39 38.29 -14.97
N VAL A 233 3.51 37.57 -15.05
CA VAL A 233 3.64 36.29 -14.36
C VAL A 233 3.77 36.49 -12.85
N VAL A 234 4.81 37.22 -12.45
CA VAL A 234 5.04 37.50 -11.04
C VAL A 234 5.97 38.71 -10.87
N THR A 235 5.72 39.51 -9.85
CA THR A 235 6.57 40.66 -9.55
C THR A 235 7.49 40.34 -8.36
N VAL A 236 8.78 40.57 -8.53
CA VAL A 236 9.76 40.28 -7.49
C VAL A 236 10.28 41.57 -6.87
N SER A 237 10.46 41.56 -5.55
CA SER A 237 10.90 42.77 -4.84
C SER A 237 12.05 42.47 -3.88
N ALA A 238 13.10 43.29 -3.96
CA ALA A 238 14.25 43.18 -3.07
C ALA A 238 14.51 44.50 -2.37
N ARG A 239 15.03 44.43 -1.15
CA ARG A 239 15.26 45.64 -0.35
C ARG A 239 16.70 45.75 0.12
N ASP A 240 17.21 46.98 0.13
CA ASP A 240 18.57 47.26 0.57
C ASP A 240 18.55 48.12 1.83
N LEU A 241 19.44 47.82 2.78
CA LEU A 241 19.50 48.54 4.03
C LEU A 241 20.20 49.89 3.86
N ASP A 242 21.01 50.01 2.82
CA ASP A 242 21.71 51.27 2.53
C ASP A 242 20.77 52.26 1.86
N ALA A 243 21.26 53.48 1.64
CA ALA A 243 20.46 54.52 1.02
C ALA A 243 21.16 55.13 -0.19
N GLY A 244 20.40 55.84 -1.01
CA GLY A 244 20.93 56.48 -2.20
C GLY A 244 21.27 55.49 -3.30
N ILE A 245 22.34 55.77 -4.02
CA ILE A 245 22.80 54.90 -5.11
C ILE A 245 23.28 53.57 -4.55
N HIS A 246 23.79 53.59 -3.33
CA HIS A 246 24.29 52.39 -2.66
C HIS A 246 23.14 51.45 -2.29
N GLY A 247 21.90 51.93 -2.43
CA GLY A 247 20.74 51.15 -2.08
C GLY A 247 19.92 50.70 -3.27
N ASN A 248 20.16 51.31 -4.42
CA ASN A 248 19.46 50.92 -5.65
C ASN A 248 19.82 49.52 -6.09
N VAL A 249 18.82 48.74 -6.49
CA VAL A 249 19.04 47.37 -6.91
C VAL A 249 18.79 47.17 -8.40
N ALA A 250 19.40 46.13 -8.96
CA ALA A 250 19.20 45.78 -10.35
C ALA A 250 18.91 44.29 -10.47
N TYR A 251 17.76 43.95 -11.05
CA TYR A 251 17.34 42.56 -11.17
C TYR A 251 17.86 41.92 -12.45
N SER A 252 18.36 40.70 -12.32
CA SER A 252 18.86 39.95 -13.46
C SER A 252 18.33 38.52 -13.42
N LEU A 253 17.94 38.01 -14.59
CA LEU A 253 17.36 36.68 -14.68
C LEU A 253 18.40 35.62 -15.06
N PHE A 254 18.57 34.64 -14.18
CA PHE A 254 19.46 33.51 -14.45
C PHE A 254 18.65 32.26 -14.77
N GLN A 255 18.73 31.81 -16.02
CA GLN A 255 18.01 30.62 -16.45
C GLN A 255 18.64 29.36 -15.87
N GLY A 256 17.85 28.30 -15.79
CA GLY A 256 18.32 27.05 -15.22
C GLY A 256 18.46 25.94 -16.25
N GLY A 257 19.68 25.45 -16.40
CA GLY A 257 19.96 24.36 -17.32
C GLY A 257 19.80 24.73 -18.77
N GLY A 258 19.49 23.75 -19.61
CA GLY A 258 19.31 23.97 -21.03
C GLY A 258 17.92 24.46 -21.37
N GLY A 259 17.68 24.72 -22.66
CA GLY A 259 16.39 25.21 -23.10
C GLY A 259 16.26 26.70 -22.96
N PRO A 260 15.63 27.36 -23.96
CA PRO A 260 15.42 28.80 -23.94
C PRO A 260 14.33 29.22 -22.97
N GLN A 261 14.53 30.36 -22.30
CA GLN A 261 13.55 30.88 -21.36
C GLN A 261 12.76 32.02 -21.97
N PRO A 262 11.44 31.82 -22.15
CA PRO A 262 10.54 32.83 -22.73
C PRO A 262 10.15 33.90 -21.73
N PHE A 263 10.91 34.04 -20.65
CA PHE A 263 10.62 35.00 -19.61
C PHE A 263 11.64 36.14 -19.60
N VAL A 264 11.18 37.34 -19.28
CA VAL A 264 12.04 38.51 -19.21
C VAL A 264 11.78 39.28 -17.93
N ILE A 265 12.86 39.75 -17.31
CA ILE A 265 12.77 40.52 -16.06
C ILE A 265 13.08 41.99 -16.31
N ASP A 266 12.38 42.86 -15.61
CA ASP A 266 12.68 44.29 -15.66
C ASP A 266 13.64 44.63 -14.51
N GLU A 267 14.80 45.18 -14.85
CA GLU A 267 15.85 45.43 -13.88
C GLU A 267 15.43 46.44 -12.81
N ILE A 268 14.44 47.27 -13.12
CA ILE A 268 13.99 48.31 -12.21
C ILE A 268 12.79 47.87 -11.37
N THR A 269 11.69 47.54 -12.04
CA THR A 269 10.45 47.19 -11.35
C THR A 269 10.50 45.81 -10.72
N GLY A 270 11.12 44.86 -11.43
CA GLY A 270 11.20 43.50 -10.94
C GLY A 270 10.02 42.66 -11.38
N GLU A 271 9.55 42.90 -12.61
CA GLU A 271 8.42 42.17 -13.16
C GLU A 271 8.88 41.11 -14.16
N ILE A 272 8.41 39.87 -13.96
CA ILE A 272 8.72 38.79 -14.88
C ILE A 272 7.56 38.58 -15.83
N ARG A 273 7.82 38.71 -17.14
CA ARG A 273 6.75 38.59 -18.12
C ARG A 273 7.13 37.72 -19.32
N LEU A 274 6.12 37.35 -20.10
CA LEU A 274 6.31 36.48 -21.26
C LEU A 274 7.02 37.19 -22.41
N LYS A 275 8.03 36.51 -22.96
CA LYS A 275 8.75 37.03 -24.11
C LYS A 275 8.43 36.19 -25.35
N GLY A 276 8.30 34.88 -25.14
CA GLY A 276 7.97 33.97 -26.21
C GLY A 276 6.69 33.22 -25.94
N ALA A 277 6.53 32.05 -26.55
CA ALA A 277 5.33 31.24 -26.37
C ALA A 277 5.54 30.16 -25.31
N LEU A 278 4.44 29.71 -24.71
CA LEU A 278 4.49 28.64 -23.73
C LEU A 278 3.78 27.39 -24.24
N ASP A 279 4.35 26.23 -23.91
CA ASP A 279 3.74 24.96 -24.29
C ASP A 279 3.96 23.92 -23.21
N PHE A 280 2.87 23.46 -22.60
CA PHE A 280 2.93 22.49 -21.52
C PHE A 280 3.52 21.16 -21.96
N GLU A 281 3.38 20.86 -23.26
CA GLU A 281 3.84 19.60 -23.81
C GLU A 281 5.34 19.63 -24.10
N ALA A 282 5.89 20.83 -24.24
CA ALA A 282 7.32 20.99 -24.46
C ALA A 282 8.06 21.11 -23.13
N THR A 283 7.74 22.15 -22.38
CA THR A 283 8.30 22.36 -21.04
C THR A 283 7.19 22.76 -20.08
N SER A 284 7.06 22.01 -18.99
CA SER A 284 5.96 22.23 -18.05
C SER A 284 6.41 22.93 -16.78
N TYR A 285 7.71 22.89 -16.49
CA TYR A 285 8.22 23.45 -15.24
C TYR A 285 9.53 24.20 -15.45
N TYR A 286 9.57 25.44 -14.98
CA TYR A 286 10.77 26.27 -15.09
C TYR A 286 11.33 26.61 -13.71
N THR A 287 12.61 26.34 -13.51
CA THR A 287 13.27 26.70 -12.25
C THR A 287 14.41 27.67 -12.52
N MET A 288 14.20 28.94 -12.22
CA MET A 288 15.20 29.97 -12.49
C MET A 288 15.64 30.66 -11.21
N GLU A 289 16.60 31.57 -11.33
CA GLU A 289 17.08 32.31 -10.18
C GLU A 289 17.23 33.80 -10.48
N ILE A 290 16.50 34.62 -9.74
CA ILE A 290 16.60 36.07 -9.86
C ILE A 290 17.71 36.60 -8.96
N VAL A 291 18.54 37.48 -9.50
CA VAL A 291 19.64 38.05 -8.75
C VAL A 291 19.58 39.58 -8.74
N ALA A 292 19.41 40.15 -7.54
CA ALA A 292 19.43 41.60 -7.38
C ALA A 292 20.81 42.06 -6.96
N THR A 293 21.36 43.03 -7.68
CA THR A 293 22.70 43.53 -7.39
C THR A 293 22.72 45.06 -7.36
N ASP A 294 23.36 45.62 -6.33
CA ASP A 294 23.46 47.07 -6.19
C ASP A 294 24.52 47.65 -7.12
N SER A 295 24.93 48.89 -6.86
CA SER A 295 25.95 49.55 -7.65
C SER A 295 27.34 49.21 -7.14
N GLY A 296 27.41 48.36 -6.12
CA GLY A 296 28.66 47.99 -5.50
C GLY A 296 29.13 46.59 -5.86
N GLY A 297 28.18 45.70 -6.14
CA GLY A 297 28.50 44.34 -6.48
C GLY A 297 27.90 43.34 -5.52
N LEU A 298 27.52 43.83 -4.35
CA LEU A 298 26.84 43.00 -3.36
C LEU A 298 25.52 42.50 -3.96
N SER A 299 25.26 41.21 -3.81
CA SER A 299 24.12 40.60 -4.48
C SER A 299 23.26 39.76 -3.55
N GLY A 300 22.01 39.54 -3.97
CA GLY A 300 21.11 38.64 -3.30
C GLY A 300 20.38 37.80 -4.35
N LYS A 301 20.15 36.54 -4.05
CA LYS A 301 19.52 35.65 -5.02
C LYS A 301 18.28 34.98 -4.46
N CYS A 302 17.34 34.67 -5.35
CA CYS A 302 16.14 33.94 -4.98
C CYS A 302 15.75 32.97 -6.08
N THR A 303 15.17 31.83 -5.69
CA THR A 303 14.73 30.84 -6.67
C THR A 303 13.26 31.05 -7.04
N VAL A 304 13.00 31.15 -8.34
CA VAL A 304 11.63 31.29 -8.82
C VAL A 304 11.22 30.07 -9.63
N ALA A 305 10.13 29.45 -9.21
CA ALA A 305 9.61 28.26 -9.88
C ALA A 305 8.26 28.55 -10.54
N ILE A 306 8.21 28.37 -11.85
CA ILE A 306 7.00 28.61 -12.63
C ILE A 306 6.46 27.32 -13.25
N GLN A 307 5.26 26.93 -12.85
CA GLN A 307 4.64 25.72 -13.39
C GLN A 307 3.55 26.07 -14.40
N VAL A 308 3.68 25.56 -15.61
CA VAL A 308 2.72 25.83 -16.68
C VAL A 308 1.49 24.95 -16.51
N LEU A 309 0.32 25.52 -16.80
CA LEU A 309 -0.93 24.76 -16.77
C LEU A 309 -1.24 24.19 -18.15
N ASP A 310 -1.80 22.98 -18.17
CA ASP A 310 -2.13 22.31 -19.42
C ASP A 310 -3.42 22.86 -20.03
N VAL A 311 -3.40 23.09 -21.33
CA VAL A 311 -4.57 23.51 -22.07
C VAL A 311 -4.82 22.55 -23.24
N ASN A 312 -6.07 22.11 -23.39
CA ASN A 312 -6.41 21.19 -24.47
C ASN A 312 -6.31 21.87 -25.82
N ASP A 313 -5.09 21.95 -26.36
CA ASP A 313 -4.86 22.60 -27.64
C ASP A 313 -4.27 21.64 -28.67
N ASN A 314 -4.36 20.34 -28.37
CA ASN A 314 -3.86 19.32 -29.29
C ASN A 314 -4.93 18.29 -29.66
N ALA A 315 -5.11 18.07 -30.96
CA ALA A 315 -6.03 17.06 -31.44
C ALA A 315 -5.34 15.70 -31.48
N PRO A 316 -6.11 14.62 -31.22
CA PRO A 316 -5.56 13.26 -31.26
C PRO A 316 -4.95 12.90 -32.61
N LYS A 317 -3.79 12.26 -32.60
CA LYS A 317 -3.13 11.85 -33.83
C LYS A 317 -3.44 10.40 -34.17
N LEU A 318 -4.29 10.22 -35.18
CA LEU A 318 -4.69 8.89 -35.61
C LEU A 318 -3.82 8.38 -36.75
N THR A 319 -3.17 7.25 -36.55
CA THR A 319 -2.28 6.70 -37.56
C THR A 319 -2.63 5.25 -37.87
N ILE A 320 -2.92 4.98 -39.15
CA ILE A 320 -3.44 3.68 -39.55
C ILE A 320 -2.54 2.96 -40.55
N SER A 321 -2.29 1.68 -40.27
CA SER A 321 -1.58 0.81 -41.20
C SER A 321 -2.49 -0.35 -41.60
N SER A 322 -2.74 -0.47 -42.91
CA SER A 322 -3.66 -1.48 -43.42
C SER A 322 -2.97 -2.81 -43.71
N LEU A 323 -3.63 -3.90 -43.34
CA LEU A 323 -3.08 -5.23 -43.58
C LEU A 323 -3.58 -5.79 -44.92
N THR A 324 -4.89 -5.75 -45.13
CA THR A 324 -5.49 -6.30 -46.33
C THR A 324 -6.26 -5.24 -47.11
N SER A 325 -5.80 -4.95 -48.33
CA SER A 325 -6.49 -4.02 -49.20
C SER A 325 -7.85 -4.57 -49.62
N SER A 326 -7.86 -5.85 -49.97
CA SER A 326 -9.09 -6.55 -50.30
C SER A 326 -9.30 -7.71 -49.33
N ILE A 327 -10.54 -8.19 -49.24
CA ILE A 327 -10.86 -9.27 -48.31
C ILE A 327 -11.80 -10.30 -48.93
N PRO A 328 -11.46 -11.60 -48.78
CA PRO A 328 -12.28 -12.71 -49.26
C PRO A 328 -13.71 -12.67 -48.74
N GLU A 329 -14.63 -13.30 -49.45
CA GLU A 329 -16.05 -13.25 -49.10
C GLU A 329 -16.36 -14.11 -47.87
N ASN A 330 -16.00 -15.39 -47.93
CA ASN A 330 -16.33 -16.34 -46.87
C ASN A 330 -15.20 -16.51 -45.84
N ALA A 331 -14.45 -15.44 -45.61
CA ALA A 331 -13.36 -15.48 -44.62
C ALA A 331 -13.82 -14.91 -43.29
N PRO A 332 -13.93 -15.79 -42.27
CA PRO A 332 -14.40 -15.40 -40.94
C PRO A 332 -13.33 -14.71 -40.10
N GLU A 333 -13.71 -13.62 -39.43
CA GLU A 333 -12.83 -12.87 -38.54
C GLU A 333 -11.52 -12.48 -39.23
N ALA A 334 -11.60 -11.49 -40.12
CA ALA A 334 -10.43 -11.04 -40.86
C ALA A 334 -10.01 -9.64 -40.43
N VAL A 335 -8.71 -9.46 -40.20
CA VAL A 335 -8.18 -8.17 -39.78
C VAL A 335 -7.97 -7.25 -40.97
N VAL A 336 -8.79 -6.22 -41.08
CA VAL A 336 -8.70 -5.26 -42.17
C VAL A 336 -7.48 -4.36 -42.01
N ALA A 337 -7.42 -3.63 -40.91
CA ALA A 337 -6.32 -2.71 -40.65
C ALA A 337 -6.06 -2.55 -39.17
N VAL A 338 -4.83 -2.21 -38.81
CA VAL A 338 -4.48 -1.93 -37.42
C VAL A 338 -4.06 -0.47 -37.29
N PHE A 339 -4.50 0.20 -36.24
CA PHE A 339 -4.19 1.62 -36.07
C PHE A 339 -3.84 1.96 -34.62
N SER A 340 -3.12 3.07 -34.46
CA SER A 340 -2.76 3.56 -33.14
C SER A 340 -3.08 5.05 -33.02
N VAL A 341 -3.31 5.50 -31.79
CA VAL A 341 -3.66 6.89 -31.53
C VAL A 341 -2.64 7.55 -30.61
N SER A 342 -2.52 8.87 -30.72
CA SER A 342 -1.56 9.62 -29.91
C SER A 342 -2.16 10.90 -29.35
N ASP A 343 -1.59 11.37 -28.24
CA ASP A 343 -2.03 12.62 -27.62
C ASP A 343 -0.97 13.13 -26.65
N PRO A 344 -0.34 14.27 -26.96
CA PRO A 344 0.71 14.86 -26.13
C PRO A 344 0.16 15.51 -24.86
N ASP A 345 -1.14 15.78 -24.82
CA ASP A 345 -1.76 16.41 -23.66
C ASP A 345 -1.77 15.49 -22.45
N SER A 346 -2.16 16.04 -21.30
CA SER A 346 -2.21 15.27 -20.06
C SER A 346 -3.62 15.21 -19.48
N GLY A 347 -3.84 14.27 -18.58
CA GLY A 347 -5.14 14.11 -17.95
C GLY A 347 -6.20 13.63 -18.93
N ASP A 348 -7.41 14.16 -18.79
CA ASP A 348 -8.51 13.80 -19.70
C ASP A 348 -8.27 14.41 -21.07
N ASN A 349 -7.44 15.44 -21.13
CA ASN A 349 -7.06 16.05 -22.40
C ASN A 349 -6.19 15.09 -23.22
N GLY A 350 -5.50 14.19 -22.52
CA GLY A 350 -4.66 13.20 -23.15
C GLY A 350 -5.38 11.88 -23.35
N ARG A 351 -6.37 11.61 -22.49
CA ARG A 351 -7.18 10.40 -22.60
C ARG A 351 -8.10 10.51 -23.81
N MET A 352 -8.22 9.43 -24.57
CA MET A 352 -8.95 9.46 -25.83
C MET A 352 -9.70 8.16 -26.11
N VAL A 353 -10.98 8.29 -26.46
CA VAL A 353 -11.79 7.15 -26.86
C VAL A 353 -12.12 7.24 -28.35
N CYS A 354 -12.03 6.12 -29.05
CA CYS A 354 -12.28 6.10 -30.49
C CYS A 354 -13.55 5.31 -30.83
N SER A 355 -14.23 5.73 -31.89
CA SER A 355 -15.50 5.12 -32.26
C SER A 355 -15.64 4.88 -33.76
N ILE A 356 -16.53 3.97 -34.10
CA ILE A 356 -16.82 3.60 -35.48
C ILE A 356 -18.33 3.59 -35.68
N GLN A 357 -18.79 3.63 -36.93
CA GLN A 357 -20.21 3.56 -37.22
C GLN A 357 -20.82 2.26 -36.71
N ASN A 358 -22.02 2.36 -36.15
CA ASN A 358 -22.70 1.20 -35.59
C ASN A 358 -23.32 0.31 -36.66
N GLY A 359 -23.61 0.90 -37.82
CA GLY A 359 -24.22 0.16 -38.91
C GLY A 359 -23.26 -0.78 -39.61
N LEU A 360 -21.98 -0.46 -39.55
CA LEU A 360 -20.96 -1.26 -40.21
C LEU A 360 -20.73 -2.59 -39.49
N PRO A 361 -20.60 -3.68 -40.25
CA PRO A 361 -20.37 -5.03 -39.71
C PRO A 361 -18.93 -5.26 -39.28
N PHE A 362 -18.25 -4.20 -38.84
CA PHE A 362 -16.86 -4.30 -38.40
C PHE A 362 -16.75 -4.12 -36.90
N LEU A 363 -15.58 -4.43 -36.35
CA LEU A 363 -15.37 -4.37 -34.91
C LEU A 363 -14.02 -3.77 -34.54
N LEU A 364 -14.03 -2.82 -33.62
CA LEU A 364 -12.81 -2.24 -33.08
C LEU A 364 -12.38 -2.99 -31.83
N LYS A 365 -11.27 -3.72 -31.94
CA LYS A 365 -10.78 -4.53 -30.82
C LYS A 365 -9.48 -3.96 -30.25
N PRO A 366 -9.56 -3.35 -29.06
CA PRO A 366 -8.40 -2.77 -28.36
C PRO A 366 -7.40 -3.82 -27.89
N THR A 367 -6.35 -4.05 -28.68
CA THR A 367 -5.34 -5.04 -28.31
C THR A 367 -4.36 -4.48 -27.27
N PHE A 368 -3.75 -3.36 -27.57
CA PHE A 368 -2.80 -2.74 -26.65
C PHE A 368 -3.23 -1.32 -26.28
N LYS A 369 -2.56 -0.74 -25.29
CA LYS A 369 -2.86 0.62 -24.84
C LYS A 369 -2.64 1.62 -25.98
N ASN A 370 -3.69 2.38 -26.28
CA ASN A 370 -3.68 3.30 -27.42
C ASN A 370 -3.33 2.58 -28.72
N PHE A 371 -3.83 1.35 -28.84
CA PHE A 371 -3.49 0.50 -29.98
C PHE A 371 -4.62 -0.48 -30.27
N TYR A 372 -5.39 -0.18 -31.31
CA TYR A 372 -6.60 -0.93 -31.64
C TYR A 372 -6.46 -1.69 -32.95
N THR A 373 -7.32 -2.69 -33.15
CA THR A 373 -7.35 -3.43 -34.41
C THR A 373 -8.75 -3.47 -34.99
N LEU A 374 -8.85 -3.23 -36.30
CA LEU A 374 -10.14 -3.26 -36.98
C LEU A 374 -10.38 -4.60 -37.65
N VAL A 375 -11.25 -5.42 -37.06
CA VAL A 375 -11.51 -6.76 -37.55
C VAL A 375 -12.97 -6.94 -37.96
N THR A 376 -13.20 -7.67 -39.05
CA THR A 376 -14.56 -7.98 -39.49
C THR A 376 -15.25 -8.89 -38.49
N GLU A 377 -16.54 -8.66 -38.29
CA GLU A 377 -17.30 -9.41 -37.29
C GLU A 377 -17.86 -10.70 -37.88
N ARG A 378 -18.05 -10.72 -39.19
CA ARG A 378 -18.62 -11.88 -39.88
C ARG A 378 -18.34 -11.84 -41.38
N PRO A 379 -18.28 -13.02 -42.03
CA PRO A 379 -18.11 -13.11 -43.48
C PRO A 379 -19.18 -12.33 -44.24
N LEU A 380 -18.85 -11.88 -45.44
CA LEU A 380 -19.75 -11.00 -46.19
C LEU A 380 -19.95 -11.46 -47.63
N ASP A 381 -21.15 -11.24 -48.16
CA ASP A 381 -21.44 -11.51 -49.56
C ASP A 381 -21.07 -10.31 -50.42
N ARG A 382 -20.90 -10.53 -51.72
CA ARG A 382 -20.45 -9.48 -52.61
C ARG A 382 -21.58 -8.60 -53.15
N GLU A 383 -22.70 -9.23 -53.48
CA GLU A 383 -23.82 -8.55 -54.12
C GLU A 383 -24.44 -7.45 -53.25
N SER A 384 -24.34 -7.62 -51.93
CA SER A 384 -24.92 -6.65 -51.01
C SER A 384 -24.19 -5.31 -51.06
N ASN A 385 -22.90 -5.33 -50.74
CA ASN A 385 -22.07 -4.13 -50.78
C ASN A 385 -20.68 -4.41 -51.32
N ALA A 386 -20.31 -3.70 -52.38
CA ALA A 386 -19.01 -3.90 -53.03
C ALA A 386 -17.89 -3.29 -52.22
N GLU A 387 -18.07 -2.05 -51.79
CA GLU A 387 -17.05 -1.34 -51.02
C GLU A 387 -17.62 -0.72 -49.75
N TYR A 388 -16.74 -0.38 -48.82
CA TYR A 388 -17.14 0.17 -47.54
C TYR A 388 -16.29 1.38 -47.15
N ASN A 389 -16.95 2.47 -46.80
CA ASN A 389 -16.30 3.67 -46.30
C ASN A 389 -16.35 3.73 -44.77
N ILE A 390 -15.24 3.36 -44.14
CA ILE A 390 -15.17 3.31 -42.69
C ILE A 390 -14.45 4.54 -42.11
N THR A 391 -15.21 5.41 -41.45
CA THR A 391 -14.65 6.62 -40.88
C THR A 391 -14.38 6.48 -39.38
N ILE A 392 -13.15 6.12 -39.04
CA ILE A 392 -12.74 6.02 -37.64
C ILE A 392 -12.66 7.41 -37.02
N THR A 393 -13.29 7.57 -35.85
CA THR A 393 -13.30 8.86 -35.18
C THR A 393 -12.76 8.78 -33.76
N VAL A 394 -11.51 9.19 -33.57
CA VAL A 394 -10.90 9.23 -32.25
C VAL A 394 -11.09 10.61 -31.62
N SER A 395 -11.58 10.63 -30.38
CA SER A 395 -11.91 11.88 -29.70
C SER A 395 -11.49 11.86 -28.24
N ASP A 396 -10.90 12.96 -27.77
CA ASP A 396 -10.42 13.05 -26.40
C ASP A 396 -11.57 13.28 -25.41
N LEU A 397 -11.28 13.14 -24.13
CA LEU A 397 -12.29 13.34 -23.09
C LEU A 397 -12.04 14.63 -22.32
N GLY A 398 -11.41 15.59 -22.97
CA GLY A 398 -11.09 16.86 -22.35
C GLY A 398 -12.15 17.93 -22.57
N THR A 399 -11.91 19.12 -22.03
CA THR A 399 -12.84 20.23 -22.18
C THR A 399 -12.10 21.50 -22.62
N PRO A 400 -12.42 21.99 -23.83
CA PRO A 400 -13.38 21.44 -24.78
C PRO A 400 -12.89 20.17 -25.46
N ARG A 401 -13.81 19.41 -26.05
CA ARG A 401 -13.47 18.13 -26.66
C ARG A 401 -13.02 18.29 -28.12
N LEU A 402 -11.89 17.67 -28.44
CA LEU A 402 -11.35 17.73 -29.79
C LEU A 402 -11.48 16.37 -30.50
N THR A 403 -11.98 16.40 -31.73
CA THR A 403 -12.20 15.17 -32.49
C THR A 403 -11.33 15.12 -33.74
N THR A 404 -10.75 13.95 -34.00
CA THR A 404 -10.00 13.70 -35.22
C THR A 404 -10.51 12.44 -35.88
N GLN A 405 -10.83 12.53 -37.17
CA GLN A 405 -11.41 11.40 -37.88
C GLN A 405 -10.73 11.15 -39.23
N HIS A 406 -10.67 9.88 -39.62
CA HIS A 406 -10.08 9.50 -40.90
C HIS A 406 -10.84 8.35 -41.54
N THR A 407 -10.93 8.39 -42.87
CA THR A 407 -11.71 7.40 -43.60
C THR A 407 -10.82 6.38 -44.32
N ILE A 408 -11.23 5.12 -44.30
CA ILE A 408 -10.55 4.06 -45.03
C ILE A 408 -11.56 3.28 -45.86
N THR A 409 -11.18 2.93 -47.10
CA THR A 409 -12.07 2.20 -47.98
C THR A 409 -11.66 0.73 -48.08
N VAL A 410 -12.58 -0.16 -47.72
CA VAL A 410 -12.30 -1.60 -47.78
C VAL A 410 -13.29 -2.31 -48.69
N GLN A 411 -12.76 -3.06 -49.65
CA GLN A 411 -13.60 -3.78 -50.60
C GLN A 411 -13.58 -5.29 -50.38
N VAL A 412 -14.75 -5.90 -50.37
CA VAL A 412 -14.86 -7.35 -50.28
C VAL A 412 -14.79 -7.96 -51.67
N SER A 413 -13.93 -8.95 -51.84
CA SER A 413 -13.71 -9.54 -53.17
C SER A 413 -13.56 -11.06 -53.11
N ASP A 414 -14.32 -11.75 -53.94
CA ASP A 414 -14.18 -13.19 -54.10
C ASP A 414 -13.09 -13.45 -55.13
N ILE A 415 -13.15 -14.60 -55.80
CA ILE A 415 -12.22 -14.90 -56.88
C ILE A 415 -12.49 -13.97 -58.06
N ASN A 416 -11.44 -13.58 -58.77
CA ASN A 416 -11.57 -12.65 -59.89
C ASN A 416 -12.42 -13.23 -61.02
N GLU B 1 7.68 -11.03 -21.10
CA GLU B 1 7.70 -9.57 -21.10
C GLU B 1 8.12 -9.03 -22.47
N ALA B 2 7.98 -7.73 -22.65
CA ALA B 2 8.35 -7.08 -23.91
C ALA B 2 9.86 -7.01 -24.07
N ILE B 3 10.32 -6.92 -25.31
CA ILE B 3 11.75 -6.84 -25.59
C ILE B 3 12.18 -5.42 -25.93
N SER B 4 13.40 -5.07 -25.53
CA SER B 4 13.93 -3.72 -25.74
C SER B 4 15.34 -3.75 -26.28
N TYR B 5 15.63 -2.85 -27.22
CA TYR B 5 16.97 -2.74 -27.79
C TYR B 5 17.54 -1.34 -27.57
N SER B 6 18.79 -1.27 -27.13
CA SER B 6 19.44 0.00 -26.90
C SER B 6 20.42 0.33 -28.01
N MET B 7 20.49 1.61 -28.37
CA MET B 7 21.34 2.04 -29.47
C MET B 7 21.69 3.53 -29.36
N PRO B 8 22.98 3.86 -29.48
CA PRO B 8 23.47 5.25 -29.37
C PRO B 8 22.83 6.20 -30.37
N GLU B 9 22.82 7.48 -30.02
CA GLU B 9 22.21 8.53 -30.85
C GLU B 9 23.00 8.76 -32.13
N GLU B 10 22.36 9.41 -33.10
CA GLU B 10 23.02 9.87 -34.33
C GLU B 10 23.68 8.74 -35.10
N THR B 11 23.10 7.54 -35.01
CA THR B 11 23.59 6.39 -35.76
C THR B 11 23.15 6.49 -37.22
N GLU B 12 24.09 6.24 -38.12
CA GLU B 12 23.81 6.33 -39.56
C GLU B 12 22.70 5.36 -39.98
N SER B 13 21.90 5.78 -40.95
CA SER B 13 20.79 4.98 -41.43
C SER B 13 21.29 3.68 -42.06
N GLY B 14 20.53 2.61 -41.87
CA GLY B 14 20.90 1.31 -42.40
C GLY B 14 21.65 0.47 -41.38
N TYR B 15 21.62 0.93 -40.13
CA TYR B 15 22.30 0.21 -39.04
C TYR B 15 21.54 -1.06 -38.67
N LEU B 16 22.28 -2.13 -38.43
CA LEU B 16 21.68 -3.40 -38.03
C LEU B 16 21.29 -3.36 -36.56
N VAL B 17 20.01 -3.10 -36.29
CA VAL B 17 19.51 -3.03 -34.92
C VAL B 17 19.58 -4.40 -34.26
N ALA B 18 18.90 -5.38 -34.83
CA ALA B 18 18.90 -6.73 -34.28
C ALA B 18 18.40 -7.77 -35.29
N ASN B 19 18.85 -9.00 -35.10
CA ASN B 19 18.32 -10.14 -35.85
C ASN B 19 16.95 -10.49 -35.29
N LEU B 20 15.92 -9.86 -35.84
CA LEU B 20 14.56 -9.97 -35.32
C LEU B 20 14.03 -11.39 -35.34
N ALA B 21 14.37 -12.14 -36.38
CA ALA B 21 13.91 -13.51 -36.53
C ALA B 21 14.42 -14.40 -35.40
N GLN B 22 15.69 -14.24 -35.05
CA GLN B 22 16.31 -15.04 -34.00
C GLN B 22 15.81 -14.62 -32.62
N ASP B 23 15.56 -13.34 -32.44
CA ASP B 23 15.09 -12.82 -31.16
C ASP B 23 13.63 -13.22 -30.90
N LEU B 24 12.85 -13.33 -31.98
CA LEU B 24 11.46 -13.74 -31.86
C LEU B 24 11.33 -15.26 -31.91
N GLY B 25 12.42 -15.94 -32.25
CA GLY B 25 12.44 -17.38 -32.30
C GLY B 25 11.65 -17.95 -33.46
N LEU B 26 11.69 -17.25 -34.59
CA LEU B 26 10.98 -17.69 -35.79
C LEU B 26 11.95 -18.13 -36.88
N ARG B 27 11.47 -18.97 -37.79
CA ARG B 27 12.28 -19.43 -38.91
C ARG B 27 12.52 -18.30 -39.89
N VAL B 28 13.58 -18.42 -40.70
CA VAL B 28 13.94 -17.38 -41.66
C VAL B 28 12.88 -17.21 -42.75
N GLY B 29 12.32 -18.32 -43.20
CA GLY B 29 11.28 -18.28 -44.20
C GLY B 29 9.94 -17.90 -43.60
N GLU B 30 9.77 -18.24 -42.32
CA GLU B 30 8.53 -17.98 -41.61
C GLU B 30 8.25 -16.48 -41.48
N LEU B 31 9.30 -15.69 -41.29
CA LEU B 31 9.16 -14.25 -41.11
C LEU B 31 8.59 -13.58 -42.34
N THR B 32 9.11 -13.92 -43.52
CA THR B 32 8.64 -13.35 -44.76
C THR B 32 7.35 -14.02 -45.23
N THR B 33 7.09 -15.22 -44.72
CA THR B 33 5.87 -15.94 -45.04
C THR B 33 4.66 -15.32 -44.34
N ARG B 34 4.86 -14.93 -43.08
CA ARG B 34 3.79 -14.37 -42.28
C ARG B 34 3.57 -12.89 -42.56
N GLY B 35 4.34 -12.36 -43.50
CA GLY B 35 4.23 -10.96 -43.88
C GLY B 35 4.47 -10.02 -42.72
N ALA B 36 5.65 -10.16 -42.11
CA ALA B 36 6.01 -9.33 -40.96
C ALA B 36 6.04 -7.86 -41.32
N ARG B 37 5.28 -7.05 -40.60
CA ARG B 37 5.23 -5.62 -40.86
C ARG B 37 5.49 -4.80 -39.61
N ILE B 38 5.95 -3.57 -39.80
CA ILE B 38 6.30 -2.69 -38.70
C ILE B 38 5.28 -1.55 -38.55
N HIS B 39 4.87 -1.28 -37.31
CA HIS B 39 3.96 -0.18 -37.05
C HIS B 39 4.45 0.72 -35.93
N HIS B 40 4.42 2.03 -36.19
CA HIS B 40 4.81 3.04 -35.22
C HIS B 40 3.91 4.25 -35.36
N ASN B 41 3.87 5.09 -34.32
CA ASN B 41 2.98 6.24 -34.31
C ASN B 41 3.37 7.33 -35.31
N GLY B 42 4.66 7.61 -35.43
CA GLY B 42 5.13 8.63 -36.35
C GLY B 42 4.92 8.24 -37.80
N ASN B 43 4.67 9.24 -38.64
CA ASN B 43 4.55 9.02 -40.08
C ASN B 43 5.92 8.69 -40.67
N LYS B 44 6.94 9.42 -40.23
CA LYS B 44 8.30 9.18 -40.68
C LYS B 44 8.82 7.83 -40.17
N GLU B 45 9.10 6.93 -41.09
CA GLU B 45 9.59 5.60 -40.74
C GLU B 45 11.02 5.67 -40.20
N LEU B 46 11.15 5.51 -38.88
CA LEU B 46 12.48 5.48 -38.26
C LEU B 46 13.08 4.09 -38.38
N LEU B 47 12.23 3.07 -38.43
CA LEU B 47 12.67 1.70 -38.56
C LEU B 47 12.17 1.07 -39.86
N GLN B 48 13.01 0.24 -40.46
CA GLN B 48 12.63 -0.49 -41.67
C GLN B 48 12.91 -1.98 -41.47
N LEU B 49 11.96 -2.81 -41.88
CA LEU B 49 12.07 -4.25 -41.65
C LEU B 49 12.59 -5.01 -42.85
N ASP B 50 13.60 -5.83 -42.64
CA ASP B 50 14.16 -6.68 -43.68
C ASP B 50 13.74 -8.13 -43.46
N ALA B 51 12.63 -8.52 -44.08
CA ALA B 51 12.05 -9.84 -43.86
C ALA B 51 12.80 -10.95 -44.60
N GLU B 52 13.69 -10.55 -45.51
CA GLU B 52 14.47 -11.51 -46.27
C GLU B 52 15.60 -12.10 -45.42
N ARG B 53 16.34 -11.22 -44.76
CA ARG B 53 17.45 -11.64 -43.90
C ARG B 53 17.03 -11.69 -42.44
N GLY B 54 15.77 -11.35 -42.18
CA GLY B 54 15.24 -11.37 -40.83
C GLY B 54 15.91 -10.37 -39.91
N ASN B 55 16.16 -9.18 -40.44
CA ASN B 55 16.86 -8.14 -39.68
C ASN B 55 16.03 -6.87 -39.50
N LEU B 56 16.36 -6.11 -38.47
CA LEU B 56 15.71 -4.81 -38.25
C LEU B 56 16.71 -3.68 -38.49
N LEU B 57 16.35 -2.73 -39.35
CA LEU B 57 17.26 -1.68 -39.76
C LEU B 57 16.75 -0.28 -39.46
N LEU B 58 17.64 0.70 -39.56
CA LEU B 58 17.28 2.11 -39.42
C LEU B 58 17.03 2.75 -40.77
N LYS B 59 15.97 3.55 -40.85
CA LYS B 59 15.65 4.24 -42.10
C LYS B 59 16.02 5.72 -42.02
N GLU B 60 16.13 6.23 -40.80
CA GLU B 60 16.52 7.63 -40.59
C GLU B 60 17.47 7.77 -39.41
N LYS B 61 18.29 8.82 -39.43
CA LYS B 61 19.24 9.09 -38.36
C LYS B 61 18.52 9.73 -37.17
N PRO B 62 18.58 9.06 -36.00
CA PRO B 62 17.87 9.51 -34.81
C PRO B 62 18.59 10.61 -34.03
N ASP B 63 17.86 11.67 -33.67
CA ASP B 63 18.39 12.72 -32.83
C ASP B 63 17.63 12.77 -31.51
N ARG B 64 18.32 12.40 -30.43
CA ARG B 64 17.71 12.28 -29.11
C ARG B 64 17.06 13.59 -28.67
N GLU B 65 17.77 14.70 -28.86
CA GLU B 65 17.28 16.01 -28.44
C GLU B 65 16.03 16.42 -29.21
N ALA B 66 15.92 15.96 -30.44
CA ALA B 66 14.78 16.32 -31.30
C ALA B 66 13.60 15.38 -31.07
N LEU B 67 13.86 14.24 -30.44
CA LEU B 67 12.82 13.25 -30.19
C LEU B 67 12.34 13.29 -28.75
N CYS B 68 13.28 13.31 -27.82
CA CYS B 68 12.97 13.32 -26.39
C CYS B 68 13.28 14.66 -25.74
N GLY B 69 14.51 15.13 -25.96
CA GLY B 69 14.94 16.40 -25.40
C GLY B 69 15.44 16.27 -23.97
N ALA B 70 14.63 16.72 -23.03
CA ALA B 70 15.01 16.67 -21.61
C ALA B 70 14.49 15.40 -20.95
N THR B 71 13.55 14.73 -21.61
CA THR B 71 12.98 13.50 -21.07
C THR B 71 13.95 12.34 -21.20
N GLU B 72 13.97 11.48 -20.20
CA GLU B 72 14.90 10.36 -20.15
C GLU B 72 14.27 9.17 -19.43
N PRO B 73 14.41 7.96 -19.98
CA PRO B 73 15.13 7.62 -21.22
C PRO B 73 14.33 7.93 -22.48
N CYS B 74 15.04 8.06 -23.60
CA CYS B 74 14.41 8.28 -24.89
C CYS B 74 14.00 6.94 -25.51
N VAL B 75 12.79 6.51 -25.22
CA VAL B 75 12.32 5.20 -25.67
C VAL B 75 11.18 5.32 -26.68
N LEU B 76 11.36 4.69 -27.84
CA LEU B 76 10.32 4.64 -28.85
C LEU B 76 9.60 3.29 -28.82
N HIS B 77 8.30 3.32 -28.57
CA HIS B 77 7.50 2.10 -28.50
C HIS B 77 6.90 1.77 -29.87
N PHE B 78 7.33 0.65 -30.44
CA PHE B 78 6.82 0.22 -31.73
C PHE B 78 6.34 -1.23 -31.69
N GLN B 79 5.49 -1.59 -32.65
CA GLN B 79 4.91 -2.92 -32.67
C GLN B 79 5.16 -3.66 -33.97
N ILE B 80 5.29 -4.97 -33.87
CA ILE B 80 5.53 -5.81 -35.05
C ILE B 80 4.35 -6.75 -35.26
N ILE B 81 3.78 -6.73 -36.46
CA ILE B 81 2.61 -7.55 -36.73
C ILE B 81 2.90 -8.68 -37.72
N LEU B 82 2.30 -9.83 -37.46
CA LEU B 82 2.41 -11.00 -38.33
C LEU B 82 1.01 -11.37 -38.84
N GLU B 83 0.95 -12.03 -39.99
CA GLU B 83 -0.34 -12.30 -40.62
C GLU B 83 -0.59 -13.77 -40.94
N ASN B 84 0.27 -14.66 -40.47
CA ASN B 84 0.08 -16.09 -40.70
C ASN B 84 0.42 -16.94 -39.48
N PRO B 85 -0.48 -16.95 -38.47
CA PRO B 85 -1.71 -16.16 -38.41
C PRO B 85 -1.45 -14.76 -37.89
N VAL B 86 -2.52 -14.04 -37.55
CA VAL B 86 -2.38 -12.67 -37.04
C VAL B 86 -1.76 -12.68 -35.65
N GLN B 87 -0.73 -11.86 -35.46
CA GLN B 87 -0.04 -11.80 -34.18
C GLN B 87 0.58 -10.42 -33.94
N PHE B 88 0.67 -10.02 -32.68
CA PHE B 88 1.18 -8.69 -32.33
C PHE B 88 2.31 -8.77 -31.30
N PHE B 89 3.39 -8.04 -31.57
CA PHE B 89 4.54 -8.00 -30.66
C PHE B 89 4.89 -6.59 -30.24
N GLN B 90 5.07 -6.39 -28.94
CA GLN B 90 5.51 -5.11 -28.39
C GLN B 90 7.03 -5.04 -28.33
N THR B 91 7.61 -3.95 -28.82
CA THR B 91 9.06 -3.80 -28.77
C THR B 91 9.48 -2.35 -28.54
N ASP B 92 10.48 -2.15 -27.70
CA ASP B 92 10.95 -0.81 -27.37
C ASP B 92 12.36 -0.54 -27.92
N LEU B 93 12.59 0.69 -28.36
CA LEU B 93 13.90 1.09 -28.87
C LEU B 93 14.42 2.32 -28.14
N GLN B 94 15.41 2.12 -27.29
CA GLN B 94 15.99 3.21 -26.51
C GLN B 94 17.20 3.83 -27.22
N PHE B 95 17.21 5.15 -27.29
CA PHE B 95 18.32 5.87 -27.91
C PHE B 95 19.25 6.48 -26.87
N THR B 96 20.44 5.89 -26.73
CA THR B 96 21.44 6.38 -25.80
C THR B 96 22.03 7.69 -26.29
N ASP B 97 22.05 8.69 -25.41
CA ASP B 97 22.55 10.01 -25.75
C ASP B 97 24.05 10.01 -26.02
N ILE B 98 24.46 10.81 -27.00
CA ILE B 98 25.88 10.96 -27.33
C ILE B 98 26.32 12.40 -27.07
N ASN B 99 27.58 12.58 -26.66
CA ASN B 99 28.13 13.90 -26.42
C ASN B 99 28.41 14.64 -27.72
N ASP B 100 27.38 15.23 -28.31
CA ASP B 100 27.51 15.91 -29.59
C ASP B 100 27.12 17.38 -29.53
N HIS B 101 27.21 17.96 -28.33
CA HIS B 101 26.90 19.38 -28.15
C HIS B 101 27.97 20.12 -27.37
N PHE B 102 28.35 21.29 -27.87
CA PHE B 102 29.31 22.14 -27.17
C PHE B 102 28.60 22.99 -26.12
N PRO B 103 29.19 23.10 -24.93
CA PRO B 103 28.67 24.00 -23.90
C PRO B 103 28.68 25.45 -24.36
N GLU B 104 27.53 26.12 -24.28
CA GLU B 104 27.43 27.51 -24.71
C GLU B 104 26.91 28.42 -23.61
N PHE B 105 27.52 29.61 -23.50
CA PHE B 105 27.03 30.62 -22.58
C PHE B 105 26.10 31.58 -23.32
N PRO B 106 24.99 31.97 -22.66
CA PRO B 106 23.99 32.88 -23.25
C PRO B 106 24.58 34.18 -23.75
N ASP B 107 25.34 34.87 -22.91
CA ASP B 107 25.97 36.13 -23.29
C ASP B 107 27.47 35.94 -23.55
N THR B 108 27.97 36.62 -24.56
CA THR B 108 29.39 36.53 -24.92
C THR B 108 30.26 37.23 -23.88
N GLU B 109 29.70 38.25 -23.24
CA GLU B 109 30.44 39.02 -22.23
C GLU B 109 29.56 39.35 -21.03
N MET B 110 30.07 39.06 -19.84
CA MET B 110 29.37 39.37 -18.60
C MET B 110 30.09 40.46 -17.83
N LEU B 111 29.35 41.52 -17.50
CA LEU B 111 29.93 42.66 -16.81
C LEU B 111 29.68 42.59 -15.30
N LEU B 112 30.75 42.71 -14.52
CA LEU B 112 30.64 42.73 -13.06
C LEU B 112 31.21 44.03 -12.51
N LYS B 113 30.48 44.63 -11.57
CA LYS B 113 30.94 45.84 -10.91
C LYS B 113 31.19 45.58 -9.43
N ILE B 114 32.43 45.21 -9.11
CA ILE B 114 32.78 44.84 -7.74
C ILE B 114 33.52 45.96 -7.02
N GLN B 115 33.13 46.20 -5.76
CA GLN B 115 33.75 47.23 -4.94
C GLN B 115 35.22 46.95 -4.65
N GLU B 116 35.98 48.01 -4.39
CA GLU B 116 37.39 47.89 -4.08
C GLU B 116 37.61 47.25 -2.70
N ILE B 117 36.70 47.53 -1.78
CA ILE B 117 36.81 47.01 -0.42
C ILE B 117 36.07 45.69 -0.24
N ALA B 118 35.85 44.98 -1.35
CA ALA B 118 35.19 43.68 -1.30
C ALA B 118 36.03 42.68 -0.51
N GLN B 119 35.41 42.06 0.50
CA GLN B 119 36.11 41.13 1.36
C GLN B 119 36.23 39.76 0.71
N PRO B 120 37.34 39.05 0.99
CA PRO B 120 37.55 37.69 0.46
C PRO B 120 36.45 36.73 0.92
N GLY B 121 36.08 35.80 0.04
CA GLY B 121 35.03 34.85 0.34
C GLY B 121 33.68 35.33 -0.17
N THR B 122 33.66 36.51 -0.76
CA THR B 122 32.43 37.08 -1.31
C THR B 122 32.07 36.40 -2.62
N VAL B 123 30.82 35.96 -2.72
CA VAL B 123 30.35 35.26 -3.91
C VAL B 123 29.73 36.22 -4.93
N PHE B 124 29.95 35.92 -6.20
CA PHE B 124 29.38 36.70 -7.29
C PHE B 124 28.77 35.75 -8.32
N PRO B 125 27.44 35.78 -8.45
CA PRO B 125 26.71 34.84 -9.30
C PRO B 125 26.99 35.05 -10.79
N LEU B 126 27.26 33.95 -11.49
CA LEU B 126 27.50 33.99 -12.93
C LEU B 126 26.51 33.08 -13.65
N LYS B 127 26.09 33.49 -14.85
CA LYS B 127 25.16 32.70 -15.63
C LYS B 127 25.80 31.39 -16.09
N ALA B 128 25.05 30.30 -15.96
CA ALA B 128 25.57 28.96 -16.27
C ALA B 128 25.59 28.70 -17.77
N ALA B 129 26.38 27.71 -18.17
CA ALA B 129 26.45 27.30 -19.56
C ALA B 129 25.34 26.31 -19.88
N GLN B 130 24.89 26.32 -21.13
CA GLN B 130 23.80 25.43 -21.54
C GLN B 130 24.31 24.20 -22.28
N ASP B 131 23.67 23.07 -22.02
CA ASP B 131 24.03 21.81 -22.66
C ASP B 131 22.83 20.87 -22.69
N PRO B 132 22.27 20.65 -23.88
CA PRO B 132 21.07 19.82 -24.04
C PRO B 132 21.34 18.33 -23.80
N ASP B 133 22.60 17.96 -23.65
CA ASP B 133 22.97 16.58 -23.37
C ASP B 133 22.58 16.18 -21.96
N ILE B 134 22.74 14.91 -21.62
CA ILE B 134 22.36 14.41 -20.31
C ILE B 134 23.51 13.67 -19.64
N GLY B 135 23.37 13.46 -18.33
CA GLY B 135 24.34 12.69 -17.56
C GLY B 135 25.76 13.26 -17.58
N SER B 136 26.71 12.44 -17.99
CA SER B 136 28.11 12.83 -18.02
C SER B 136 28.42 13.72 -19.22
N ASN B 137 27.50 13.76 -20.18
CA ASN B 137 27.70 14.54 -21.40
C ASN B 137 27.28 15.99 -21.25
N ALA B 138 26.81 16.35 -20.06
CA ALA B 138 26.41 17.73 -19.78
C ALA B 138 27.53 18.50 -19.11
N VAL B 139 27.25 19.74 -18.71
CA VAL B 139 28.24 20.57 -18.03
C VAL B 139 28.63 19.95 -16.70
N GLN B 140 29.94 19.74 -16.51
CA GLN B 140 30.43 19.06 -15.32
C GLN B 140 31.37 19.94 -14.51
N ASN B 141 32.25 20.69 -15.20
CA ASN B 141 33.23 21.50 -14.49
C ASN B 141 33.24 22.95 -14.96
N TYR B 142 33.72 23.83 -14.09
CA TYR B 142 33.92 25.24 -14.44
C TYR B 142 35.31 25.69 -14.05
N THR B 143 36.05 26.25 -15.01
CA THR B 143 37.38 26.76 -14.74
C THR B 143 37.50 28.22 -15.20
N VAL B 144 38.28 29.00 -14.47
CA VAL B 144 38.45 30.41 -14.78
C VAL B 144 39.91 30.68 -15.18
N SER B 145 40.11 31.60 -16.13
CA SER B 145 41.43 31.95 -16.60
C SER B 145 42.34 32.38 -15.45
N PRO B 146 43.63 32.02 -15.53
CA PRO B 146 44.61 32.28 -14.46
C PRO B 146 44.71 33.75 -14.07
N ASN B 147 44.27 34.08 -12.86
CA ASN B 147 44.39 35.44 -12.34
C ASN B 147 44.90 35.43 -10.90
N LEU B 148 44.70 36.54 -10.20
CA LEU B 148 45.22 36.69 -8.85
C LEU B 148 44.13 37.01 -7.83
N HIS B 149 42.94 37.37 -8.31
CA HIS B 149 41.90 37.87 -7.42
C HIS B 149 40.66 36.98 -7.35
N PHE B 150 40.53 36.03 -8.28
CA PHE B 150 39.31 35.23 -8.33
C PHE B 150 39.54 33.75 -8.62
N HIS B 151 38.59 32.92 -8.18
CA HIS B 151 38.54 31.52 -8.56
C HIS B 151 37.08 31.07 -8.58
N VAL B 152 36.73 30.27 -9.58
CA VAL B 152 35.34 29.88 -9.79
C VAL B 152 35.02 28.55 -9.09
N VAL B 153 33.80 28.45 -8.56
CA VAL B 153 33.34 27.24 -7.89
C VAL B 153 32.09 26.68 -8.58
N THR B 154 32.10 25.38 -8.83
CA THR B 154 30.97 24.71 -9.47
C THR B 154 30.02 24.10 -8.43
N LEU B 155 28.81 24.65 -8.33
CA LEU B 155 27.83 24.16 -7.37
C LEU B 155 26.72 23.37 -8.05
N SER B 156 26.08 22.49 -7.29
CA SER B 156 24.96 21.70 -7.80
C SER B 156 23.66 22.11 -7.12
N ARG B 157 22.54 21.95 -7.81
CA ARG B 157 21.25 22.26 -7.19
C ARG B 157 20.08 21.45 -7.74
N SER B 158 19.07 21.27 -6.89
CA SER B 158 17.80 20.63 -7.25
C SER B 158 18.00 19.32 -8.00
N ASP B 159 17.81 19.36 -9.31
CA ASP B 159 17.99 18.20 -10.17
C ASP B 159 19.45 17.97 -10.51
N ASP B 160 20.32 18.26 -9.55
CA ASP B 160 21.76 18.15 -9.71
C ASP B 160 22.27 18.91 -10.93
N ARG B 161 21.75 20.12 -11.12
CA ARG B 161 22.24 20.98 -12.18
C ARG B 161 23.45 21.78 -11.70
N LYS B 162 24.43 21.91 -12.59
CA LYS B 162 25.67 22.60 -12.27
C LYS B 162 25.63 24.08 -12.66
N TYR B 163 25.88 24.94 -11.69
CA TYR B 163 25.97 26.38 -11.95
C TYR B 163 27.22 26.94 -11.26
N PRO B 164 27.91 27.86 -11.94
CA PRO B 164 29.15 28.43 -11.42
C PRO B 164 28.92 29.68 -10.57
N GLU B 165 29.80 29.89 -9.59
CA GLU B 165 29.80 31.16 -8.86
C GLU B 165 31.24 31.61 -8.64
N LEU B 166 31.49 32.90 -8.81
CA LEU B 166 32.83 33.45 -8.71
C LEU B 166 33.17 33.79 -7.26
N VAL B 167 34.36 33.42 -6.83
CA VAL B 167 34.78 33.68 -5.45
C VAL B 167 36.06 34.51 -5.39
N LEU B 168 36.01 35.57 -4.57
CA LEU B 168 37.15 36.45 -4.37
C LEU B 168 38.06 35.90 -3.27
N ASP B 169 39.37 35.91 -3.51
CA ASP B 169 40.32 35.43 -2.51
C ASP B 169 41.35 36.50 -2.17
N ARG B 170 41.46 37.51 -3.02
CA ARG B 170 42.37 38.63 -2.76
C ARG B 170 41.67 39.96 -3.04
N ALA B 171 41.70 40.86 -2.07
CA ALA B 171 41.01 42.14 -2.16
C ALA B 171 41.50 42.98 -3.34
N LEU B 172 40.57 43.69 -3.98
CA LEU B 172 40.88 44.49 -5.14
C LEU B 172 41.48 45.84 -4.77
N ASP B 173 41.87 46.61 -5.79
CA ASP B 173 42.43 47.95 -5.59
C ASP B 173 42.32 48.74 -6.89
N ARG B 174 41.38 49.67 -6.94
CA ARG B 174 41.14 50.46 -8.15
C ARG B 174 42.33 51.35 -8.48
N GLU B 175 43.07 51.76 -7.45
CA GLU B 175 44.23 52.61 -7.65
C GLU B 175 45.39 51.81 -8.24
N GLU B 176 45.28 50.48 -8.18
CA GLU B 176 46.29 49.60 -8.76
C GLU B 176 45.84 49.06 -10.11
N GLN B 177 44.74 48.31 -10.10
CA GLN B 177 44.20 47.73 -11.33
C GLN B 177 42.69 47.99 -11.43
N PRO B 178 42.31 49.03 -12.18
CA PRO B 178 40.93 49.52 -12.29
C PRO B 178 39.97 48.54 -12.97
N GLU B 179 40.45 47.80 -13.95
CA GLU B 179 39.58 46.89 -14.69
C GLU B 179 40.25 45.53 -14.90
N LEU B 180 39.46 44.46 -14.74
CA LEU B 180 39.97 43.10 -14.89
C LEU B 180 39.20 42.35 -15.98
N THR B 181 39.89 41.46 -16.68
CA THR B 181 39.26 40.66 -17.73
C THR B 181 39.55 39.18 -17.54
N LEU B 182 38.49 38.36 -17.55
CA LEU B 182 38.63 36.93 -17.32
C LEU B 182 37.99 36.10 -18.43
N ILE B 183 38.48 34.86 -18.57
CA ILE B 183 37.89 33.91 -19.50
C ILE B 183 37.24 32.77 -18.74
N LEU B 184 35.90 32.74 -18.76
CA LEU B 184 35.16 31.70 -18.05
C LEU B 184 34.91 30.51 -18.97
N THR B 185 35.45 29.36 -18.59
CA THR B 185 35.36 28.16 -19.41
C THR B 185 34.54 27.06 -18.71
N ALA B 186 33.66 26.42 -19.47
CA ALA B 186 32.87 25.31 -18.96
C ALA B 186 33.31 24.01 -19.64
N LEU B 187 33.60 23.00 -18.83
CA LEU B 187 34.10 21.73 -19.33
C LEU B 187 33.10 20.58 -19.17
N ASP B 188 32.95 19.82 -20.25
CA ASP B 188 32.09 18.65 -20.27
C ASP B 188 32.78 17.48 -19.57
N GLY B 189 32.01 16.44 -19.24
CA GLY B 189 32.55 15.26 -18.60
C GLY B 189 32.70 14.10 -19.55
N GLY B 190 32.28 14.30 -20.79
CA GLY B 190 32.37 13.27 -21.80
C GLY B 190 33.81 13.05 -22.26
N ALA B 191 34.01 12.07 -23.12
CA ALA B 191 35.34 11.76 -23.64
C ALA B 191 35.36 11.81 -25.17
N PRO B 192 36.09 12.78 -25.75
CA PRO B 192 36.85 13.80 -25.02
C PRO B 192 35.98 14.97 -24.57
N PRO B 193 36.38 15.66 -23.49
CA PRO B 193 35.63 16.81 -22.96
C PRO B 193 35.49 17.94 -23.97
N LYS B 194 34.44 18.74 -23.82
CA LYS B 194 34.18 19.86 -24.73
C LYS B 194 34.02 21.16 -23.96
N SER B 195 34.69 22.21 -24.42
CA SER B 195 34.75 23.48 -23.68
C SER B 195 33.68 24.48 -24.11
N GLY B 196 33.56 25.54 -23.33
CA GLY B 196 32.71 26.67 -23.68
C GLY B 196 33.18 27.93 -22.97
N THR B 197 33.73 28.88 -23.72
CA THR B 197 34.31 30.07 -23.12
C THR B 197 33.45 31.32 -23.24
N THR B 198 33.67 32.28 -22.34
CA THR B 198 32.98 33.57 -22.40
C THR B 198 33.78 34.65 -21.66
N THR B 199 33.57 35.90 -22.07
CA THR B 199 34.21 37.04 -21.42
C THR B 199 33.55 37.35 -20.07
N VAL B 200 34.37 37.49 -19.03
CA VAL B 200 33.89 38.00 -17.75
C VAL B 200 34.67 39.25 -17.38
N ARG B 201 34.09 40.41 -17.67
CA ARG B 201 34.75 41.68 -17.43
C ARG B 201 34.33 42.31 -16.10
N ILE B 202 35.29 42.46 -15.20
CA ILE B 202 35.02 43.00 -13.88
C ILE B 202 35.50 44.45 -13.76
N GLU B 203 34.55 45.34 -13.46
CA GLU B 203 34.83 46.76 -13.32
C GLU B 203 34.87 47.14 -11.84
N VAL B 204 36.06 47.50 -11.36
CA VAL B 204 36.25 47.81 -9.95
C VAL B 204 35.60 49.15 -9.57
N VAL B 205 34.65 49.10 -8.65
CA VAL B 205 33.97 50.29 -8.17
C VAL B 205 34.85 51.04 -7.17
N ASP B 206 34.95 52.36 -7.32
CA ASP B 206 35.78 53.17 -6.46
C ASP B 206 35.23 53.28 -5.05
N ILE B 207 36.11 53.14 -4.06
CA ILE B 207 35.77 53.36 -2.67
C ILE B 207 36.74 54.36 -2.07
N ASN B 208 36.23 55.29 -1.29
CA ASN B 208 37.08 56.28 -0.64
C ASN B 208 38.00 55.64 0.40
N ASP B 209 39.13 55.10 -0.06
CA ASP B 209 40.10 54.49 0.83
C ASP B 209 41.44 55.22 0.75
N ASN B 210 41.41 56.43 0.24
CA ASN B 210 42.60 57.27 0.15
C ASN B 210 42.42 58.63 0.82
N ALA B 211 43.39 59.02 1.63
CA ALA B 211 43.38 60.33 2.28
C ALA B 211 44.15 61.35 1.44
N PRO B 212 43.69 62.61 1.44
CA PRO B 212 44.36 63.67 0.68
C PRO B 212 45.77 63.96 1.20
N GLN B 213 46.71 64.14 0.29
CA GLN B 213 48.09 64.40 0.66
C GLN B 213 48.59 65.71 0.06
N PHE B 214 49.27 66.51 0.87
CA PHE B 214 49.85 67.77 0.40
C PHE B 214 51.18 67.52 -0.31
N LEU B 215 51.43 68.30 -1.36
CA LEU B 215 52.66 68.18 -2.12
C LEU B 215 53.88 68.51 -1.27
N GLN B 216 53.72 69.51 -0.40
CA GLN B 216 54.79 69.91 0.51
C GLN B 216 54.37 69.71 1.95
N SER B 217 55.33 69.35 2.81
CA SER B 217 55.05 69.15 4.22
C SER B 217 55.07 70.49 4.97
N LEU B 218 55.74 71.47 4.39
CA LEU B 218 55.86 72.79 5.01
C LEU B 218 55.83 73.89 3.94
N TYR B 219 55.09 74.96 4.21
CA TYR B 219 55.03 76.09 3.30
C TYR B 219 55.55 77.37 3.96
N ALA B 220 56.56 77.97 3.35
CA ALA B 220 57.13 79.21 3.87
C ALA B 220 57.01 80.33 2.84
N VAL B 221 56.59 81.51 3.29
CA VAL B 221 56.36 82.63 2.40
C VAL B 221 56.55 83.98 3.09
N GLU B 222 57.29 84.88 2.44
CA GLU B 222 57.50 86.23 2.95
C GLU B 222 56.51 87.21 2.33
N VAL B 223 55.86 88.00 3.17
CA VAL B 223 54.89 88.99 2.70
C VAL B 223 55.16 90.37 3.30
N PRO B 224 55.37 91.37 2.45
CA PRO B 224 55.61 92.75 2.88
C PRO B 224 54.48 93.31 3.75
N GLU B 225 54.82 94.22 4.65
CA GLU B 225 53.84 94.81 5.55
C GLU B 225 52.86 95.72 4.81
N ASN B 226 53.35 96.40 3.78
CA ASN B 226 52.54 97.34 3.01
C ASN B 226 51.62 96.65 2.00
N SER B 227 51.57 95.33 2.05
CA SER B 227 50.73 94.55 1.15
C SER B 227 49.24 94.87 1.34
N PRO B 228 48.50 95.00 0.23
CA PRO B 228 47.08 95.33 0.26
C PRO B 228 46.22 94.26 0.90
N LEU B 229 45.00 94.62 1.28
CA LEU B 229 44.04 93.65 1.82
C LEU B 229 43.51 92.76 0.70
N ASN B 230 43.19 91.52 1.04
CA ASN B 230 42.72 90.52 0.08
C ASN B 230 43.70 90.32 -1.07
N ALA B 231 44.96 90.06 -0.73
CA ALA B 231 45.98 89.78 -1.73
C ALA B 231 46.48 88.34 -1.57
N LEU B 232 46.53 87.62 -2.69
CA LEU B 232 46.92 86.21 -2.68
C LEU B 232 48.36 86.02 -2.18
N VAL B 233 48.49 85.30 -1.07
CA VAL B 233 49.79 85.03 -0.48
C VAL B 233 50.45 83.80 -1.11
N VAL B 234 49.77 82.67 -1.03
CA VAL B 234 50.29 81.43 -1.58
C VAL B 234 49.13 80.48 -1.94
N THR B 235 49.33 79.66 -2.96
CA THR B 235 48.33 78.70 -3.38
C THR B 235 48.78 77.28 -3.06
N VAL B 236 47.99 76.57 -2.26
CA VAL B 236 48.34 75.22 -1.84
C VAL B 236 47.51 74.18 -2.58
N SER B 237 48.15 73.11 -3.03
CA SER B 237 47.47 72.07 -3.79
C SER B 237 47.65 70.69 -3.17
N ALA B 238 46.55 69.95 -3.06
CA ALA B 238 46.58 68.60 -2.51
C ALA B 238 46.02 67.60 -3.52
N ARG B 239 46.63 66.41 -3.55
CA ARG B 239 46.22 65.38 -4.51
C ARG B 239 45.57 64.19 -3.83
N ASP B 240 44.55 63.64 -4.47
CA ASP B 240 43.85 62.46 -3.97
C ASP B 240 43.94 61.32 -4.97
N LEU B 241 44.35 60.15 -4.50
CA LEU B 241 44.52 58.99 -5.37
C LEU B 241 43.19 58.45 -5.87
N ASP B 242 42.11 58.77 -5.15
CA ASP B 242 40.77 58.36 -5.56
C ASP B 242 40.29 59.17 -6.77
N ALA B 243 39.05 58.94 -7.17
CA ALA B 243 38.49 59.65 -8.32
C ALA B 243 37.04 60.05 -8.07
N GLY B 244 36.53 60.93 -8.93
CA GLY B 244 35.15 61.38 -8.82
C GLY B 244 34.89 62.22 -7.58
N ILE B 245 33.78 61.93 -6.91
CA ILE B 245 33.40 62.65 -5.70
C ILE B 245 34.26 62.22 -4.51
N HIS B 246 35.03 61.15 -4.70
CA HIS B 246 35.93 60.67 -3.68
C HIS B 246 37.32 61.29 -3.83
N GLY B 247 37.48 62.10 -4.88
CA GLY B 247 38.77 62.68 -5.20
C GLY B 247 38.85 64.19 -5.02
N ASN B 248 37.75 64.89 -5.24
CA ASN B 248 37.73 66.34 -5.11
C ASN B 248 38.00 66.75 -3.66
N VAL B 249 38.76 67.82 -3.48
CA VAL B 249 39.27 68.18 -2.17
C VAL B 249 38.73 69.53 -1.68
N ALA B 250 38.47 69.63 -0.38
CA ALA B 250 38.02 70.87 0.23
C ALA B 250 39.02 71.35 1.29
N TYR B 251 39.51 72.58 1.14
CA TYR B 251 40.51 73.11 2.06
C TYR B 251 39.89 73.89 3.21
N SER B 252 40.50 73.78 4.38
CA SER B 252 40.07 74.53 5.56
C SER B 252 41.28 75.09 6.30
N LEU B 253 41.14 76.32 6.80
CA LEU B 253 42.22 76.99 7.50
C LEU B 253 42.08 76.84 9.02
N PHE B 254 43.12 76.32 9.66
CA PHE B 254 43.14 76.20 11.12
C PHE B 254 44.21 77.11 11.71
N GLN B 255 43.78 78.01 12.60
CA GLN B 255 44.69 78.96 13.22
C GLN B 255 45.20 78.45 14.56
N GLY B 256 46.12 79.20 15.17
CA GLY B 256 46.64 78.84 16.48
C GLY B 256 45.73 79.30 17.59
N GLY B 257 45.94 78.75 18.78
CA GLY B 257 45.11 79.09 19.94
C GLY B 257 45.52 80.39 20.61
N GLY B 258 46.48 81.08 20.01
CA GLY B 258 46.97 82.33 20.56
C GLY B 258 46.01 83.49 20.35
N GLY B 259 45.93 83.98 19.12
CA GLY B 259 45.05 85.09 18.81
C GLY B 259 44.53 85.03 17.38
N PRO B 260 43.58 85.93 17.06
CA PRO B 260 42.96 86.02 15.73
C PRO B 260 43.97 86.31 14.63
N GLN B 261 43.79 85.67 13.47
CA GLN B 261 44.67 85.86 12.33
C GLN B 261 43.89 86.36 11.12
N PRO B 262 44.46 87.35 10.40
CA PRO B 262 43.81 87.96 9.24
C PRO B 262 44.04 87.20 7.94
N PHE B 263 43.56 85.96 7.85
CA PHE B 263 43.73 85.16 6.64
C PHE B 263 42.52 84.29 6.33
N VAL B 264 42.31 84.03 5.04
CA VAL B 264 41.22 83.16 4.59
C VAL B 264 41.70 82.20 3.52
N ILE B 265 40.99 81.09 3.35
CA ILE B 265 41.38 80.06 2.39
C ILE B 265 40.25 79.73 1.42
N ASP B 266 40.61 79.43 0.17
CA ASP B 266 39.64 79.00 -0.83
C ASP B 266 39.56 77.48 -0.84
N GLU B 267 38.34 76.95 -0.78
CA GLU B 267 38.13 75.51 -0.67
C GLU B 267 38.51 74.75 -1.95
N ILE B 268 38.41 75.42 -3.09
CA ILE B 268 38.64 74.77 -4.38
C ILE B 268 40.09 74.92 -4.86
N THR B 269 40.50 76.17 -5.06
CA THR B 269 41.83 76.45 -5.58
C THR B 269 42.92 76.24 -4.54
N GLY B 270 42.64 76.60 -3.29
CA GLY B 270 43.59 76.47 -2.22
C GLY B 270 44.44 77.73 -2.08
N GLU B 271 43.84 78.87 -2.39
CA GLU B 271 44.54 80.14 -2.34
C GLU B 271 44.33 80.83 -0.99
N ILE B 272 45.43 81.22 -0.36
CA ILE B 272 45.37 81.95 0.91
C ILE B 272 45.38 83.45 0.66
N ARG B 273 44.35 84.14 1.15
CA ARG B 273 44.23 85.57 0.94
C ARG B 273 44.20 86.33 2.27
N LEU B 274 44.63 87.59 2.24
CA LEU B 274 44.64 88.43 3.43
C LEU B 274 43.21 88.85 3.79
N LYS B 275 42.92 88.92 5.08
CA LYS B 275 41.59 89.28 5.54
C LYS B 275 41.55 90.65 6.20
N GLY B 276 42.60 90.97 6.96
CA GLY B 276 42.69 92.24 7.64
C GLY B 276 43.94 93.01 7.28
N ALA B 277 44.41 93.83 8.20
CA ALA B 277 45.61 94.63 7.96
C ALA B 277 46.85 93.91 8.48
N LEU B 278 47.99 94.22 7.88
CA LEU B 278 49.27 93.65 8.32
C LEU B 278 50.21 94.73 8.85
N ASP B 279 50.75 94.49 10.03
CA ASP B 279 51.70 95.41 10.65
C ASP B 279 52.81 94.64 11.35
N PHE B 280 54.05 94.87 10.92
CA PHE B 280 55.21 94.17 11.46
C PHE B 280 55.39 94.45 12.95
N GLU B 281 55.01 95.65 13.37
CA GLU B 281 55.16 96.06 14.77
C GLU B 281 54.11 95.38 15.66
N ALA B 282 53.04 94.91 15.04
CA ALA B 282 52.00 94.20 15.77
C ALA B 282 52.34 92.72 15.89
N THR B 283 52.16 91.99 14.78
CA THR B 283 52.48 90.57 14.74
C THR B 283 53.49 90.28 13.64
N SER B 284 54.64 89.74 14.02
CA SER B 284 55.73 89.50 13.09
C SER B 284 55.66 88.13 12.44
N TYR B 285 55.30 87.12 13.22
CA TYR B 285 55.35 85.74 12.75
C TYR B 285 54.00 85.03 12.86
N TYR B 286 53.63 84.30 11.81
CA TYR B 286 52.38 83.56 11.79
C TYR B 286 52.59 82.09 11.48
N THR B 287 51.96 81.22 12.27
CA THR B 287 52.01 79.78 12.02
C THR B 287 50.61 79.20 11.97
N MET B 288 50.17 78.84 10.77
CA MET B 288 48.84 78.27 10.59
C MET B 288 48.93 76.86 10.03
N GLU B 289 47.81 76.15 10.00
CA GLU B 289 47.78 74.82 9.43
C GLU B 289 46.63 74.65 8.46
N ILE B 290 46.96 74.28 7.22
CA ILE B 290 45.94 74.01 6.21
C ILE B 290 45.56 72.54 6.23
N VAL B 291 44.26 72.28 6.29
CA VAL B 291 43.76 70.90 6.30
C VAL B 291 42.87 70.61 5.11
N ALA B 292 43.29 69.64 4.30
CA ALA B 292 42.52 69.19 3.15
C ALA B 292 41.64 68.01 3.55
N THR B 293 40.37 68.06 3.15
CA THR B 293 39.42 67.01 3.50
C THR B 293 38.52 66.67 2.30
N ASP B 294 38.35 65.38 2.05
CA ASP B 294 37.49 64.92 0.96
C ASP B 294 36.03 64.89 1.38
N SER B 295 35.22 64.09 0.68
CA SER B 295 33.80 63.99 0.97
C SER B 295 33.50 62.79 1.86
N GLY B 296 34.55 62.18 2.40
CA GLY B 296 34.40 60.99 3.22
C GLY B 296 34.89 61.17 4.65
N GLY B 297 35.74 62.16 4.87
CA GLY B 297 36.25 62.44 6.20
C GLY B 297 37.75 62.31 6.31
N LEU B 298 38.34 61.49 5.45
CA LEU B 298 39.80 61.33 5.42
C LEU B 298 40.44 62.68 5.13
N SER B 299 41.50 62.99 5.87
CA SER B 299 42.10 64.31 5.76
C SER B 299 43.62 64.27 5.67
N GLY B 300 44.21 65.43 5.37
CA GLY B 300 45.65 65.61 5.38
C GLY B 300 45.94 67.01 5.87
N LYS B 301 47.08 67.20 6.52
CA LYS B 301 47.42 68.52 7.06
C LYS B 301 48.82 68.97 6.70
N CYS B 302 48.97 70.26 6.44
CA CYS B 302 50.28 70.85 6.18
C CYS B 302 50.45 72.12 7.00
N THR B 303 51.69 72.38 7.42
CA THR B 303 51.97 73.58 8.21
C THR B 303 52.43 74.72 7.30
N VAL B 304 51.72 75.84 7.37
CA VAL B 304 52.09 77.03 6.61
C VAL B 304 52.58 78.13 7.55
N ALA B 305 53.86 78.46 7.44
CA ALA B 305 54.46 79.51 8.26
C ALA B 305 54.76 80.75 7.42
N ILE B 306 54.12 81.85 7.76
CA ILE B 306 54.32 83.11 7.05
C ILE B 306 54.78 84.21 7.99
N GLN B 307 55.95 84.77 7.70
CA GLN B 307 56.45 85.92 8.45
C GLN B 307 56.36 87.18 7.60
N VAL B 308 55.77 88.23 8.16
CA VAL B 308 55.66 89.50 7.47
C VAL B 308 57.01 90.19 7.38
N LEU B 309 57.16 91.07 6.39
CA LEU B 309 58.41 91.81 6.22
C LEU B 309 58.29 93.23 6.76
N ASP B 310 59.37 93.72 7.36
CA ASP B 310 59.37 95.05 7.94
C ASP B 310 59.66 96.12 6.91
N VAL B 311 58.83 97.15 6.89
CA VAL B 311 59.05 98.31 6.03
C VAL B 311 59.13 99.57 6.88
N ASN B 312 59.93 100.53 6.43
CA ASN B 312 60.09 101.78 7.17
C ASN B 312 58.89 102.70 6.97
N ASP B 313 57.78 102.37 7.63
CA ASP B 313 56.55 103.13 7.49
C ASP B 313 56.20 103.89 8.76
N ASN B 314 57.20 104.08 9.62
CA ASN B 314 57.00 104.83 10.86
C ASN B 314 58.11 105.83 11.11
N ALA B 315 57.77 107.11 11.06
CA ALA B 315 58.72 108.17 11.35
C ALA B 315 58.97 108.25 12.86
N PRO B 316 60.20 108.59 13.26
CA PRO B 316 60.58 108.69 14.67
C PRO B 316 59.68 109.66 15.45
N LYS B 317 59.31 109.26 16.66
CA LYS B 317 58.47 110.09 17.52
C LYS B 317 59.33 110.92 18.47
N LEU B 318 59.34 112.23 18.25
CA LEU B 318 60.14 113.14 19.06
C LEU B 318 59.28 113.90 20.06
N THR B 319 59.60 113.74 21.35
CA THR B 319 58.89 114.45 22.40
C THR B 319 59.85 115.24 23.28
N ILE B 320 59.71 116.56 23.27
CA ILE B 320 60.63 117.43 24.00
C ILE B 320 60.01 118.01 25.27
N SER B 321 60.73 117.90 26.37
CA SER B 321 60.32 118.52 27.62
C SER B 321 61.34 119.60 28.01
N SER B 322 60.91 120.85 27.94
CA SER B 322 61.78 121.98 28.25
C SER B 322 61.82 122.26 29.76
N LEU B 323 62.98 122.64 30.25
CA LEU B 323 63.15 122.98 31.66
C LEU B 323 63.18 124.49 31.86
N THR B 324 64.00 125.17 31.05
CA THR B 324 64.16 126.61 31.15
C THR B 324 63.90 127.30 29.81
N SER B 325 62.94 128.21 29.79
CA SER B 325 62.66 128.99 28.58
C SER B 325 63.76 130.02 28.34
N SER B 326 64.31 130.55 29.43
CA SER B 326 65.41 131.49 29.35
C SER B 326 66.62 130.97 30.13
N ILE B 327 67.81 131.35 29.69
CA ILE B 327 69.04 130.86 30.31
C ILE B 327 69.93 132.04 30.71
N PRO B 328 70.64 131.90 31.85
CA PRO B 328 71.59 132.94 32.27
C PRO B 328 72.74 133.12 31.28
N GLU B 329 73.36 134.30 31.30
CA GLU B 329 74.42 134.63 30.36
C GLU B 329 75.70 133.85 30.62
N ASN B 330 76.38 134.19 31.72
CA ASN B 330 77.66 133.60 32.05
C ASN B 330 77.53 132.34 32.90
N ALA B 331 76.53 131.52 32.59
CA ALA B 331 76.32 130.26 33.30
C ALA B 331 76.88 129.10 32.51
N PRO B 332 77.92 128.45 33.04
CA PRO B 332 78.56 127.30 32.40
C PRO B 332 77.78 126.00 32.60
N GLU B 333 77.80 125.13 31.57
CA GLU B 333 77.13 123.83 31.63
C GLU B 333 75.65 123.97 31.98
N ALA B 334 74.91 124.69 31.15
CA ALA B 334 73.49 124.94 31.40
C ALA B 334 72.61 123.96 30.65
N VAL B 335 71.65 123.36 31.36
CA VAL B 335 70.73 122.40 30.75
C VAL B 335 69.46 123.10 30.26
N VAL B 336 69.32 123.21 28.95
CA VAL B 336 68.17 123.88 28.35
C VAL B 336 66.92 123.01 28.42
N ALA B 337 66.93 121.92 27.67
CA ALA B 337 65.77 121.03 27.62
C ALA B 337 66.20 119.57 27.52
N VAL B 338 65.27 118.66 27.80
CA VAL B 338 65.54 117.23 27.69
C VAL B 338 64.42 116.53 26.92
N PHE B 339 64.80 115.75 25.92
CA PHE B 339 63.83 115.14 25.01
C PHE B 339 64.04 113.65 24.85
N SER B 340 63.05 112.99 24.23
CA SER B 340 63.12 111.56 23.97
C SER B 340 62.66 111.24 22.55
N VAL B 341 63.25 110.20 21.98
CA VAL B 341 62.89 109.75 20.64
C VAL B 341 62.43 108.30 20.66
N SER B 342 61.51 107.95 19.76
CA SER B 342 60.97 106.60 19.70
C SER B 342 60.88 106.08 18.28
N ASP B 343 60.90 104.76 18.12
CA ASP B 343 60.75 104.12 16.82
C ASP B 343 60.35 102.67 17.00
N PRO B 344 59.10 102.34 16.66
CA PRO B 344 58.56 100.98 16.82
C PRO B 344 59.17 99.98 15.84
N ASP B 345 59.80 100.47 14.78
CA ASP B 345 60.40 99.61 13.77
C ASP B 345 61.58 98.81 14.32
N SER B 346 62.04 97.84 13.54
CA SER B 346 63.16 97.00 13.95
C SER B 346 64.34 97.15 13.00
N GLY B 347 65.54 96.81 13.47
CA GLY B 347 66.74 96.92 12.68
C GLY B 347 67.15 98.36 12.41
N ASP B 348 67.62 98.62 11.20
CA ASP B 348 68.01 99.97 10.82
C ASP B 348 66.80 100.88 10.66
N ASN B 349 65.63 100.28 10.47
CA ASN B 349 64.39 101.02 10.38
C ASN B 349 64.02 101.62 11.74
N GLY B 350 64.49 100.99 12.80
CA GLY B 350 64.24 101.44 14.15
C GLY B 350 65.39 102.26 14.71
N ARG B 351 66.60 101.98 14.25
CA ARG B 351 67.78 102.71 14.67
C ARG B 351 67.71 104.15 14.16
N MET B 352 67.98 105.10 15.05
CA MET B 352 67.81 106.52 14.73
C MET B 352 68.93 107.40 15.29
N VAL B 353 69.27 108.45 14.55
CA VAL B 353 70.27 109.41 14.99
C VAL B 353 69.67 110.82 15.03
N CYS B 354 70.18 111.65 15.92
CA CYS B 354 69.69 113.01 16.08
C CYS B 354 70.80 114.03 15.84
N SER B 355 70.46 115.15 15.22
CA SER B 355 71.46 116.15 14.85
C SER B 355 70.99 117.57 15.17
N ILE B 356 71.98 118.44 15.37
CA ILE B 356 71.75 119.86 15.63
C ILE B 356 72.59 120.67 14.64
N GLN B 357 72.28 121.94 14.46
CA GLN B 357 73.04 122.80 13.55
C GLN B 357 74.50 122.89 13.99
N ASN B 358 75.39 123.03 13.01
CA ASN B 358 76.82 123.10 13.30
C ASN B 358 77.25 124.48 13.79
N GLY B 359 76.44 125.49 13.49
CA GLY B 359 76.75 126.85 13.87
C GLY B 359 76.42 127.16 15.32
N LEU B 360 75.44 126.44 15.86
CA LEU B 360 75.01 126.66 17.24
C LEU B 360 76.06 126.19 18.24
N PRO B 361 76.32 127.01 19.28
CA PRO B 361 77.31 126.69 20.32
C PRO B 361 76.78 125.70 21.36
N PHE B 362 75.64 125.07 21.07
CA PHE B 362 75.05 124.10 21.98
C PHE B 362 75.55 122.69 21.68
N LEU B 363 75.52 121.83 22.69
CA LEU B 363 75.98 120.46 22.53
C LEU B 363 74.88 119.48 22.94
N LEU B 364 74.65 118.49 22.11
CA LEU B 364 73.63 117.47 22.38
C LEU B 364 74.28 116.24 23.01
N LYS B 365 74.00 116.02 24.29
CA LYS B 365 74.62 114.93 25.04
C LYS B 365 73.64 113.80 25.35
N PRO B 366 74.00 112.56 24.98
CA PRO B 366 73.20 111.37 25.26
C PRO B 366 73.33 110.91 26.71
N THR B 367 72.19 110.81 27.41
CA THR B 367 72.19 110.35 28.79
C THR B 367 71.68 108.92 28.90
N PHE B 368 70.52 108.67 28.30
CA PHE B 368 69.95 107.33 28.30
C PHE B 368 69.70 106.85 26.87
N LYS B 369 69.42 105.55 26.74
CA LYS B 369 69.14 104.95 25.43
C LYS B 369 67.93 105.60 24.77
N ASN B 370 68.15 106.15 23.58
CA ASN B 370 67.13 106.92 22.86
C ASN B 370 66.56 108.03 23.74
N PHE B 371 67.44 108.65 24.52
CA PHE B 371 67.05 109.70 25.46
C PHE B 371 68.20 110.67 25.65
N TYR B 372 68.13 111.81 24.95
CA TYR B 372 69.23 112.76 24.92
C TYR B 372 68.91 114.03 25.72
N THR B 373 69.93 114.86 25.91
CA THR B 373 69.76 116.12 26.62
C THR B 373 70.39 117.29 25.84
N LEU B 374 69.79 118.46 25.99
CA LEU B 374 70.26 119.66 25.30
C LEU B 374 70.99 120.58 26.27
N VAL B 375 72.33 120.58 26.20
CA VAL B 375 73.14 121.32 27.16
C VAL B 375 74.08 122.30 26.45
N THR B 376 74.24 123.49 27.02
CA THR B 376 75.18 124.47 26.50
C THR B 376 76.62 123.96 26.64
N GLU B 377 77.41 124.13 25.59
CA GLU B 377 78.79 123.67 25.59
C GLU B 377 79.71 124.65 26.32
N ARG B 378 79.38 125.93 26.24
CA ARG B 378 80.18 126.97 26.86
C ARG B 378 79.37 128.25 27.04
N PRO B 379 79.68 129.04 28.08
CA PRO B 379 79.02 130.32 28.32
C PRO B 379 79.15 131.27 27.13
N LEU B 380 78.20 132.18 26.98
CA LEU B 380 78.20 133.11 25.86
C LEU B 380 77.48 134.42 26.21
N ASP B 381 78.03 135.53 25.75
CA ASP B 381 77.45 136.84 26.03
C ASP B 381 76.18 137.08 25.22
N ARG B 382 75.42 138.10 25.62
CA ARG B 382 74.12 138.38 25.01
C ARG B 382 74.24 139.27 23.78
N GLU B 383 75.19 140.20 23.80
CA GLU B 383 75.32 141.18 22.73
C GLU B 383 75.60 140.55 21.37
N SER B 384 76.15 139.33 21.37
CA SER B 384 76.35 138.59 20.13
C SER B 384 75.01 138.19 19.54
N ASN B 385 74.24 137.44 20.32
CA ASN B 385 72.89 137.03 19.91
C ASN B 385 71.95 136.94 21.11
N ALA B 386 70.79 137.58 20.99
CA ALA B 386 69.83 137.65 22.09
C ALA B 386 69.12 136.31 22.31
N GLU B 387 68.86 135.59 21.23
CA GLU B 387 68.18 134.30 21.34
C GLU B 387 68.63 133.34 20.24
N TYR B 388 68.56 132.05 20.55
CA TYR B 388 69.03 131.01 19.64
C TYR B 388 67.95 130.01 19.28
N ASN B 389 68.02 129.51 18.04
CA ASN B 389 67.13 128.48 17.56
C ASN B 389 67.81 127.12 17.50
N ILE B 390 67.17 126.12 18.10
CA ILE B 390 67.72 124.78 18.09
C ILE B 390 66.72 123.81 17.47
N THR B 391 66.97 123.47 16.20
CA THR B 391 66.10 122.53 15.48
C THR B 391 66.66 121.12 15.55
N ILE B 392 66.18 120.35 16.53
CA ILE B 392 66.57 118.96 16.67
C ILE B 392 66.03 118.15 15.50
N THR B 393 66.92 117.49 14.78
CA THR B 393 66.52 116.70 13.60
C THR B 393 66.85 115.23 13.78
N VAL B 394 65.82 114.41 13.99
CA VAL B 394 66.01 112.98 14.18
C VAL B 394 65.59 112.19 12.95
N SER B 395 66.43 111.26 12.53
CA SER B 395 66.18 110.46 11.34
C SER B 395 66.54 108.99 11.56
N ASP B 396 65.80 108.10 10.92
CA ASP B 396 66.11 106.67 11.00
C ASP B 396 67.19 106.28 10.00
N LEU B 397 67.69 105.05 10.10
CA LEU B 397 68.71 104.57 9.18
C LEU B 397 68.14 103.55 8.21
N GLY B 398 66.82 103.61 7.99
CA GLY B 398 66.15 102.70 7.09
C GLY B 398 66.20 103.19 5.65
N THR B 399 65.62 102.40 4.75
CA THR B 399 65.57 102.76 3.34
C THR B 399 64.16 102.64 2.79
N PRO B 400 63.56 103.76 2.36
CA PRO B 400 64.13 105.12 2.38
C PRO B 400 64.18 105.71 3.78
N ARG B 401 64.99 106.76 3.95
CA ARG B 401 65.19 107.38 5.26
C ARG B 401 64.07 108.34 5.60
N LEU B 402 63.52 108.17 6.80
CA LEU B 402 62.47 109.07 7.30
C LEU B 402 63.03 110.06 8.30
N THR B 403 62.78 111.35 8.07
CA THR B 403 63.28 112.39 8.95
C THR B 403 62.15 113.16 9.62
N THR B 404 62.42 113.67 10.81
CA THR B 404 61.47 114.48 11.54
C THR B 404 62.21 115.45 12.46
N GLN B 405 61.82 116.72 12.41
CA GLN B 405 62.54 117.75 13.14
C GLN B 405 61.61 118.68 13.91
N HIS B 406 62.11 119.24 15.00
CA HIS B 406 61.34 120.21 15.78
C HIS B 406 62.23 121.31 16.35
N THR B 407 61.70 122.53 16.40
CA THR B 407 62.47 123.69 16.81
C THR B 407 62.20 124.09 18.26
N ILE B 408 63.23 124.52 18.96
CA ILE B 408 63.07 125.11 20.29
C ILE B 408 63.88 126.39 20.40
N THR B 409 63.22 127.47 20.81
CA THR B 409 63.86 128.78 20.93
C THR B 409 64.28 129.04 22.38
N VAL B 410 65.54 129.41 22.56
CA VAL B 410 66.04 129.67 23.91
C VAL B 410 66.69 131.05 24.00
N GLN B 411 66.31 131.82 25.01
CA GLN B 411 66.83 133.16 25.19
C GLN B 411 67.89 133.22 26.28
N VAL B 412 68.81 134.18 26.15
CA VAL B 412 69.80 134.43 27.18
C VAL B 412 69.36 135.59 28.07
N SER B 413 69.81 135.58 29.33
CA SER B 413 69.45 136.63 30.28
C SER B 413 70.68 137.37 30.83
N ASP B 414 70.50 138.07 31.95
CA ASP B 414 71.58 138.78 32.66
C ASP B 414 72.23 139.94 31.86
N ILE B 415 71.81 140.10 30.60
CA ILE B 415 72.33 141.13 29.68
C ILE B 415 73.85 141.16 29.58
N ALA C 2 20.57 62.74 33.12
CA ALA C 2 19.78 61.67 32.52
C ALA C 2 19.43 60.60 33.55
N ILE C 3 18.49 60.92 34.43
CA ILE C 3 18.06 59.98 35.45
C ILE C 3 16.84 59.19 34.99
N SER C 4 16.64 58.01 35.56
CA SER C 4 15.52 57.15 35.14
C SER C 4 14.86 56.44 36.32
N TYR C 5 13.55 56.30 36.25
CA TYR C 5 12.78 55.58 37.27
C TYR C 5 11.82 54.59 36.64
N SER C 6 11.63 53.45 37.29
CA SER C 6 10.73 52.42 36.78
C SER C 6 9.56 52.18 37.74
N MET C 7 8.39 51.88 37.19
CA MET C 7 7.21 51.61 37.99
C MET C 7 6.22 50.72 37.24
N PRO C 8 5.52 49.83 37.97
CA PRO C 8 4.55 48.89 37.38
C PRO C 8 3.42 49.58 36.63
N GLU C 9 2.69 48.80 35.84
CA GLU C 9 1.58 49.31 35.03
C GLU C 9 0.30 49.44 35.86
N GLU C 10 -0.60 50.31 35.40
CA GLU C 10 -1.93 50.47 36.00
C GLU C 10 -1.87 50.90 37.46
N THR C 11 -0.91 51.77 37.78
CA THR C 11 -0.82 52.34 39.12
C THR C 11 -1.84 53.47 39.28
N GLU C 12 -2.49 53.51 40.43
CA GLU C 12 -3.53 54.51 40.69
C GLU C 12 -3.00 55.94 40.56
N SER C 13 -3.84 56.82 40.05
CA SER C 13 -3.46 58.22 39.85
C SER C 13 -3.21 58.93 41.18
N GLY C 14 -2.19 59.78 41.20
CA GLY C 14 -1.83 60.51 42.41
C GLY C 14 -0.69 59.83 43.15
N TYR C 15 -0.16 58.76 42.56
CA TYR C 15 0.94 58.03 43.16
C TYR C 15 2.24 58.80 43.07
N LEU C 16 2.95 58.91 44.18
CA LEU C 16 4.22 59.62 44.22
C LEU C 16 5.27 58.87 43.40
N VAL C 17 5.69 59.47 42.29
CA VAL C 17 6.56 58.81 41.33
C VAL C 17 7.96 58.52 41.87
N ALA C 18 8.74 59.57 42.10
CA ALA C 18 10.13 59.38 42.48
C ALA C 18 10.63 60.44 43.47
N ASN C 19 11.84 60.21 43.97
CA ASN C 19 12.48 61.15 44.90
C ASN C 19 13.23 62.24 44.15
N LEU C 20 12.59 63.39 44.01
CA LEU C 20 13.11 64.48 43.18
C LEU C 20 14.21 65.29 43.87
N ALA C 21 14.02 65.58 45.15
CA ALA C 21 14.92 66.44 45.91
C ALA C 21 16.35 65.93 45.92
N GLN C 22 16.54 64.68 46.31
CA GLN C 22 17.87 64.09 46.38
C GLN C 22 18.46 63.93 44.98
N ASP C 23 17.61 63.63 44.01
CA ASP C 23 18.03 63.42 42.64
C ASP C 23 18.62 64.70 42.04
N LEU C 24 17.97 65.83 42.29
CA LEU C 24 18.43 67.11 41.78
C LEU C 24 19.43 67.77 42.74
N GLY C 25 19.29 67.46 44.03
CA GLY C 25 20.15 68.04 45.05
C GLY C 25 19.87 69.52 45.23
N LEU C 26 18.63 69.91 45.01
CA LEU C 26 18.23 71.31 45.13
C LEU C 26 17.35 71.53 46.36
N ARG C 27 17.40 72.74 46.90
CA ARG C 27 16.60 73.10 48.07
C ARG C 27 15.16 73.39 47.68
N VAL C 28 14.25 73.27 48.64
CA VAL C 28 12.82 73.51 48.40
C VAL C 28 12.56 74.98 48.09
N GLY C 29 13.16 75.85 48.88
CA GLY C 29 13.02 77.29 48.67
C GLY C 29 13.52 77.71 47.31
N GLU C 30 14.66 77.15 46.91
CA GLU C 30 15.20 77.42 45.59
C GLU C 30 14.31 76.79 44.53
N LEU C 31 13.76 75.62 44.84
CA LEU C 31 12.88 74.91 43.91
C LEU C 31 11.66 75.75 43.56
N THR C 32 11.07 76.38 44.56
CA THR C 32 9.92 77.25 44.32
C THR C 32 10.36 78.63 43.86
N THR C 33 11.65 78.92 44.01
CA THR C 33 12.21 80.18 43.51
C THR C 33 12.54 80.08 42.03
N ARG C 34 13.07 78.94 41.61
CA ARG C 34 13.45 78.72 40.21
C ARG C 34 12.25 78.38 39.34
N GLY C 35 11.07 78.34 39.94
CA GLY C 35 9.85 78.02 39.22
C GLY C 35 9.95 76.67 38.51
N ALA C 36 10.22 75.63 39.29
CA ALA C 36 10.41 74.29 38.75
C ALA C 36 9.21 73.83 37.93
N ARG C 37 9.45 73.48 36.67
CA ARG C 37 8.34 73.04 35.82
C ARG C 37 8.63 71.71 35.13
N ILE C 38 7.57 70.96 34.87
CA ILE C 38 7.67 69.68 34.16
C ILE C 38 7.25 69.85 32.71
N HIS C 39 8.20 69.61 31.80
CA HIS C 39 7.96 69.80 30.38
C HIS C 39 8.22 68.51 29.60
N HIS C 40 7.26 68.11 28.78
CA HIS C 40 7.39 66.90 27.97
C HIS C 40 6.69 67.02 26.62
N ASN C 41 7.23 66.31 25.63
CA ASN C 41 6.67 66.33 24.29
C ASN C 41 5.49 65.38 24.11
N GLY C 42 5.24 64.58 25.15
CA GLY C 42 4.17 63.60 25.12
C GLY C 42 2.79 64.20 24.89
N ASN C 43 1.94 63.47 24.20
CA ASN C 43 0.59 63.93 23.89
C ASN C 43 -0.25 64.06 25.17
N LYS C 44 -0.30 63.01 25.96
CA LYS C 44 -1.06 63.00 27.20
C LYS C 44 -0.21 63.50 28.37
N GLU C 45 -0.80 64.34 29.21
CA GLU C 45 -0.10 64.87 30.38
C GLU C 45 -0.20 63.88 31.55
N LEU C 46 0.64 62.85 31.49
CA LEU C 46 0.64 61.81 32.53
C LEU C 46 1.23 62.29 33.84
N LEU C 47 2.22 63.18 33.75
CA LEU C 47 2.94 63.64 34.93
C LEU C 47 2.50 65.02 35.39
N GLN C 48 2.46 65.19 36.72
CA GLN C 48 2.14 66.48 37.32
C GLN C 48 3.16 66.80 38.42
N LEU C 49 3.72 68.00 38.37
CA LEU C 49 4.76 68.40 39.30
C LEU C 49 4.19 68.92 40.61
N ASP C 50 4.57 68.28 41.71
CA ASP C 50 4.17 68.73 43.05
C ASP C 50 5.29 69.53 43.69
N ALA C 51 5.23 70.85 43.50
CA ALA C 51 6.28 71.74 44.01
C ALA C 51 6.15 71.98 45.51
N GLU C 52 4.99 71.62 46.06
CA GLU C 52 4.75 71.80 47.50
C GLU C 52 5.65 70.88 48.31
N ARG C 53 5.58 69.58 48.03
CA ARG C 53 6.43 68.61 48.70
C ARG C 53 7.78 68.52 48.02
N GLY C 54 7.85 69.00 46.79
CA GLY C 54 9.08 69.01 46.03
C GLY C 54 9.35 67.70 45.31
N ASN C 55 8.28 67.05 44.86
CA ASN C 55 8.40 65.77 44.17
C ASN C 55 7.53 65.68 42.93
N LEU C 56 7.76 64.65 42.13
CA LEU C 56 6.98 64.42 40.92
C LEU C 56 5.85 63.44 41.18
N LEU C 57 4.66 63.74 40.66
CA LEU C 57 3.49 62.90 40.89
C LEU C 57 2.85 62.44 39.59
N LEU C 58 2.03 61.39 39.68
CA LEU C 58 1.33 60.85 38.52
C LEU C 58 -0.08 61.42 38.42
N LYS C 59 -0.49 61.79 37.22
CA LYS C 59 -1.79 62.43 37.02
C LYS C 59 -2.81 61.47 36.39
N GLU C 60 -2.34 60.57 35.54
CA GLU C 60 -3.23 59.64 34.86
C GLU C 60 -2.75 58.19 34.98
N LYS C 61 -3.69 57.27 35.12
CA LYS C 61 -3.37 55.85 35.22
C LYS C 61 -2.82 55.33 33.89
N PRO C 62 -1.55 54.88 33.91
CA PRO C 62 -0.86 54.43 32.70
C PRO C 62 -1.24 53.01 32.27
N ASP C 63 -1.47 52.84 30.97
CA ASP C 63 -1.74 51.53 30.40
C ASP C 63 -0.67 51.19 29.36
N ARG C 64 0.14 50.19 29.66
CA ARG C 64 1.28 49.82 28.81
C ARG C 64 0.84 49.48 27.39
N GLU C 65 -0.18 48.64 27.26
CA GLU C 65 -0.63 48.17 25.96
C GLU C 65 -1.21 49.29 25.10
N ALA C 66 -1.62 50.38 25.75
CA ALA C 66 -2.19 51.52 25.05
C ALA C 66 -1.12 52.55 24.70
N LEU C 67 0.05 52.43 25.33
CA LEU C 67 1.13 53.38 25.12
C LEU C 67 2.23 52.78 24.23
N CYS C 68 2.72 51.61 24.62
CA CYS C 68 3.80 50.96 23.89
C CYS C 68 3.29 49.83 23.01
N GLY C 69 2.50 48.94 23.61
CA GLY C 69 1.95 47.80 22.88
C GLY C 69 2.93 46.64 22.81
N ALA C 70 3.64 46.54 21.70
CA ALA C 70 4.59 45.45 21.51
C ALA C 70 6.02 45.87 21.85
N THR C 71 6.28 47.17 21.78
CA THR C 71 7.61 47.70 22.06
C THR C 71 7.96 47.59 23.55
N GLU C 72 9.18 47.18 23.82
CA GLU C 72 9.65 46.98 25.19
C GLU C 72 11.15 47.29 25.29
N PRO C 73 11.55 48.04 26.33
CA PRO C 73 10.74 48.60 27.41
C PRO C 73 9.94 49.84 27.01
N CYS C 74 8.88 50.11 27.77
CA CYS C 74 8.06 51.29 27.55
C CYS C 74 8.58 52.46 28.37
N VAL C 75 9.36 53.33 27.74
CA VAL C 75 9.99 54.45 28.45
C VAL C 75 9.54 55.79 27.90
N LEU C 76 9.06 56.66 28.78
CA LEU C 76 8.68 58.01 28.41
C LEU C 76 9.77 59.01 28.80
N HIS C 77 10.22 59.79 27.83
CA HIS C 77 11.30 60.75 28.05
C HIS C 77 10.76 62.16 28.28
N PHE C 78 10.96 62.68 29.49
CA PHE C 78 10.52 64.02 29.84
C PHE C 78 11.68 64.85 30.37
N GLN C 79 11.48 66.15 30.51
CA GLN C 79 12.53 67.04 31.01
C GLN C 79 11.98 68.08 31.98
N ILE C 80 12.69 68.28 33.09
CA ILE C 80 12.28 69.26 34.09
C ILE C 80 13.17 70.50 34.03
N ILE C 81 12.54 71.67 34.03
CA ILE C 81 13.29 72.92 33.82
C ILE C 81 13.20 73.90 34.99
N LEU C 82 14.31 74.62 35.19
CA LEU C 82 14.43 75.67 36.20
C LEU C 82 14.91 76.96 35.53
N GLU C 83 14.45 78.10 36.03
CA GLU C 83 14.68 79.37 35.34
C GLU C 83 15.75 80.25 35.99
N ASN C 84 16.06 80.02 37.26
CA ASN C 84 17.02 80.88 37.97
C ASN C 84 18.11 80.12 38.69
N PRO C 85 19.22 79.80 37.99
CA PRO C 85 19.47 80.12 36.58
C PRO C 85 18.79 79.16 35.62
N VAL C 86 18.96 79.39 34.32
CA VAL C 86 18.36 78.56 33.29
C VAL C 86 19.03 77.20 33.21
N GLN C 87 18.26 76.13 33.42
CA GLN C 87 18.81 74.78 33.34
C GLN C 87 17.72 73.73 33.09
N PHE C 88 18.07 72.73 32.30
CA PHE C 88 17.14 71.64 31.97
C PHE C 88 17.72 70.29 32.35
N PHE C 89 16.87 69.41 32.88
CA PHE C 89 17.29 68.09 33.32
C PHE C 89 16.50 66.98 32.62
N GLN C 90 17.19 65.90 32.27
CA GLN C 90 16.56 64.80 31.55
C GLN C 90 16.13 63.66 32.47
N THR C 91 14.85 63.33 32.42
CA THR C 91 14.31 62.23 33.22
C THR C 91 13.52 61.24 32.37
N ASP C 92 13.60 59.96 32.73
CA ASP C 92 12.93 58.91 31.98
C ASP C 92 12.05 58.07 32.90
N LEU C 93 10.88 57.66 32.39
CA LEU C 93 9.96 56.87 33.18
C LEU C 93 9.57 55.57 32.46
N GLN C 94 10.08 54.45 32.97
CA GLN C 94 9.81 53.14 32.41
C GLN C 94 8.64 52.47 33.11
N PHE C 95 7.74 51.87 32.33
CA PHE C 95 6.58 51.19 32.88
C PHE C 95 6.71 49.67 32.77
N THR C 96 6.87 49.02 33.91
CA THR C 96 6.97 47.56 33.95
C THR C 96 5.61 46.93 33.69
N ASP C 97 5.57 45.98 32.75
CA ASP C 97 4.34 45.31 32.38
C ASP C 97 3.80 44.45 33.52
N ILE C 98 2.49 44.50 33.71
CA ILE C 98 1.83 43.68 34.73
C ILE C 98 0.83 42.72 34.07
N ASN C 99 0.64 41.55 34.68
CA ASN C 99 -0.25 40.54 34.15
C ASN C 99 -1.72 40.88 34.41
N ASP C 100 -2.24 41.86 33.68
CA ASP C 100 -3.61 42.32 33.88
C ASP C 100 -4.52 41.90 32.74
N HIS C 101 -4.09 40.92 31.96
CA HIS C 101 -4.88 40.41 30.85
C HIS C 101 -5.06 38.89 30.93
N PHE C 102 -6.26 38.43 30.58
CA PHE C 102 -6.55 37.01 30.54
C PHE C 102 -6.37 36.47 29.13
N PRO C 103 -5.76 35.28 29.01
CA PRO C 103 -5.69 34.59 27.71
C PRO C 103 -7.08 34.32 27.16
N GLU C 104 -7.35 34.76 25.95
CA GLU C 104 -8.69 34.63 25.37
C GLU C 104 -8.65 34.16 23.93
N PHE C 105 -9.32 33.05 23.66
CA PHE C 105 -9.44 32.52 22.31
C PHE C 105 -10.50 33.28 21.53
N PRO C 106 -10.20 33.61 20.25
CA PRO C 106 -11.10 34.36 19.38
C PRO C 106 -12.48 33.72 19.27
N ASP C 107 -12.52 32.44 18.93
CA ASP C 107 -13.78 31.70 18.85
C ASP C 107 -13.92 30.75 20.04
N THR C 108 -15.12 30.71 20.62
CA THR C 108 -15.37 29.85 21.76
C THR C 108 -15.37 28.37 21.36
N GLU C 109 -15.64 28.10 20.09
CA GLU C 109 -15.66 26.74 19.58
C GLU C 109 -14.84 26.59 18.30
N MET C 110 -14.10 25.49 18.21
CA MET C 110 -13.31 25.20 17.02
C MET C 110 -13.72 23.85 16.43
N LEU C 111 -14.12 23.86 15.17
CA LEU C 111 -14.62 22.66 14.51
C LEU C 111 -13.55 21.98 13.66
N LEU C 112 -13.22 20.73 14.01
CA LEU C 112 -12.25 19.95 13.27
C LEU C 112 -12.87 18.69 12.68
N LYS C 113 -12.78 18.55 11.36
CA LYS C 113 -13.28 17.36 10.68
C LYS C 113 -12.13 16.44 10.30
N ILE C 114 -11.79 15.52 11.19
CA ILE C 114 -10.67 14.60 10.95
C ILE C 114 -11.17 13.23 10.47
N GLN C 115 -10.63 12.77 9.34
CA GLN C 115 -11.02 11.48 8.77
C GLN C 115 -10.57 10.33 9.66
N GLU C 116 -11.28 9.22 9.58
CA GLU C 116 -11.07 8.07 10.46
C GLU C 116 -9.68 7.44 10.29
N ILE C 117 -9.16 7.44 9.08
CA ILE C 117 -7.89 6.80 8.80
C ILE C 117 -6.69 7.71 9.04
N ALA C 118 -6.88 8.74 9.85
CA ALA C 118 -5.78 9.65 10.21
C ALA C 118 -4.71 8.91 11.00
N GLN C 119 -3.50 8.89 10.46
CA GLN C 119 -2.39 8.17 11.09
C GLN C 119 -1.82 8.95 12.26
N PRO C 120 -1.31 8.23 13.28
CA PRO C 120 -0.68 8.85 14.44
C PRO C 120 0.52 9.72 14.05
N GLY C 121 0.69 10.85 14.73
CA GLY C 121 1.78 11.75 14.44
C GLY C 121 1.34 12.90 13.55
N THR C 122 0.13 12.80 13.01
CA THR C 122 -0.42 13.85 12.16
C THR C 122 -0.81 15.07 12.99
N VAL C 123 -0.32 16.24 12.57
CA VAL C 123 -0.59 17.47 13.29
C VAL C 123 -1.85 18.17 12.77
N PHE C 124 -2.53 18.87 13.67
CA PHE C 124 -3.74 19.62 13.32
C PHE C 124 -3.68 21.01 13.92
N PRO C 125 -3.68 22.04 13.06
CA PRO C 125 -3.55 23.45 13.44
C PRO C 125 -4.67 23.94 14.35
N LEU C 126 -4.31 24.74 15.35
CA LEU C 126 -5.28 25.34 16.26
C LEU C 126 -5.01 26.84 16.41
N LYS C 127 -6.08 27.61 16.53
CA LYS C 127 -5.94 29.06 16.73
C LYS C 127 -5.40 29.36 18.12
N ALA C 128 -4.41 30.25 18.18
CA ALA C 128 -3.75 30.58 19.43
C ALA C 128 -4.59 31.52 20.30
N ALA C 129 -4.25 31.60 21.58
CA ALA C 129 -4.93 32.48 22.50
C ALA C 129 -4.34 33.89 22.45
N GLN C 130 -5.17 34.89 22.75
CA GLN C 130 -4.73 36.28 22.70
C GLN C 130 -4.29 36.77 24.08
N ASP C 131 -3.14 37.43 24.11
CA ASP C 131 -2.61 37.98 25.36
C ASP C 131 -1.66 39.14 25.05
N PRO C 132 -2.18 40.38 25.11
CA PRO C 132 -1.43 41.60 24.79
C PRO C 132 -0.24 41.86 25.72
N ASP C 133 -0.09 41.04 26.76
CA ASP C 133 1.03 41.19 27.69
C ASP C 133 2.34 40.74 27.04
N ILE C 134 3.45 40.97 27.72
CA ILE C 134 4.77 40.62 27.20
C ILE C 134 5.53 39.71 28.14
N GLY C 135 6.59 39.09 27.62
CA GLY C 135 7.46 38.25 28.42
C GLY C 135 6.77 37.06 29.06
N SER C 136 6.89 36.96 30.38
CA SER C 136 6.29 35.86 31.12
C SER C 136 4.83 36.14 31.45
N ASN C 137 4.34 37.31 31.05
CA ASN C 137 2.96 37.69 31.32
C ASN C 137 2.04 37.35 30.16
N ALA C 138 2.61 36.89 29.06
CA ALA C 138 1.83 36.49 27.89
C ALA C 138 1.49 35.01 27.94
N VAL C 139 0.94 34.49 26.85
CA VAL C 139 0.62 33.06 26.76
C VAL C 139 1.90 32.24 26.83
N GLN C 140 1.96 31.31 27.79
CA GLN C 140 3.16 30.54 28.04
C GLN C 140 2.92 29.04 27.90
N ASN C 141 1.69 28.61 28.18
CA ASN C 141 1.39 27.19 28.26
C ASN C 141 0.08 26.82 27.55
N TYR C 142 0.05 25.63 26.96
CA TYR C 142 -1.15 25.11 26.34
C TYR C 142 -1.42 23.68 26.77
N THR C 143 -2.57 23.45 27.40
CA THR C 143 -2.98 22.12 27.82
C THR C 143 -4.32 21.75 27.20
N VAL C 144 -4.52 20.45 27.00
CA VAL C 144 -5.78 19.96 26.44
C VAL C 144 -6.45 19.04 27.46
N SER C 145 -7.79 19.09 27.51
CA SER C 145 -8.58 18.24 28.40
C SER C 145 -8.23 16.76 28.20
N PRO C 146 -8.21 15.98 29.28
CA PRO C 146 -7.82 14.57 29.24
C PRO C 146 -8.64 13.75 28.25
N ASN C 147 -7.98 13.13 27.28
CA ASN C 147 -8.63 12.28 26.31
C ASN C 147 -7.78 11.06 25.98
N LEU C 148 -8.22 10.28 25.00
CA LEU C 148 -7.54 9.03 24.66
C LEU C 148 -6.76 9.12 23.35
N HIS C 149 -7.14 10.07 22.49
CA HIS C 149 -6.61 10.11 21.13
C HIS C 149 -5.57 11.20 20.90
N PHE C 150 -5.80 12.38 21.48
CA PHE C 150 -4.96 13.54 21.16
C PHE C 150 -4.10 14.02 22.32
N HIS C 151 -3.14 14.89 21.99
CA HIS C 151 -2.39 15.64 22.98
C HIS C 151 -1.86 16.91 22.32
N VAL C 152 -1.99 18.04 23.01
CA VAL C 152 -1.61 19.33 22.43
C VAL C 152 -0.14 19.65 22.72
N VAL C 153 0.51 20.33 21.78
CA VAL C 153 1.89 20.74 21.98
C VAL C 153 2.06 22.22 21.64
N THR C 154 2.82 22.92 22.48
CA THR C 154 3.06 24.35 22.30
C THR C 154 4.33 24.61 21.51
N LEU C 155 4.20 25.36 20.42
CA LEU C 155 5.36 25.70 19.60
C LEU C 155 5.67 27.18 19.66
N SER C 156 6.95 27.49 19.77
CA SER C 156 7.41 28.89 19.78
C SER C 156 8.35 29.13 18.61
N ARG C 157 8.02 30.13 17.79
CA ARG C 157 8.84 30.47 16.64
C ARG C 157 9.62 31.75 16.88
N SER C 158 9.86 32.50 15.81
CA SER C 158 10.54 33.79 15.91
C SER C 158 9.72 34.75 16.76
N ASP C 159 10.39 35.75 17.32
CA ASP C 159 9.77 36.79 18.16
C ASP C 159 9.05 36.17 19.37
N ASP C 160 9.24 34.87 19.55
CA ASP C 160 8.80 34.13 20.73
C ASP C 160 7.28 34.16 21.00
N ARG C 161 6.49 33.86 19.97
CA ARG C 161 5.06 33.71 20.15
C ARG C 161 4.72 32.23 20.27
N LYS C 162 3.90 31.89 21.26
CA LYS C 162 3.54 30.51 21.52
C LYS C 162 2.17 30.16 20.93
N TYR C 163 2.15 29.24 19.97
CA TYR C 163 0.92 28.78 19.37
C TYR C 163 0.80 27.26 19.48
N PRO C 164 -0.41 26.77 19.76
CA PRO C 164 -0.64 25.34 19.99
C PRO C 164 -1.00 24.57 18.73
N GLU C 165 -0.57 23.31 18.66
CA GLU C 165 -1.04 22.42 17.60
C GLU C 165 -1.35 21.05 18.20
N LEU C 166 -2.37 20.39 17.65
CA LEU C 166 -2.87 19.15 18.22
C LEU C 166 -2.28 17.92 17.54
N VAL C 167 -1.69 17.03 18.32
CA VAL C 167 -1.08 15.82 17.78
C VAL C 167 -1.89 14.58 18.12
N LEU C 168 -2.12 13.74 17.11
CA LEU C 168 -2.87 12.50 17.29
C LEU C 168 -1.98 11.38 17.79
N ASP C 169 -2.39 10.73 18.88
CA ASP C 169 -1.65 9.61 19.44
C ASP C 169 -2.15 8.28 18.90
N ARG C 170 -3.47 8.06 19.02
CA ARG C 170 -4.08 6.81 18.58
C ARG C 170 -5.17 7.08 17.55
N ALA C 171 -5.25 6.23 16.54
CA ALA C 171 -6.18 6.40 15.43
C ALA C 171 -7.63 6.43 15.90
N LEU C 172 -8.48 7.13 15.14
CA LEU C 172 -9.89 7.24 15.44
C LEU C 172 -10.68 6.08 14.83
N ASP C 173 -11.96 6.00 15.18
CA ASP C 173 -12.84 4.98 14.63
C ASP C 173 -14.29 5.43 14.74
N ARG C 174 -14.88 5.85 13.62
CA ARG C 174 -16.23 6.41 13.62
C ARG C 174 -17.28 5.39 14.06
N GLU C 175 -17.01 4.11 13.81
CA GLU C 175 -17.95 3.05 14.16
C GLU C 175 -18.05 2.85 15.67
N GLU C 176 -17.16 3.49 16.41
CA GLU C 176 -17.17 3.41 17.87
C GLU C 176 -17.45 4.77 18.50
N GLN C 177 -16.79 5.81 17.98
CA GLN C 177 -17.01 7.16 18.49
C GLN C 177 -16.94 8.20 17.36
N PRO C 178 -18.12 8.64 16.90
CA PRO C 178 -18.25 9.59 15.80
C PRO C 178 -17.73 11.00 16.14
N GLU C 179 -17.95 11.44 17.37
CA GLU C 179 -17.60 12.80 17.76
C GLU C 179 -16.82 12.87 19.07
N LEU C 180 -15.86 13.78 19.13
CA LEU C 180 -15.07 14.03 20.32
C LEU C 180 -15.17 15.49 20.75
N THR C 181 -15.38 15.71 22.05
CA THR C 181 -15.47 17.07 22.59
C THR C 181 -14.34 17.33 23.58
N LEU C 182 -13.55 18.36 23.31
CA LEU C 182 -12.39 18.67 24.15
C LEU C 182 -12.41 20.10 24.67
N ILE C 183 -11.67 20.34 25.76
CA ILE C 183 -11.51 21.67 26.32
C ILE C 183 -10.07 22.12 26.21
N LEU C 184 -9.82 23.10 25.35
CA LEU C 184 -8.47 23.63 25.17
C LEU C 184 -8.21 24.79 26.12
N THR C 185 -7.23 24.62 27.00
CA THR C 185 -6.92 25.61 28.01
C THR C 185 -5.54 26.25 27.79
N ALA C 186 -5.47 27.55 27.94
CA ALA C 186 -4.22 28.30 27.81
C ALA C 186 -3.84 28.91 29.15
N LEU C 187 -2.62 28.64 29.60
CA LEU C 187 -2.14 29.13 30.89
C LEU C 187 -1.07 30.21 30.73
N ASP C 188 -1.22 31.26 31.52
CA ASP C 188 -0.24 32.35 31.56
C ASP C 188 0.96 31.95 32.41
N GLY C 189 2.09 32.61 32.19
CA GLY C 189 3.30 32.31 32.94
C GLY C 189 3.46 33.22 34.14
N GLY C 190 2.56 34.19 34.29
CA GLY C 190 2.62 35.13 35.39
C GLY C 190 2.24 34.51 36.71
N ALA C 191 2.31 35.30 37.78
CA ALA C 191 1.97 34.83 39.12
C ALA C 191 0.99 35.78 39.79
N PRO C 192 -0.26 35.31 40.01
CA PRO C 192 -0.73 33.97 39.65
C PRO C 192 -1.13 33.88 38.17
N PRO C 193 -0.99 32.67 37.58
CA PRO C 193 -1.31 32.43 36.16
C PRO C 193 -2.78 32.68 35.83
N LYS C 194 -3.04 32.99 34.57
CA LYS C 194 -4.40 33.22 34.10
C LYS C 194 -4.79 32.21 33.01
N SER C 195 -6.05 31.81 33.00
CA SER C 195 -6.51 30.76 32.10
C SER C 195 -7.26 31.28 30.88
N GLY C 196 -7.47 30.39 29.91
CA GLY C 196 -8.29 30.69 28.75
C GLY C 196 -8.79 29.43 28.07
N THR C 197 -10.08 29.14 28.23
CA THR C 197 -10.63 27.89 27.70
C THR C 197 -11.40 28.08 26.39
N THR C 198 -11.51 27.00 25.62
CA THR C 198 -12.31 27.01 24.40
C THR C 198 -12.75 25.59 24.00
N THR C 199 -13.85 25.53 23.26
CA THR C 199 -14.39 24.26 22.78
C THR C 199 -13.60 23.73 21.57
N VAL C 200 -13.13 22.50 21.66
CA VAL C 200 -12.54 21.84 20.50
C VAL C 200 -13.43 20.67 20.09
N ARG C 201 -14.23 20.90 19.06
CA ARG C 201 -15.20 19.89 18.61
C ARG C 201 -14.69 19.14 17.38
N ILE C 202 -14.26 17.90 17.59
CA ILE C 202 -13.70 17.10 16.50
C ILE C 202 -14.63 15.98 16.07
N GLU C 203 -15.33 16.17 14.96
CA GLU C 203 -16.19 15.12 14.42
C GLU C 203 -15.44 14.30 13.38
N VAL C 204 -15.65 12.98 13.40
CA VAL C 204 -14.92 12.07 12.54
C VAL C 204 -15.62 11.85 11.20
N VAL C 205 -14.89 12.08 10.12
CA VAL C 205 -15.40 11.85 8.77
C VAL C 205 -15.38 10.35 8.46
N ASP C 206 -16.47 9.85 7.88
CA ASP C 206 -16.59 8.42 7.60
C ASP C 206 -15.63 7.95 6.51
N ILE C 207 -15.00 6.80 6.75
CA ILE C 207 -14.14 6.16 5.77
C ILE C 207 -14.57 4.71 5.57
N ASN C 208 -14.58 4.25 4.32
CA ASN C 208 -14.99 2.88 4.02
C ASN C 208 -13.91 1.87 4.41
N ASP C 209 -13.84 1.57 5.70
CA ASP C 209 -12.82 0.67 6.22
C ASP C 209 -13.44 -0.64 6.69
N ASN C 210 -14.76 -0.77 6.50
CA ASN C 210 -15.47 -1.99 6.86
C ASN C 210 -15.98 -2.75 5.64
N ALA C 211 -15.64 -4.03 5.56
CA ALA C 211 -16.12 -4.89 4.48
C ALA C 211 -17.43 -5.55 4.86
N PRO C 212 -18.37 -5.62 3.91
CA PRO C 212 -19.70 -6.21 4.16
C PRO C 212 -19.62 -7.69 4.51
N GLN C 213 -20.43 -8.11 5.49
CA GLN C 213 -20.46 -9.50 5.91
C GLN C 213 -21.89 -10.05 5.91
N PHE C 214 -22.03 -11.31 5.51
CA PHE C 214 -23.33 -11.96 5.50
C PHE C 214 -23.68 -12.50 6.89
N LEU C 215 -24.95 -12.42 7.25
CA LEU C 215 -25.43 -12.92 8.53
C LEU C 215 -25.20 -14.42 8.64
N GLN C 216 -25.50 -15.14 7.57
CA GLN C 216 -25.28 -16.58 7.51
C GLN C 216 -24.22 -16.93 6.47
N SER C 217 -23.26 -17.76 6.85
CA SER C 217 -22.19 -18.15 5.95
C SER C 217 -22.70 -19.07 4.84
N LEU C 218 -23.70 -19.89 5.17
CA LEU C 218 -24.26 -20.83 4.22
C LEU C 218 -25.78 -20.75 4.19
N TYR C 219 -26.36 -20.77 2.99
CA TYR C 219 -27.80 -20.76 2.82
C TYR C 219 -28.29 -22.03 2.13
N ALA C 220 -29.03 -22.85 2.87
CA ALA C 220 -29.56 -24.10 2.32
C ALA C 220 -31.09 -24.06 2.24
N VAL C 221 -31.62 -24.38 1.07
CA VAL C 221 -33.07 -24.36 0.87
C VAL C 221 -33.51 -25.43 -0.14
N GLU C 222 -34.57 -26.14 0.20
CA GLU C 222 -35.14 -27.16 -0.68
C GLU C 222 -36.32 -26.59 -1.45
N VAL C 223 -36.34 -26.85 -2.77
CA VAL C 223 -37.40 -26.33 -3.62
C VAL C 223 -37.95 -27.42 -4.55
N PRO C 224 -39.28 -27.54 -4.61
CA PRO C 224 -39.93 -28.51 -5.50
C PRO C 224 -39.63 -28.25 -6.97
N GLU C 225 -39.69 -29.28 -7.80
CA GLU C 225 -39.47 -29.15 -9.23
C GLU C 225 -40.61 -28.38 -9.89
N ASN C 226 -41.83 -28.62 -9.40
CA ASN C 226 -43.02 -27.96 -9.93
C ASN C 226 -43.31 -26.66 -9.19
N SER C 227 -42.27 -26.03 -8.68
CA SER C 227 -42.40 -24.76 -7.97
C SER C 227 -42.91 -23.66 -8.89
N PRO C 228 -43.80 -22.79 -8.36
CA PRO C 228 -44.37 -21.68 -9.12
C PRO C 228 -43.31 -20.73 -9.66
N LEU C 229 -43.62 -20.03 -10.74
CA LEU C 229 -42.69 -19.06 -11.31
C LEU C 229 -42.64 -17.81 -10.42
N ASN C 230 -41.48 -17.15 -10.41
CA ASN C 230 -41.25 -15.99 -9.55
C ASN C 230 -41.48 -16.29 -8.07
N ALA C 231 -41.11 -17.51 -7.65
CA ALA C 231 -41.25 -17.91 -6.26
C ALA C 231 -40.04 -17.47 -5.45
N LEU C 232 -40.29 -16.83 -4.30
CA LEU C 232 -39.22 -16.39 -3.43
C LEU C 232 -38.46 -17.59 -2.86
N VAL C 233 -37.33 -17.91 -3.47
CA VAL C 233 -36.52 -19.03 -3.01
C VAL C 233 -35.90 -18.73 -1.66
N VAL C 234 -35.17 -17.62 -1.56
CA VAL C 234 -34.55 -17.27 -0.28
C VAL C 234 -34.25 -15.77 -0.21
N THR C 235 -34.07 -15.24 1.01
CA THR C 235 -33.70 -13.85 1.18
C THR C 235 -32.37 -13.74 1.91
N VAL C 236 -31.34 -13.35 1.18
CA VAL C 236 -30.00 -13.23 1.75
C VAL C 236 -29.74 -11.78 2.16
N SER C 237 -29.05 -11.59 3.28
CA SER C 237 -28.81 -10.25 3.81
C SER C 237 -27.37 -10.07 4.28
N ALA C 238 -26.78 -8.94 3.91
CA ALA C 238 -25.43 -8.58 4.34
C ALA C 238 -25.43 -7.20 4.97
N ARG C 239 -24.62 -7.02 6.01
CA ARG C 239 -24.58 -5.76 6.74
C ARG C 239 -23.23 -5.05 6.60
N ASP C 240 -23.28 -3.72 6.60
CA ASP C 240 -22.08 -2.90 6.52
C ASP C 240 -21.97 -2.01 7.74
N LEU C 241 -20.85 -2.10 8.44
CA LEU C 241 -20.64 -1.32 9.66
C LEU C 241 -20.50 0.17 9.36
N ASP C 242 -20.06 0.49 8.16
CA ASP C 242 -19.93 1.88 7.73
C ASP C 242 -21.31 2.52 7.51
N ALA C 243 -21.32 3.81 7.23
CA ALA C 243 -22.58 4.54 7.02
C ALA C 243 -22.55 5.34 5.73
N GLY C 244 -23.73 5.74 5.27
CA GLY C 244 -23.85 6.53 4.05
C GLY C 244 -23.58 5.74 2.80
N ILE C 245 -22.89 6.35 1.84
CA ILE C 245 -22.57 5.71 0.58
C ILE C 245 -21.55 4.59 0.80
N HIS C 246 -20.80 4.69 1.90
CA HIS C 246 -19.83 3.67 2.26
C HIS C 246 -20.52 2.48 2.92
N GLY C 247 -21.80 2.65 3.23
CA GLY C 247 -22.58 1.62 3.90
C GLY C 247 -23.51 0.89 2.98
N ASN C 248 -23.87 1.52 1.86
CA ASN C 248 -24.74 0.90 0.87
C ASN C 248 -24.10 -0.36 0.27
N VAL C 249 -24.90 -1.39 0.09
CA VAL C 249 -24.40 -2.68 -0.38
C VAL C 249 -25.13 -3.15 -1.63
N ALA C 250 -24.43 -3.85 -2.50
CA ALA C 250 -25.01 -4.38 -3.73
C ALA C 250 -24.72 -5.87 -3.89
N TYR C 251 -25.75 -6.64 -4.21
CA TYR C 251 -25.63 -8.09 -4.34
C TYR C 251 -25.42 -8.52 -5.79
N SER C 252 -24.56 -9.51 -5.99
CA SER C 252 -24.32 -10.07 -7.32
C SER C 252 -24.20 -11.59 -7.23
N LEU C 253 -24.84 -12.29 -8.16
CA LEU C 253 -24.85 -13.76 -8.15
C LEU C 253 -23.75 -14.33 -9.03
N PHE C 254 -22.85 -15.10 -8.41
CA PHE C 254 -21.78 -15.77 -9.14
C PHE C 254 -22.05 -17.27 -9.24
N GLN C 255 -22.00 -17.78 -10.46
CA GLN C 255 -22.26 -19.19 -10.72
C GLN C 255 -20.96 -19.99 -10.78
N GLY C 256 -21.01 -21.23 -10.31
CA GLY C 256 -19.84 -22.09 -10.31
C GLY C 256 -19.85 -23.09 -11.45
N GLY C 257 -18.77 -23.11 -12.23
CA GLY C 257 -18.64 -24.03 -13.35
C GLY C 257 -19.49 -23.64 -14.54
N GLY C 258 -19.93 -24.62 -15.30
CA GLY C 258 -20.73 -24.38 -16.49
C GLY C 258 -22.20 -24.66 -16.25
N GLY C 259 -23.04 -24.25 -17.19
CA GLY C 259 -24.47 -24.48 -17.10
C GLY C 259 -25.22 -23.26 -16.58
N PRO C 260 -26.16 -22.74 -17.38
CA PRO C 260 -26.99 -21.60 -16.99
C PRO C 260 -27.91 -21.93 -15.82
N GLN C 261 -28.11 -20.96 -14.92
CA GLN C 261 -28.98 -21.15 -13.77
C GLN C 261 -30.23 -20.28 -13.89
N PRO C 262 -31.39 -20.83 -13.51
CA PRO C 262 -32.68 -20.14 -13.62
C PRO C 262 -32.95 -19.19 -12.46
N PHE C 263 -31.98 -19.02 -11.57
CA PHE C 263 -32.16 -18.20 -10.38
C PHE C 263 -31.66 -16.78 -10.61
N VAL C 264 -32.34 -15.82 -9.97
CA VAL C 264 -31.99 -14.41 -10.11
C VAL C 264 -31.98 -13.73 -8.75
N ILE C 265 -31.02 -12.83 -8.55
CA ILE C 265 -30.87 -12.10 -7.30
C ILE C 265 -31.23 -10.63 -7.47
N ASP C 266 -31.86 -10.06 -6.45
CA ASP C 266 -32.13 -8.63 -6.42
C ASP C 266 -30.97 -7.90 -5.75
N GLU C 267 -30.45 -6.88 -6.42
CA GLU C 267 -29.26 -6.18 -5.94
C GLU C 267 -29.49 -5.42 -4.63
N ILE C 268 -30.74 -5.03 -4.38
CA ILE C 268 -31.07 -4.22 -3.22
C ILE C 268 -31.57 -5.05 -2.04
N THR C 269 -32.70 -5.73 -2.24
CA THR C 269 -33.33 -6.49 -1.17
C THR C 269 -32.54 -7.76 -0.84
N GLY C 270 -31.93 -8.35 -1.86
CA GLY C 270 -31.19 -9.58 -1.68
C GLY C 270 -32.10 -10.79 -1.71
N GLU C 271 -33.02 -10.81 -2.65
CA GLU C 271 -33.99 -11.90 -2.75
C GLU C 271 -33.72 -12.81 -3.95
N ILE C 272 -33.17 -13.99 -3.67
CA ILE C 272 -33.00 -15.01 -4.70
C ILE C 272 -34.35 -15.64 -5.03
N ARG C 273 -34.76 -15.48 -6.29
CA ARG C 273 -36.05 -15.99 -6.76
C ARG C 273 -35.87 -16.74 -8.08
N LEU C 274 -36.89 -17.50 -8.46
CA LEU C 274 -36.82 -18.33 -9.66
C LEU C 274 -37.37 -17.60 -10.89
N LYS C 275 -36.56 -17.55 -11.96
CA LYS C 275 -36.96 -16.85 -13.18
C LYS C 275 -37.30 -17.84 -14.31
N GLY C 276 -36.62 -18.98 -14.31
CA GLY C 276 -36.84 -19.98 -15.34
C GLY C 276 -37.60 -21.19 -14.83
N ALA C 277 -37.54 -22.28 -15.59
CA ALA C 277 -38.22 -23.51 -15.20
C ALA C 277 -37.25 -24.50 -14.56
N LEU C 278 -37.75 -25.32 -13.66
CA LEU C 278 -36.92 -26.30 -12.97
C LEU C 278 -37.27 -27.73 -13.38
N ASP C 279 -36.24 -28.56 -13.51
CA ASP C 279 -36.42 -29.97 -13.82
C ASP C 279 -35.36 -30.81 -13.10
N PHE C 280 -35.82 -31.70 -12.22
CA PHE C 280 -34.92 -32.52 -11.42
C PHE C 280 -34.06 -33.45 -12.28
N GLU C 281 -34.62 -33.90 -13.40
CA GLU C 281 -33.95 -34.88 -14.26
C GLU C 281 -32.79 -34.27 -15.03
N ALA C 282 -32.89 -32.99 -15.34
CA ALA C 282 -31.80 -32.28 -16.01
C ALA C 282 -30.65 -32.06 -15.03
N THR C 283 -30.78 -31.04 -14.20
CA THR C 283 -29.81 -30.77 -13.14
C THR C 283 -30.50 -30.81 -11.78
N SER C 284 -29.92 -31.52 -10.83
CA SER C 284 -30.55 -31.73 -9.53
C SER C 284 -30.00 -30.81 -8.46
N TYR C 285 -28.71 -30.51 -8.53
CA TYR C 285 -28.05 -29.75 -7.48
C TYR C 285 -27.42 -28.46 -8.02
N TYR C 286 -27.63 -27.37 -7.30
CA TYR C 286 -27.08 -26.08 -7.67
C TYR C 286 -26.20 -25.51 -6.56
N THR C 287 -24.99 -25.08 -6.92
CA THR C 287 -24.10 -24.41 -5.97
C THR C 287 -23.65 -23.07 -6.53
N MET C 288 -24.00 -22.00 -5.83
CA MET C 288 -23.64 -20.66 -6.26
C MET C 288 -23.06 -19.84 -5.11
N GLU C 289 -22.60 -18.64 -5.42
CA GLU C 289 -22.09 -17.75 -4.39
C GLU C 289 -22.66 -16.34 -4.55
N ILE C 290 -23.27 -15.83 -3.49
CA ILE C 290 -23.77 -14.46 -3.49
C ILE C 290 -22.68 -13.54 -2.94
N VAL C 291 -22.39 -12.48 -3.70
CA VAL C 291 -21.34 -11.54 -3.33
C VAL C 291 -21.91 -10.15 -3.04
N ALA C 292 -21.66 -9.67 -1.83
CA ALA C 292 -22.08 -8.33 -1.43
C ALA C 292 -20.90 -7.37 -1.53
N THR C 293 -21.09 -6.25 -2.23
CA THR C 293 -20.02 -5.29 -2.42
C THR C 293 -20.51 -3.86 -2.20
N ASP C 294 -19.72 -3.08 -1.45
CA ASP C 294 -20.07 -1.68 -1.19
C ASP C 294 -19.73 -0.80 -2.40
N SER C 295 -19.65 0.50 -2.16
CA SER C 295 -19.31 1.44 -3.22
C SER C 295 -17.80 1.67 -3.29
N GLY C 296 -17.07 1.00 -2.42
CA GLY C 296 -15.63 1.16 -2.34
C GLY C 296 -14.85 0.00 -2.93
N GLY C 297 -15.49 -1.17 -2.96
CA GLY C 297 -14.87 -2.35 -3.54
C GLY C 297 -14.72 -3.50 -2.55
N LEU C 298 -14.86 -3.20 -1.27
CA LEU C 298 -14.81 -4.23 -0.24
C LEU C 298 -15.94 -5.22 -0.45
N SER C 299 -15.60 -6.51 -0.43
CA SER C 299 -16.58 -7.54 -0.73
C SER C 299 -16.69 -8.60 0.35
N GLY C 300 -17.85 -9.24 0.42
CA GLY C 300 -18.07 -10.38 1.28
C GLY C 300 -18.79 -11.43 0.47
N LYS C 301 -18.52 -12.70 0.72
CA LYS C 301 -19.13 -13.76 -0.07
C LYS C 301 -19.80 -14.81 0.80
N CYS C 302 -20.98 -15.26 0.38
CA CYS C 302 -21.67 -16.37 1.04
C CYS C 302 -21.97 -17.46 0.02
N THR C 303 -22.02 -18.70 0.48
CA THR C 303 -22.31 -19.82 -0.40
C THR C 303 -23.79 -20.21 -0.32
N VAL C 304 -24.46 -20.18 -1.45
CA VAL C 304 -25.84 -20.63 -1.53
C VAL C 304 -25.93 -21.96 -2.25
N ALA C 305 -26.22 -23.01 -1.49
CA ALA C 305 -26.40 -24.34 -2.04
C ALA C 305 -27.88 -24.70 -2.02
N ILE C 306 -28.41 -25.06 -3.17
CA ILE C 306 -29.83 -25.35 -3.31
C ILE C 306 -30.09 -26.54 -4.22
N GLN C 307 -30.80 -27.53 -3.68
CA GLN C 307 -31.15 -28.72 -4.44
C GLN C 307 -32.65 -28.77 -4.71
N VAL C 308 -33.01 -29.17 -5.93
CA VAL C 308 -34.41 -29.29 -6.30
C VAL C 308 -34.98 -30.63 -5.85
N LEU C 309 -36.30 -30.67 -5.62
CA LEU C 309 -36.97 -31.89 -5.20
C LEU C 309 -37.60 -32.59 -6.40
N ASP C 310 -37.53 -33.91 -6.42
CA ASP C 310 -38.06 -34.69 -7.54
C ASP C 310 -39.57 -34.90 -7.43
N VAL C 311 -40.25 -34.78 -8.56
CA VAL C 311 -41.67 -35.07 -8.63
C VAL C 311 -41.94 -36.04 -9.79
N ASN C 312 -42.96 -36.88 -9.64
CA ASN C 312 -43.27 -37.87 -10.65
C ASN C 312 -44.03 -37.26 -11.83
N ASP C 313 -43.29 -36.59 -12.71
CA ASP C 313 -43.89 -35.95 -13.87
C ASP C 313 -43.41 -36.59 -15.17
N ASN C 314 -42.85 -37.80 -15.06
CA ASN C 314 -42.38 -38.54 -16.22
C ASN C 314 -43.03 -39.91 -16.34
N ALA C 315 -43.77 -40.11 -17.42
CA ALA C 315 -44.38 -41.41 -17.69
C ALA C 315 -43.35 -42.37 -18.29
N PRO C 316 -43.43 -43.66 -17.95
CA PRO C 316 -42.51 -44.67 -18.45
C PRO C 316 -42.51 -44.77 -19.97
N LYS C 317 -41.34 -45.00 -20.56
CA LYS C 317 -41.22 -45.14 -22.01
C LYS C 317 -41.17 -46.61 -22.39
N LEU C 318 -42.20 -47.07 -23.10
CA LEU C 318 -42.31 -48.47 -23.51
C LEU C 318 -41.97 -48.67 -24.98
N THR C 319 -40.91 -49.42 -25.23
CA THR C 319 -40.50 -49.71 -26.61
C THR C 319 -40.55 -51.21 -26.89
N ILE C 320 -41.31 -51.60 -27.91
CA ILE C 320 -41.51 -53.00 -28.23
C ILE C 320 -40.97 -53.37 -29.60
N SER C 321 -40.25 -54.49 -29.66
CA SER C 321 -39.77 -55.04 -30.92
C SER C 321 -40.19 -56.50 -31.05
N SER C 322 -40.75 -56.86 -32.20
CA SER C 322 -41.26 -58.20 -32.42
C SER C 322 -40.24 -59.08 -33.14
N LEU C 323 -40.29 -60.37 -32.85
CA LEU C 323 -39.35 -61.33 -33.45
C LEU C 323 -40.08 -62.29 -34.40
N THR C 324 -41.17 -62.85 -33.92
CA THR C 324 -41.97 -63.78 -34.73
C THR C 324 -43.40 -63.26 -34.88
N SER C 325 -43.78 -62.96 -36.12
CA SER C 325 -45.14 -62.50 -36.41
C SER C 325 -46.15 -63.60 -36.15
N SER C 326 -45.90 -64.78 -36.70
CA SER C 326 -46.74 -65.94 -36.46
C SER C 326 -46.04 -66.93 -35.54
N ILE C 327 -46.81 -67.82 -34.94
CA ILE C 327 -46.24 -68.81 -34.02
C ILE C 327 -46.87 -70.18 -34.26
N PRO C 328 -46.06 -71.25 -34.20
CA PRO C 328 -46.59 -72.62 -34.31
C PRO C 328 -47.55 -72.95 -33.16
N GLU C 329 -48.37 -73.98 -33.36
CA GLU C 329 -49.37 -74.35 -32.36
C GLU C 329 -48.76 -74.99 -31.13
N ASN C 330 -48.34 -76.25 -31.26
CA ASN C 330 -47.82 -77.01 -30.13
C ASN C 330 -46.32 -76.85 -29.95
N ALA C 331 -45.81 -75.64 -30.17
CA ALA C 331 -44.40 -75.36 -29.96
C ALA C 331 -44.15 -74.81 -28.56
N PRO C 332 -43.45 -75.59 -27.72
CA PRO C 332 -43.17 -75.21 -26.33
C PRO C 332 -42.08 -74.15 -26.22
N GLU C 333 -42.18 -73.31 -25.19
CA GLU C 333 -41.20 -72.26 -24.92
C GLU C 333 -40.99 -71.35 -26.13
N ALA C 334 -42.08 -70.74 -26.59
CA ALA C 334 -42.02 -69.86 -27.76
C ALA C 334 -41.93 -68.39 -27.36
N VAL C 335 -41.02 -67.67 -27.99
CA VAL C 335 -40.84 -66.25 -27.71
C VAL C 335 -41.61 -65.39 -28.72
N VAL C 336 -42.58 -64.64 -28.23
CA VAL C 336 -43.40 -63.79 -29.08
C VAL C 336 -42.66 -62.53 -29.49
N ALA C 337 -42.47 -61.63 -28.53
CA ALA C 337 -41.77 -60.37 -28.79
C ALA C 337 -40.98 -59.93 -27.56
N VAL C 338 -40.09 -58.98 -27.75
CA VAL C 338 -39.28 -58.48 -26.64
C VAL C 338 -39.47 -56.98 -26.50
N PHE C 339 -39.48 -56.48 -25.28
CA PHE C 339 -39.69 -55.05 -25.05
C PHE C 339 -38.86 -54.52 -23.90
N SER C 340 -38.73 -53.21 -23.83
CA SER C 340 -37.99 -52.55 -22.76
C SER C 340 -38.67 -51.29 -22.29
N VAL C 341 -38.50 -50.98 -21.00
CA VAL C 341 -39.12 -49.79 -20.40
C VAL C 341 -38.06 -48.84 -19.87
N SER C 342 -38.41 -47.55 -19.80
CA SER C 342 -37.48 -46.53 -19.33
C SER C 342 -38.16 -45.54 -18.39
N ASP C 343 -37.37 -44.92 -17.52
CA ASP C 343 -37.89 -43.92 -16.59
C ASP C 343 -36.77 -43.00 -16.10
N PRO C 344 -36.83 -41.72 -16.48
CA PRO C 344 -35.83 -40.71 -16.12
C PRO C 344 -35.84 -40.33 -14.65
N ASP C 345 -36.97 -40.55 -13.97
CA ASP C 345 -37.11 -40.15 -12.57
C ASP C 345 -36.21 -40.95 -11.64
N SER C 346 -36.18 -40.55 -10.37
CA SER C 346 -35.37 -41.22 -9.36
C SER C 346 -36.23 -41.71 -8.20
N GLY C 347 -35.68 -42.60 -7.38
CA GLY C 347 -36.39 -43.14 -6.24
C GLY C 347 -37.55 -44.02 -6.65
N ASP C 348 -38.65 -43.92 -5.90
CA ASP C 348 -39.85 -44.68 -6.22
C ASP C 348 -40.50 -44.14 -7.50
N ASN C 349 -40.25 -42.87 -7.79
CA ASN C 349 -40.79 -42.24 -8.99
C ASN C 349 -40.15 -42.81 -10.25
N GLY C 350 -38.95 -43.38 -10.09
CA GLY C 350 -38.25 -44.01 -11.19
C GLY C 350 -38.44 -45.51 -11.19
N ARG C 351 -38.71 -46.06 -10.01
CA ARG C 351 -38.96 -47.49 -9.87
C ARG C 351 -40.29 -47.86 -10.53
N MET C 352 -40.24 -48.82 -11.44
CA MET C 352 -41.42 -49.19 -12.22
C MET C 352 -41.63 -50.69 -12.30
N VAL C 353 -42.88 -51.10 -12.30
CA VAL C 353 -43.24 -52.50 -12.49
C VAL C 353 -44.13 -52.65 -13.71
N CYS C 354 -43.93 -53.73 -14.46
CA CYS C 354 -44.71 -54.01 -15.65
C CYS C 354 -45.49 -55.31 -15.50
N SER C 355 -46.77 -55.27 -15.86
CA SER C 355 -47.63 -56.43 -15.70
C SER C 355 -48.54 -56.66 -16.89
N ILE C 356 -48.97 -57.91 -17.06
CA ILE C 356 -49.93 -58.27 -18.08
C ILE C 356 -51.10 -59.01 -17.45
N GLN C 357 -52.14 -59.27 -18.24
CA GLN C 357 -53.32 -59.97 -17.74
C GLN C 357 -53.00 -61.40 -17.34
N ASN C 358 -53.52 -61.83 -16.20
CA ASN C 358 -53.26 -63.18 -15.69
C ASN C 358 -54.04 -64.25 -16.44
N GLY C 359 -55.08 -63.82 -17.15
CA GLY C 359 -55.91 -64.74 -17.91
C GLY C 359 -55.18 -65.33 -19.10
N LEU C 360 -54.29 -64.54 -19.70
CA LEU C 360 -53.54 -64.99 -20.87
C LEU C 360 -52.49 -66.02 -20.49
N PRO C 361 -52.35 -67.07 -21.33
CA PRO C 361 -51.38 -68.15 -21.11
C PRO C 361 -49.93 -67.75 -21.39
N PHE C 362 -49.66 -66.45 -21.44
CA PHE C 362 -48.31 -65.96 -21.68
C PHE C 362 -47.58 -65.68 -20.38
N LEU C 363 -46.26 -65.57 -20.46
CA LEU C 363 -45.44 -65.33 -19.27
C LEU C 363 -44.33 -64.32 -19.56
N LEU C 364 -44.21 -63.32 -18.69
CA LEU C 364 -43.18 -62.30 -18.84
C LEU C 364 -41.93 -62.64 -18.04
N LYS C 365 -40.81 -62.80 -18.73
CA LYS C 365 -39.55 -63.15 -18.10
C LYS C 365 -38.51 -62.05 -18.27
N PRO C 366 -38.04 -61.49 -17.15
CA PRO C 366 -37.03 -60.42 -17.16
C PRO C 366 -35.64 -60.93 -17.55
N THR C 367 -35.20 -60.57 -18.76
CA THR C 367 -33.88 -60.98 -19.23
C THR C 367 -32.80 -60.00 -18.77
N PHE C 368 -32.89 -58.76 -19.24
CA PHE C 368 -31.93 -57.74 -18.83
C PHE C 368 -32.60 -56.69 -17.95
N LYS C 369 -31.80 -55.84 -17.33
CA LYS C 369 -32.31 -54.76 -16.50
C LYS C 369 -33.17 -53.81 -17.33
N ASN C 370 -34.42 -53.63 -16.89
CA ASN C 370 -35.41 -52.86 -17.64
C ASN C 370 -35.57 -53.38 -19.07
N PHE C 371 -35.51 -54.70 -19.21
CA PHE C 371 -35.56 -55.35 -20.51
C PHE C 371 -36.18 -56.74 -20.37
N TYR C 372 -37.48 -56.82 -20.65
CA TYR C 372 -38.26 -58.04 -20.43
C TYR C 372 -38.59 -58.74 -21.75
N THR C 373 -39.03 -59.98 -21.65
CA THR C 373 -39.34 -60.77 -22.85
C THR C 373 -40.69 -61.48 -22.72
N LEU C 374 -41.53 -61.32 -23.74
CA LEU C 374 -42.84 -61.95 -23.77
C LEU C 374 -42.76 -63.38 -24.31
N VAL C 375 -42.92 -64.35 -23.42
CA VAL C 375 -42.78 -65.76 -23.79
C VAL C 375 -44.02 -66.57 -23.43
N THR C 376 -44.44 -67.46 -24.33
CA THR C 376 -45.54 -68.37 -24.05
C THR C 376 -45.16 -69.35 -22.94
N GLU C 377 -46.10 -69.58 -22.03
CA GLU C 377 -45.85 -70.45 -20.88
C GLU C 377 -46.02 -71.93 -21.24
N ARG C 378 -46.91 -72.21 -22.17
CA ARG C 378 -47.24 -73.58 -22.52
C ARG C 378 -47.73 -73.70 -23.96
N PRO C 379 -47.52 -74.88 -24.58
CA PRO C 379 -48.09 -75.16 -25.90
C PRO C 379 -49.61 -75.06 -25.87
N LEU C 380 -50.22 -74.65 -26.97
CA LEU C 380 -51.67 -74.45 -26.99
C LEU C 380 -52.25 -74.58 -28.39
N ASP C 381 -53.40 -75.23 -28.49
CA ASP C 381 -54.08 -75.42 -29.77
C ASP C 381 -54.97 -74.22 -30.08
N ARG C 382 -55.48 -74.18 -31.31
CA ARG C 382 -56.30 -73.07 -31.77
C ARG C 382 -57.71 -73.13 -31.18
N GLU C 383 -58.09 -74.30 -30.67
CA GLU C 383 -59.43 -74.52 -30.14
C GLU C 383 -59.77 -73.57 -28.99
N SER C 384 -58.78 -73.23 -28.18
CA SER C 384 -58.99 -72.31 -27.06
C SER C 384 -59.18 -70.89 -27.55
N ASN C 385 -58.19 -70.38 -28.29
CA ASN C 385 -58.26 -69.05 -28.86
C ASN C 385 -57.42 -68.94 -30.13
N ALA C 386 -57.99 -68.32 -31.16
CA ALA C 386 -57.34 -68.22 -32.45
C ALA C 386 -56.36 -67.05 -32.52
N GLU C 387 -56.77 -65.91 -32.00
CA GLU C 387 -55.95 -64.70 -32.05
C GLU C 387 -55.81 -64.08 -30.67
N TYR C 388 -54.66 -63.48 -30.40
CA TYR C 388 -54.38 -62.92 -29.08
C TYR C 388 -53.99 -61.45 -29.12
N ASN C 389 -54.59 -60.67 -28.22
CA ASN C 389 -54.22 -59.26 -28.02
C ASN C 389 -53.65 -59.06 -26.62
N ILE C 390 -52.33 -59.04 -26.53
CA ILE C 390 -51.66 -58.91 -25.24
C ILE C 390 -51.43 -57.44 -24.87
N THR C 391 -52.14 -56.97 -23.86
CA THR C 391 -52.01 -55.58 -23.41
C THR C 391 -51.01 -55.45 -22.27
N ILE C 392 -49.80 -55.00 -22.59
CA ILE C 392 -48.77 -54.78 -21.60
C ILE C 392 -49.00 -53.47 -20.86
N THR C 393 -49.01 -53.52 -19.54
CA THR C 393 -49.24 -52.32 -18.74
C THR C 393 -48.09 -52.07 -17.75
N VAL C 394 -47.29 -51.05 -18.02
CA VAL C 394 -46.17 -50.70 -17.15
C VAL C 394 -46.45 -49.39 -16.41
N SER C 395 -46.20 -49.40 -15.11
CA SER C 395 -46.47 -48.23 -14.28
C SER C 395 -45.36 -48.03 -13.24
N ASP C 396 -45.04 -46.77 -12.95
CA ASP C 396 -44.05 -46.46 -11.94
C ASP C 396 -44.63 -46.66 -10.54
N LEU C 397 -43.77 -46.60 -9.53
CA LEU C 397 -44.22 -46.76 -8.14
C LEU C 397 -44.10 -45.45 -7.38
N GLY C 398 -44.16 -44.33 -8.11
CA GLY C 398 -44.07 -43.02 -7.51
C GLY C 398 -45.43 -42.47 -7.13
N THR C 399 -45.44 -41.30 -6.49
CA THR C 399 -46.68 -40.67 -6.06
C THR C 399 -46.80 -39.26 -6.62
N PRO C 400 -47.81 -39.02 -7.47
CA PRO C 400 -48.80 -40.00 -7.94
C PRO C 400 -48.22 -40.97 -8.98
N ARG C 401 -48.91 -42.08 -9.22
CA ARG C 401 -48.44 -43.10 -10.14
C ARG C 401 -48.79 -42.78 -11.59
N LEU C 402 -47.78 -42.73 -12.44
CA LEU C 402 -47.98 -42.53 -13.87
C LEU C 402 -47.93 -43.86 -14.61
N THR C 403 -49.00 -44.20 -15.31
CA THR C 403 -49.11 -45.49 -15.97
C THR C 403 -49.12 -45.36 -17.49
N THR C 404 -48.65 -46.38 -18.18
CA THR C 404 -48.69 -46.43 -19.63
C THR C 404 -48.87 -47.86 -20.11
N GLN C 405 -49.73 -48.05 -21.10
CA GLN C 405 -50.05 -49.39 -21.59
C GLN C 405 -50.13 -49.44 -23.12
N HIS C 406 -49.83 -50.61 -23.68
CA HIS C 406 -49.89 -50.80 -25.12
C HIS C 406 -50.16 -52.26 -25.47
N THR C 407 -51.01 -52.48 -26.47
CA THR C 407 -51.38 -53.83 -26.87
C THR C 407 -50.51 -54.32 -28.03
N ILE C 408 -50.36 -55.64 -28.13
CA ILE C 408 -49.64 -56.25 -29.25
C ILE C 408 -50.37 -57.53 -29.69
N THR C 409 -50.56 -57.67 -31.00
CA THR C 409 -51.35 -58.77 -31.54
C THR C 409 -50.48 -59.92 -32.05
N VAL C 410 -50.81 -61.13 -31.61
CA VAL C 410 -50.07 -62.33 -32.04
C VAL C 410 -51.06 -63.45 -32.39
N GLN C 411 -50.77 -64.16 -33.48
CA GLN C 411 -51.64 -65.22 -33.95
C GLN C 411 -50.97 -66.60 -33.92
N VAL C 412 -51.79 -67.64 -33.83
CA VAL C 412 -51.30 -69.02 -33.88
C VAL C 412 -51.81 -69.67 -35.16
N SER C 413 -50.97 -70.48 -35.80
CA SER C 413 -51.35 -71.07 -37.10
C SER C 413 -50.73 -72.45 -37.33
N ASP C 414 -50.86 -72.92 -38.58
CA ASP C 414 -50.29 -74.18 -39.05
C ASP C 414 -50.90 -75.44 -38.41
N ILE C 415 -51.83 -75.25 -37.48
CA ILE C 415 -52.50 -76.38 -36.83
C ILE C 415 -53.76 -75.93 -36.08
N ASN C 416 -54.77 -76.78 -36.10
CA ASN C 416 -56.02 -76.48 -35.40
C ASN C 416 -55.98 -76.92 -33.94
N ALA D 2 -22.26 -59.52 -22.73
CA ALA D 2 -22.23 -58.06 -22.63
C ALA D 2 -20.85 -57.52 -23.00
N ILE D 3 -20.69 -57.12 -24.25
CA ILE D 3 -19.43 -56.56 -24.72
C ILE D 3 -19.42 -55.04 -24.61
N SER D 4 -18.22 -54.46 -24.61
CA SER D 4 -18.08 -53.02 -24.49
C SER D 4 -17.03 -52.47 -25.45
N TYR D 5 -17.38 -51.38 -26.14
CA TYR D 5 -16.46 -50.72 -27.05
C TYR D 5 -16.32 -49.25 -26.69
N SER D 6 -15.11 -48.70 -26.84
CA SER D 6 -14.87 -47.30 -26.55
C SER D 6 -14.50 -46.54 -27.82
N MET D 7 -14.97 -45.30 -27.92
CA MET D 7 -14.70 -44.47 -29.09
C MET D 7 -14.74 -42.98 -28.73
N PRO D 8 -13.83 -42.20 -29.32
CA PRO D 8 -13.75 -40.75 -29.10
C PRO D 8 -15.04 -40.02 -29.49
N GLU D 9 -15.25 -38.84 -28.92
CA GLU D 9 -16.44 -38.05 -29.20
C GLU D 9 -16.34 -37.39 -30.58
N GLU D 10 -17.50 -37.11 -31.18
CA GLU D 10 -17.58 -36.41 -32.45
C GLU D 10 -16.85 -37.15 -33.58
N THR D 11 -16.98 -38.47 -33.58
CA THR D 11 -16.39 -39.28 -34.65
C THR D 11 -17.25 -39.20 -35.90
N GLU D 12 -16.61 -39.01 -37.05
CA GLU D 12 -17.31 -38.86 -38.32
C GLU D 12 -18.18 -40.08 -38.63
N SER D 13 -19.33 -39.84 -39.26
CA SER D 13 -20.26 -40.90 -39.61
C SER D 13 -19.65 -41.85 -40.65
N GLY D 14 -20.00 -43.12 -40.54
CA GLY D 14 -19.47 -44.13 -41.45
C GLY D 14 -18.21 -44.76 -40.89
N TYR D 15 -17.87 -44.40 -39.66
CA TYR D 15 -16.69 -44.93 -38.98
C TYR D 15 -16.87 -46.39 -38.60
N LEU D 16 -15.83 -47.19 -38.80
CA LEU D 16 -15.86 -48.60 -38.43
C LEU D 16 -15.68 -48.77 -36.92
N VAL D 17 -16.78 -49.03 -36.23
CA VAL D 17 -16.75 -49.24 -34.79
C VAL D 17 -15.93 -50.47 -34.43
N ALA D 18 -16.44 -51.64 -34.82
CA ALA D 18 -15.76 -52.90 -34.56
C ALA D 18 -16.33 -54.01 -35.43
N ASN D 19 -15.48 -54.96 -35.80
CA ASN D 19 -15.93 -56.13 -36.55
C ASN D 19 -16.83 -57.00 -35.69
N LEU D 20 -18.13 -56.73 -35.74
CA LEU D 20 -19.10 -57.42 -34.89
C LEU D 20 -19.13 -58.92 -35.14
N ALA D 21 -19.03 -59.31 -36.41
CA ALA D 21 -19.04 -60.72 -36.78
C ALA D 21 -17.84 -61.46 -36.20
N GLN D 22 -16.68 -60.81 -36.25
CA GLN D 22 -15.44 -61.40 -35.75
C GLN D 22 -15.42 -61.46 -34.22
N ASP D 23 -15.95 -60.42 -33.59
CA ASP D 23 -15.96 -60.34 -32.14
C ASP D 23 -16.95 -61.32 -31.53
N LEU D 24 -18.14 -61.43 -32.14
CA LEU D 24 -19.15 -62.37 -31.68
C LEU D 24 -18.72 -63.81 -31.95
N GLY D 25 -17.83 -63.99 -32.92
CA GLY D 25 -17.40 -65.31 -33.31
C GLY D 25 -18.45 -65.99 -34.17
N LEU D 26 -19.16 -65.19 -34.96
CA LEU D 26 -20.24 -65.70 -35.79
C LEU D 26 -19.85 -65.69 -37.26
N ARG D 27 -20.57 -66.48 -38.05
CA ARG D 27 -20.36 -66.51 -39.50
C ARG D 27 -21.31 -65.52 -40.18
N VAL D 28 -20.92 -65.06 -41.37
CA VAL D 28 -21.71 -64.09 -42.11
C VAL D 28 -23.07 -64.66 -42.51
N GLY D 29 -23.07 -65.88 -43.02
CA GLY D 29 -24.30 -66.57 -43.39
C GLY D 29 -25.20 -66.75 -42.19
N GLU D 30 -24.61 -67.13 -41.07
CA GLU D 30 -25.35 -67.27 -39.82
C GLU D 30 -25.84 -65.90 -39.35
N LEU D 31 -25.05 -64.87 -39.62
CA LEU D 31 -25.39 -63.52 -39.20
C LEU D 31 -26.62 -63.00 -39.94
N THR D 32 -26.70 -63.29 -41.24
CA THR D 32 -27.81 -62.80 -42.05
C THR D 32 -29.02 -63.73 -42.01
N THR D 33 -28.80 -64.98 -41.64
CA THR D 33 -29.89 -65.95 -41.53
C THR D 33 -30.77 -65.63 -40.33
N ARG D 34 -30.13 -65.17 -39.26
CA ARG D 34 -30.83 -64.92 -38.00
C ARG D 34 -31.44 -63.52 -37.94
N GLY D 35 -31.41 -62.83 -39.08
CA GLY D 35 -32.00 -61.50 -39.17
C GLY D 35 -31.49 -60.53 -38.13
N ALA D 36 -30.19 -60.25 -38.18
CA ALA D 36 -29.53 -59.39 -37.20
C ALA D 36 -30.05 -57.96 -37.27
N ARG D 37 -30.62 -57.48 -36.17
CA ARG D 37 -31.06 -56.08 -36.13
C ARG D 37 -30.70 -55.41 -34.80
N ILE D 38 -30.96 -54.11 -34.72
CA ILE D 38 -30.60 -53.34 -33.53
C ILE D 38 -31.85 -52.85 -32.78
N HIS D 39 -31.72 -52.71 -31.47
CA HIS D 39 -32.86 -52.34 -30.63
C HIS D 39 -32.44 -51.56 -29.38
N HIS D 40 -33.23 -50.54 -29.06
CA HIS D 40 -33.02 -49.72 -27.87
C HIS D 40 -34.25 -48.87 -27.55
N ASN D 41 -34.15 -48.06 -26.50
CA ASN D 41 -35.27 -47.23 -26.06
C ASN D 41 -35.20 -45.80 -26.59
N GLY D 42 -33.99 -45.34 -26.91
CA GLY D 42 -33.76 -43.98 -27.37
C GLY D 42 -34.56 -43.61 -28.60
N ASN D 43 -34.70 -42.30 -28.83
CA ASN D 43 -35.47 -41.79 -29.96
C ASN D 43 -34.78 -42.05 -31.29
N LYS D 44 -33.53 -41.62 -31.39
CA LYS D 44 -32.77 -41.77 -32.64
C LYS D 44 -31.73 -42.88 -32.55
N GLU D 45 -31.53 -43.58 -33.66
CA GLU D 45 -30.55 -44.65 -33.72
C GLU D 45 -29.19 -44.11 -34.16
N LEU D 46 -28.24 -44.09 -33.24
CA LEU D 46 -26.92 -43.54 -33.51
C LEU D 46 -26.06 -44.47 -34.37
N LEU D 47 -26.17 -45.77 -34.13
CA LEU D 47 -25.37 -46.75 -34.84
C LEU D 47 -26.20 -47.57 -35.81
N GLN D 48 -25.58 -47.99 -36.91
CA GLN D 48 -26.22 -48.86 -37.88
C GLN D 48 -25.54 -50.21 -37.93
N LEU D 49 -26.28 -51.22 -38.37
CA LEU D 49 -25.74 -52.58 -38.45
C LEU D 49 -25.63 -53.04 -39.90
N ASP D 50 -24.40 -53.10 -40.39
CA ASP D 50 -24.14 -53.63 -41.73
C ASP D 50 -24.04 -55.15 -41.67
N ALA D 51 -25.17 -55.81 -41.84
CA ALA D 51 -25.27 -57.26 -41.67
C ALA D 51 -24.58 -58.02 -42.79
N GLU D 52 -24.64 -57.48 -44.00
CA GLU D 52 -24.07 -58.15 -45.17
C GLU D 52 -22.55 -58.22 -45.09
N ARG D 53 -21.94 -57.17 -44.55
CA ARG D 53 -20.48 -57.13 -44.40
C ARG D 53 -20.07 -57.57 -43.00
N GLY D 54 -21.06 -57.66 -42.11
CA GLY D 54 -20.82 -58.08 -40.74
C GLY D 54 -20.05 -57.07 -39.93
N ASN D 55 -20.39 -55.80 -40.09
CA ASN D 55 -19.72 -54.73 -39.37
C ASN D 55 -20.70 -53.76 -38.69
N LEU D 56 -20.26 -53.18 -37.58
CA LEU D 56 -21.06 -52.19 -36.87
C LEU D 56 -20.58 -50.79 -37.23
N LEU D 57 -21.48 -49.96 -37.76
CA LEU D 57 -21.11 -48.63 -38.21
C LEU D 57 -21.82 -47.53 -37.44
N LEU D 58 -21.45 -46.28 -37.72
CA LEU D 58 -22.09 -45.13 -37.10
C LEU D 58 -23.01 -44.43 -38.09
N LYS D 59 -24.21 -44.08 -37.64
CA LYS D 59 -25.18 -43.41 -38.50
C LYS D 59 -25.11 -41.89 -38.33
N GLU D 60 -25.02 -41.44 -37.09
CA GLU D 60 -25.02 -40.02 -36.77
C GLU D 60 -23.80 -39.64 -35.95
N LYS D 61 -23.35 -38.39 -36.09
CA LYS D 61 -22.22 -37.89 -35.32
C LYS D 61 -22.63 -37.68 -33.87
N PRO D 62 -22.00 -38.44 -32.96
CA PRO D 62 -22.35 -38.40 -31.53
C PRO D 62 -21.73 -37.22 -30.78
N ASP D 63 -22.56 -36.50 -30.03
CA ASP D 63 -22.09 -35.42 -29.17
C ASP D 63 -22.38 -35.76 -27.71
N ARG D 64 -21.34 -35.80 -26.88
CA ARG D 64 -21.47 -36.17 -25.48
C ARG D 64 -22.35 -35.18 -24.72
N GLU D 65 -22.06 -33.89 -24.89
CA GLU D 65 -22.71 -32.86 -24.09
C GLU D 65 -24.20 -32.68 -24.42
N ALA D 66 -24.57 -33.06 -25.64
CA ALA D 66 -25.97 -32.93 -26.07
C ALA D 66 -26.75 -34.21 -25.85
N LEU D 67 -26.06 -35.25 -25.38
CA LEU D 67 -26.68 -36.55 -25.17
C LEU D 67 -26.74 -36.91 -23.69
N CYS D 68 -25.59 -36.86 -23.02
CA CYS D 68 -25.51 -37.19 -21.60
C CYS D 68 -25.43 -35.93 -20.75
N GLY D 69 -24.42 -35.12 -20.98
CA GLY D 69 -24.24 -33.88 -20.25
C GLY D 69 -23.35 -34.04 -19.04
N ALA D 70 -23.95 -33.92 -17.86
CA ALA D 70 -23.19 -33.99 -16.60
C ALA D 70 -22.93 -35.43 -16.17
N THR D 71 -23.77 -36.35 -16.64
CA THR D 71 -23.62 -37.75 -16.29
C THR D 71 -22.35 -38.35 -16.87
N GLU D 72 -21.55 -38.98 -16.01
CA GLU D 72 -20.27 -39.56 -16.41
C GLU D 72 -20.06 -40.91 -15.71
N PRO D 73 -19.62 -41.93 -16.45
CA PRO D 73 -19.29 -41.93 -17.88
C PRO D 73 -20.52 -41.94 -18.79
N CYS D 74 -20.34 -41.45 -20.01
CA CYS D 74 -21.42 -41.44 -20.99
C CYS D 74 -21.43 -42.75 -21.79
N VAL D 75 -21.81 -43.83 -21.12
CA VAL D 75 -21.87 -45.13 -21.77
C VAL D 75 -23.32 -45.47 -22.12
N LEU D 76 -23.57 -45.70 -23.41
CA LEU D 76 -24.91 -45.97 -23.89
C LEU D 76 -25.05 -47.46 -24.25
N HIS D 77 -25.91 -48.16 -23.52
CA HIS D 77 -26.06 -49.60 -23.69
C HIS D 77 -27.25 -49.96 -24.57
N PHE D 78 -26.96 -50.50 -25.76
CA PHE D 78 -28.01 -50.93 -26.68
C PHE D 78 -27.98 -52.44 -26.86
N GLN D 79 -29.03 -53.00 -27.44
CA GLN D 79 -29.12 -54.46 -27.56
C GLN D 79 -29.55 -54.92 -28.95
N ILE D 80 -28.77 -55.83 -29.53
CA ILE D 80 -29.07 -56.38 -30.85
C ILE D 80 -29.89 -57.66 -30.74
N ILE D 81 -30.67 -57.95 -31.77
CA ILE D 81 -31.57 -59.09 -31.78
C ILE D 81 -31.34 -60.00 -32.99
N LEU D 82 -31.28 -61.30 -32.72
CA LEU D 82 -31.18 -62.33 -33.76
C LEU D 82 -32.41 -63.23 -33.67
N GLU D 83 -32.82 -63.81 -34.80
CA GLU D 83 -34.10 -64.54 -34.86
C GLU D 83 -34.01 -66.03 -34.56
N ASN D 84 -33.12 -66.73 -35.25
CA ASN D 84 -33.08 -68.20 -35.15
C ASN D 84 -31.74 -68.75 -34.65
N PRO D 85 -31.71 -69.22 -33.40
CA PRO D 85 -32.84 -69.20 -32.47
C PRO D 85 -32.97 -67.87 -31.74
N VAL D 86 -34.05 -67.70 -30.99
CA VAL D 86 -34.29 -66.47 -30.25
C VAL D 86 -33.20 -66.24 -29.20
N GLN D 87 -32.36 -65.24 -29.44
CA GLN D 87 -31.29 -64.89 -28.52
C GLN D 87 -31.15 -63.38 -28.36
N PHE D 88 -30.75 -62.95 -27.17
CA PHE D 88 -30.60 -61.54 -26.88
C PHE D 88 -29.15 -61.22 -26.50
N PHE D 89 -28.64 -60.13 -27.04
CA PHE D 89 -27.25 -59.74 -26.79
C PHE D 89 -27.17 -58.31 -26.28
N GLN D 90 -25.99 -57.93 -25.78
CA GLN D 90 -25.82 -56.61 -25.21
C GLN D 90 -24.52 -55.95 -25.65
N THR D 91 -24.62 -54.69 -26.09
CA THR D 91 -23.44 -53.93 -26.51
C THR D 91 -23.41 -52.56 -25.83
N ASP D 92 -22.32 -52.27 -25.15
CA ASP D 92 -22.15 -50.98 -24.49
C ASP D 92 -21.21 -50.08 -25.29
N LEU D 93 -21.69 -48.89 -25.64
CA LEU D 93 -20.90 -47.95 -26.41
C LEU D 93 -20.47 -46.75 -25.56
N GLN D 94 -19.19 -46.70 -25.23
CA GLN D 94 -18.65 -45.63 -24.40
C GLN D 94 -18.03 -44.52 -25.25
N PHE D 95 -18.41 -43.27 -24.95
CA PHE D 95 -17.88 -42.12 -25.66
C PHE D 95 -16.83 -41.39 -24.82
N THR D 96 -15.57 -41.54 -25.21
CA THR D 96 -14.47 -40.87 -24.52
C THR D 96 -14.54 -39.37 -24.76
N ASP D 97 -14.52 -38.61 -23.66
CA ASP D 97 -14.60 -37.16 -23.74
C ASP D 97 -13.40 -36.58 -24.49
N ILE D 98 -13.67 -35.61 -25.36
CA ILE D 98 -12.62 -34.92 -26.09
C ILE D 98 -12.70 -33.42 -25.81
N ASN D 99 -11.56 -32.75 -25.77
CA ASN D 99 -11.53 -31.31 -25.54
C ASN D 99 -11.99 -30.57 -26.79
N ASP D 100 -13.30 -30.46 -26.95
CA ASP D 100 -13.88 -29.84 -28.15
C ASP D 100 -14.69 -28.58 -27.82
N HIS D 101 -14.36 -27.95 -26.70
CA HIS D 101 -15.05 -26.74 -26.28
C HIS D 101 -14.07 -25.64 -25.84
N PHE D 102 -14.37 -24.42 -26.26
CA PHE D 102 -13.58 -23.26 -25.84
C PHE D 102 -14.14 -22.69 -24.54
N PRO D 103 -13.25 -22.37 -23.58
CA PRO D 103 -13.67 -21.67 -22.37
C PRO D 103 -14.33 -20.34 -22.69
N GLU D 104 -15.53 -20.11 -22.19
CA GLU D 104 -16.28 -18.92 -22.53
C GLU D 104 -16.82 -18.19 -21.30
N PHE D 105 -16.47 -16.92 -21.18
CA PHE D 105 -16.97 -16.09 -20.09
C PHE D 105 -18.30 -15.46 -20.46
N PRO D 106 -19.20 -15.29 -19.47
CA PRO D 106 -20.51 -14.67 -19.67
C PRO D 106 -20.41 -13.26 -20.24
N ASP D 107 -19.59 -12.42 -19.61
CA ASP D 107 -19.41 -11.04 -20.06
C ASP D 107 -18.01 -10.81 -20.63
N THR D 108 -17.93 -10.01 -21.68
CA THR D 108 -16.65 -9.71 -22.31
C THR D 108 -15.83 -8.74 -21.48
N GLU D 109 -16.50 -7.99 -20.61
CA GLU D 109 -15.83 -7.04 -19.73
C GLU D 109 -16.58 -6.87 -18.42
N MET D 110 -15.85 -6.98 -17.32
CA MET D 110 -16.43 -6.80 -15.98
C MET D 110 -15.78 -5.64 -15.26
N LEU D 111 -16.60 -4.80 -14.63
CA LEU D 111 -16.11 -3.59 -13.99
C LEU D 111 -15.86 -3.79 -12.49
N LEU D 112 -14.67 -3.43 -12.05
CA LEU D 112 -14.33 -3.47 -10.63
C LEU D 112 -13.90 -2.09 -10.13
N LYS D 113 -14.46 -1.68 -9.00
CA LYS D 113 -14.12 -0.40 -8.41
C LYS D 113 -13.46 -0.60 -7.04
N ILE D 114 -12.14 -0.68 -7.03
CA ILE D 114 -11.40 -0.91 -5.79
C ILE D 114 -10.83 0.39 -5.23
N GLN D 115 -11.01 0.60 -3.92
CA GLN D 115 -10.54 1.83 -3.28
C GLN D 115 -9.02 1.88 -3.23
N GLU D 116 -8.50 3.10 -3.19
CA GLU D 116 -7.06 3.35 -3.27
C GLU D 116 -6.29 2.75 -2.10
N ILE D 117 -6.93 2.67 -0.93
CA ILE D 117 -6.28 2.19 0.27
C ILE D 117 -6.49 0.68 0.50
N ALA D 118 -6.56 -0.07 -0.59
CA ALA D 118 -6.71 -1.51 -0.50
C ALA D 118 -5.39 -2.18 -0.10
N GLN D 119 -5.43 -2.96 0.97
CA GLN D 119 -4.23 -3.63 1.47
C GLN D 119 -3.86 -4.82 0.59
N PRO D 120 -2.55 -5.08 0.43
CA PRO D 120 -2.06 -6.23 -0.33
C PRO D 120 -2.54 -7.55 0.26
N GLY D 121 -2.84 -8.52 -0.61
CA GLY D 121 -3.33 -9.80 -0.17
C GLY D 121 -4.84 -9.86 -0.10
N THR D 122 -5.49 -8.76 -0.48
CA THR D 122 -6.94 -8.69 -0.49
C THR D 122 -7.50 -9.34 -1.75
N VAL D 123 -8.44 -10.26 -1.57
CA VAL D 123 -9.01 -11.01 -2.69
C VAL D 123 -10.28 -10.35 -3.23
N PHE D 124 -10.53 -10.57 -4.51
CA PHE D 124 -11.72 -10.03 -5.17
C PHE D 124 -12.34 -11.09 -6.07
N PRO D 125 -13.65 -11.34 -5.90
CA PRO D 125 -14.35 -12.43 -6.59
C PRO D 125 -14.47 -12.21 -8.10
N LEU D 126 -14.39 -13.31 -8.85
CA LEU D 126 -14.52 -13.25 -10.31
C LEU D 126 -15.45 -14.36 -10.80
N LYS D 127 -16.25 -14.06 -11.82
CA LYS D 127 -17.14 -15.05 -12.41
C LYS D 127 -16.34 -16.10 -13.18
N ALA D 128 -16.59 -17.36 -12.87
CA ALA D 128 -15.88 -18.46 -13.51
C ALA D 128 -16.38 -18.67 -14.94
N ALA D 129 -15.53 -19.27 -15.77
CA ALA D 129 -15.89 -19.57 -17.15
C ALA D 129 -16.73 -20.83 -17.22
N GLN D 130 -17.49 -20.99 -18.30
CA GLN D 130 -18.34 -22.16 -18.47
C GLN D 130 -17.72 -23.17 -19.45
N ASP D 131 -17.65 -24.42 -19.02
CA ASP D 131 -17.09 -25.48 -19.85
C ASP D 131 -17.89 -26.78 -19.65
N PRO D 132 -18.69 -27.16 -20.65
CA PRO D 132 -19.55 -28.34 -20.61
C PRO D 132 -18.77 -29.66 -20.52
N ASP D 133 -17.45 -29.61 -20.65
CA ASP D 133 -16.62 -30.80 -20.58
C ASP D 133 -16.51 -31.32 -19.14
N ILE D 134 -15.97 -32.52 -18.99
CA ILE D 134 -15.84 -33.15 -17.68
C ILE D 134 -14.41 -33.63 -17.43
N GLY D 135 -13.91 -33.37 -16.23
CA GLY D 135 -12.60 -33.84 -15.84
C GLY D 135 -11.46 -32.94 -16.27
N SER D 136 -10.48 -33.52 -16.95
CA SER D 136 -9.31 -32.77 -17.40
C SER D 136 -9.60 -32.02 -18.70
N ASN D 137 -10.77 -32.26 -19.27
CA ASN D 137 -11.16 -31.62 -20.52
C ASN D 137 -11.85 -30.28 -20.29
N ALA D 138 -12.06 -29.93 -19.02
CA ALA D 138 -12.70 -28.67 -18.67
C ALA D 138 -11.66 -27.62 -18.30
N VAL D 139 -12.13 -26.47 -17.82
CA VAL D 139 -11.25 -25.39 -17.39
C VAL D 139 -10.40 -25.85 -16.20
N GLN D 140 -9.09 -25.57 -16.28
CA GLN D 140 -8.17 -26.05 -15.26
C GLN D 140 -7.30 -24.93 -14.69
N ASN D 141 -7.00 -23.93 -15.50
CA ASN D 141 -6.10 -22.86 -15.07
C ASN D 141 -6.66 -21.46 -15.33
N TYR D 142 -6.22 -20.51 -14.53
CA TYR D 142 -6.57 -19.10 -14.73
C TYR D 142 -5.32 -18.23 -14.62
N THR D 143 -5.03 -17.50 -15.69
CA THR D 143 -3.87 -16.60 -15.70
C THR D 143 -4.32 -15.17 -16.02
N VAL D 144 -3.55 -14.20 -15.53
CA VAL D 144 -3.87 -12.80 -15.76
C VAL D 144 -2.69 -12.12 -16.48
N SER D 145 -3.01 -11.16 -17.34
CA SER D 145 -1.99 -10.43 -18.10
C SER D 145 -0.98 -9.78 -17.17
N PRO D 146 0.32 -9.86 -17.54
CA PRO D 146 1.44 -9.36 -16.73
C PRO D 146 1.28 -7.90 -16.29
N ASN D 147 1.22 -7.69 -14.98
CA ASN D 147 1.15 -6.35 -14.42
C ASN D 147 1.96 -6.24 -13.13
N LEU D 148 1.73 -5.18 -12.37
CA LEU D 148 2.52 -4.93 -11.17
C LEU D 148 1.67 -4.93 -9.90
N HIS D 149 0.35 -4.90 -10.05
CA HIS D 149 -0.52 -4.71 -8.90
C HIS D 149 -1.41 -5.92 -8.58
N PHE D 150 -1.56 -6.84 -9.53
CA PHE D 150 -2.46 -7.97 -9.33
C PHE D 150 -1.93 -9.29 -9.85
N HIS D 151 -2.46 -10.38 -9.30
CA HIS D 151 -2.20 -11.73 -9.78
C HIS D 151 -3.36 -12.63 -9.41
N VAL D 152 -3.81 -13.46 -10.36
CA VAL D 152 -5.01 -14.26 -10.17
C VAL D 152 -4.67 -15.64 -9.59
N VAL D 153 -5.54 -16.11 -8.70
CA VAL D 153 -5.38 -17.42 -8.07
C VAL D 153 -6.62 -18.29 -8.30
N THR D 154 -6.39 -19.53 -8.72
CA THR D 154 -7.48 -20.48 -8.95
C THR D 154 -7.82 -21.23 -7.67
N LEU D 155 -9.11 -21.36 -7.39
CA LEU D 155 -9.55 -22.09 -6.20
C LEU D 155 -10.52 -23.21 -6.54
N SER D 156 -10.51 -24.26 -5.73
CA SER D 156 -11.39 -25.40 -5.93
C SER D 156 -12.12 -25.75 -4.64
N ARG D 157 -13.45 -25.75 -4.71
CA ARG D 157 -14.28 -26.03 -3.55
C ARG D 157 -15.50 -26.86 -3.96
N SER D 158 -15.95 -27.72 -3.05
CA SER D 158 -17.13 -28.57 -3.24
C SER D 158 -16.89 -29.64 -4.31
N ASP D 159 -17.52 -29.46 -5.47
CA ASP D 159 -17.42 -30.45 -6.54
C ASP D 159 -16.18 -30.23 -7.40
N ASP D 160 -15.15 -29.63 -6.80
CA ASP D 160 -13.86 -29.40 -7.46
C ASP D 160 -13.97 -28.60 -8.75
N ARG D 161 -14.97 -27.73 -8.83
CA ARG D 161 -15.11 -26.84 -9.97
C ARG D 161 -14.31 -25.56 -9.74
N LYS D 162 -13.34 -25.32 -10.61
CA LYS D 162 -12.40 -24.21 -10.44
C LYS D 162 -13.06 -22.85 -10.61
N TYR D 163 -12.70 -21.92 -9.73
CA TYR D 163 -13.16 -20.54 -9.84
C TYR D 163 -12.02 -19.59 -9.48
N PRO D 164 -11.82 -18.53 -10.29
CA PRO D 164 -10.71 -17.60 -10.11
C PRO D 164 -11.02 -16.46 -9.14
N GLU D 165 -9.99 -15.99 -8.44
CA GLU D 165 -10.11 -14.80 -7.61
C GLU D 165 -8.87 -13.94 -7.78
N LEU D 166 -9.05 -12.62 -7.78
CA LEU D 166 -7.95 -11.71 -8.02
C LEU D 166 -7.27 -11.29 -6.72
N VAL D 167 -5.95 -11.35 -6.69
CA VAL D 167 -5.19 -11.04 -5.49
C VAL D 167 -4.27 -9.84 -5.69
N LEU D 168 -4.35 -8.88 -4.76
CA LEU D 168 -3.52 -7.69 -4.78
C LEU D 168 -2.18 -7.95 -4.07
N ASP D 169 -1.10 -7.41 -4.62
CA ASP D 169 0.21 -7.56 -3.99
C ASP D 169 0.91 -6.22 -3.83
N ARG D 170 0.59 -5.27 -4.69
CA ARG D 170 1.12 -3.91 -4.57
C ARG D 170 -0.02 -2.91 -4.53
N ALA D 171 0.01 -2.01 -3.53
CA ALA D 171 -1.05 -1.04 -3.32
C ALA D 171 -1.26 -0.14 -4.52
N LEU D 172 -2.49 0.33 -4.69
CA LEU D 172 -2.85 1.17 -5.82
C LEU D 172 -2.60 2.65 -5.53
N ASP D 173 -2.76 3.48 -6.55
CA ASP D 173 -2.54 4.92 -6.42
C ASP D 173 -3.23 5.64 -7.57
N ARG D 174 -4.37 6.27 -7.28
CA ARG D 174 -5.16 6.92 -8.32
C ARG D 174 -4.42 8.12 -8.91
N GLU D 175 -3.56 8.72 -8.12
CA GLU D 175 -2.77 9.87 -8.57
C GLU D 175 -1.69 9.42 -9.55
N GLU D 176 -1.33 8.15 -9.47
CA GLU D 176 -0.37 7.57 -10.40
C GLU D 176 -1.07 6.92 -11.58
N GLN D 177 -1.96 5.97 -11.28
CA GLN D 177 -2.72 5.27 -12.30
C GLN D 177 -4.18 5.09 -11.87
N PRO D 178 -5.08 5.90 -12.45
CA PRO D 178 -6.51 5.91 -12.10
C PRO D 178 -7.25 4.64 -12.54
N GLU D 179 -6.88 4.07 -13.67
CA GLU D 179 -7.60 2.94 -14.23
C GLU D 179 -6.67 1.82 -14.68
N LEU D 180 -7.08 0.58 -14.43
CA LEU D 180 -6.33 -0.60 -14.84
C LEU D 180 -7.12 -1.42 -15.85
N THR D 181 -6.41 -2.05 -16.78
CA THR D 181 -7.03 -2.93 -17.76
C THR D 181 -6.23 -4.23 -17.90
N LEU D 182 -6.86 -5.34 -17.56
CA LEU D 182 -6.18 -6.64 -17.59
C LEU D 182 -6.92 -7.66 -18.43
N ILE D 183 -6.18 -8.66 -18.92
CA ILE D 183 -6.75 -9.74 -19.71
C ILE D 183 -6.73 -11.05 -18.93
N LEU D 184 -7.93 -11.52 -18.57
CA LEU D 184 -8.05 -12.77 -17.84
C LEU D 184 -8.25 -13.94 -18.79
N THR D 185 -7.29 -14.86 -18.82
CA THR D 185 -7.34 -16.01 -19.71
C THR D 185 -7.52 -17.31 -18.94
N ALA D 186 -8.47 -18.13 -19.39
CA ALA D 186 -8.74 -19.42 -18.77
C ALA D 186 -8.22 -20.55 -19.64
N LEU D 187 -7.30 -21.35 -19.11
CA LEU D 187 -6.69 -22.44 -19.86
C LEU D 187 -7.29 -23.79 -19.53
N ASP D 188 -7.48 -24.60 -20.57
CA ASP D 188 -8.01 -25.95 -20.45
C ASP D 188 -6.88 -26.93 -20.15
N GLY D 189 -7.23 -28.09 -19.61
CA GLY D 189 -6.25 -29.11 -19.28
C GLY D 189 -6.14 -30.19 -20.34
N GLY D 190 -6.95 -30.06 -21.39
CA GLY D 190 -6.93 -31.01 -22.48
C GLY D 190 -5.73 -30.83 -23.39
N ALA D 191 -5.59 -31.71 -24.36
CA ALA D 191 -4.48 -31.64 -25.31
C ALA D 191 -4.99 -31.50 -26.74
N PRO D 192 -4.74 -30.35 -27.38
CA PRO D 192 -4.01 -29.20 -26.81
C PRO D 192 -4.91 -28.32 -25.94
N PRO D 193 -4.31 -27.58 -24.99
CA PRO D 193 -5.08 -26.69 -24.11
C PRO D 193 -5.74 -25.55 -24.88
N LYS D 194 -6.96 -25.20 -24.47
CA LYS D 194 -7.73 -24.15 -25.12
C LYS D 194 -8.02 -23.00 -24.14
N SER D 195 -8.12 -21.79 -24.67
CA SER D 195 -8.19 -20.57 -23.85
C SER D 195 -9.57 -19.90 -23.88
N GLY D 196 -9.81 -19.04 -22.89
CA GLY D 196 -10.97 -18.16 -22.88
C GLY D 196 -10.60 -16.82 -22.26
N THR D 197 -10.51 -15.79 -23.09
CA THR D 197 -10.10 -14.48 -22.60
C THR D 197 -11.31 -13.60 -22.23
N THR D 198 -11.10 -12.69 -21.30
CA THR D 198 -12.10 -11.68 -20.96
C THR D 198 -11.41 -10.45 -20.42
N THR D 199 -12.07 -9.30 -20.50
CA THR D 199 -11.48 -8.05 -20.05
C THR D 199 -11.90 -7.71 -18.62
N VAL D 200 -10.92 -7.48 -17.75
CA VAL D 200 -11.22 -7.01 -16.41
C VAL D 200 -10.66 -5.60 -16.22
N ARG D 201 -11.56 -4.64 -16.08
CA ARG D 201 -11.18 -3.25 -15.91
C ARG D 201 -11.34 -2.83 -14.45
N ILE D 202 -10.23 -2.45 -13.82
CA ILE D 202 -10.22 -2.10 -12.41
C ILE D 202 -10.16 -0.59 -12.21
N GLU D 203 -11.27 -0.02 -11.76
CA GLU D 203 -11.34 1.42 -11.50
C GLU D 203 -10.89 1.73 -10.07
N VAL D 204 -9.89 2.60 -9.95
CA VAL D 204 -9.36 2.96 -8.64
C VAL D 204 -10.15 4.11 -8.03
N VAL D 205 -10.82 3.84 -6.91
CA VAL D 205 -11.61 4.84 -6.21
C VAL D 205 -10.71 5.80 -5.45
N ASP D 206 -11.00 7.10 -5.56
CA ASP D 206 -10.18 8.12 -4.91
C ASP D 206 -10.32 8.12 -3.40
N ILE D 207 -9.19 8.11 -2.71
CA ILE D 207 -9.16 8.21 -1.26
C ILE D 207 -8.32 9.41 -0.85
N ASN D 208 -8.81 10.18 0.13
CA ASN D 208 -8.08 11.34 0.61
C ASN D 208 -6.78 10.97 1.32
N ASP D 209 -5.74 10.71 0.53
CA ASP D 209 -4.44 10.35 1.08
C ASP D 209 -3.39 11.41 0.77
N ASN D 210 -3.84 12.53 0.21
CA ASN D 210 -2.97 13.65 -0.07
C ASN D 210 -3.37 14.89 0.74
N ALA D 211 -2.40 15.51 1.39
CA ALA D 211 -2.65 16.69 2.21
C ALA D 211 -2.43 17.96 1.39
N PRO D 212 -3.26 18.99 1.64
CA PRO D 212 -3.13 20.30 0.98
C PRO D 212 -1.75 20.91 1.22
N GLN D 213 -1.19 21.51 0.18
CA GLN D 213 0.15 22.10 0.28
C GLN D 213 0.22 23.42 -0.50
N PHE D 214 0.80 24.44 0.12
CA PHE D 214 0.94 25.75 -0.52
C PHE D 214 2.10 25.77 -1.50
N LEU D 215 1.95 26.56 -2.56
CA LEU D 215 2.99 26.71 -3.57
C LEU D 215 4.23 27.36 -2.97
N GLN D 216 4.02 28.38 -2.14
CA GLN D 216 5.11 29.08 -1.48
C GLN D 216 5.05 28.86 0.03
N SER D 217 6.21 28.63 0.64
CA SER D 217 6.28 28.41 2.08
C SER D 217 6.17 29.73 2.85
N LEU D 218 6.64 30.81 2.23
CA LEU D 218 6.60 32.12 2.86
C LEU D 218 6.01 33.18 1.92
N TYR D 219 5.15 34.02 2.46
CA TYR D 219 4.56 35.12 1.70
C TYR D 219 4.88 36.47 2.33
N ALA D 220 5.69 37.27 1.63
CA ALA D 220 6.05 38.59 2.10
C ALA D 220 5.50 39.68 1.19
N VAL D 221 4.66 40.54 1.74
CA VAL D 221 4.03 41.60 0.96
C VAL D 221 4.06 42.92 1.71
N GLU D 222 4.27 44.01 0.98
CA GLU D 222 4.29 45.35 1.57
C GLU D 222 3.02 46.12 1.22
N VAL D 223 2.44 46.79 2.21
CA VAL D 223 1.21 47.55 2.00
C VAL D 223 1.25 48.87 2.75
N PRO D 224 0.98 49.99 2.03
CA PRO D 224 0.95 51.32 2.62
C PRO D 224 -0.04 51.43 3.78
N GLU D 225 0.23 52.31 4.74
CA GLU D 225 -0.64 52.46 5.89
C GLU D 225 -1.91 53.23 5.55
N ASN D 226 -1.87 53.95 4.43
CA ASN D 226 -3.03 54.69 3.96
C ASN D 226 -3.81 53.90 2.91
N SER D 227 -3.59 52.59 2.91
CA SER D 227 -4.27 51.68 1.98
C SER D 227 -5.78 51.70 2.21
N PRO D 228 -6.56 51.59 1.12
CA PRO D 228 -8.01 51.59 1.21
C PRO D 228 -8.57 50.44 2.03
N LEU D 229 -9.83 50.55 2.43
CA LEU D 229 -10.49 49.46 3.16
C LEU D 229 -10.88 48.36 2.17
N ASN D 230 -10.84 47.12 2.64
CA ASN D 230 -11.09 45.95 1.79
C ASN D 230 -10.17 45.92 0.58
N ALA D 231 -8.91 46.26 0.80
CA ALA D 231 -7.92 46.25 -0.28
C ALA D 231 -7.22 44.90 -0.35
N LEU D 232 -7.13 44.35 -1.57
CA LEU D 232 -6.49 43.06 -1.77
C LEU D 232 -5.01 43.10 -1.42
N VAL D 233 -4.67 42.53 -0.27
CA VAL D 233 -3.29 42.52 0.19
C VAL D 233 -2.47 41.47 -0.55
N VAL D 234 -2.96 40.24 -0.56
CA VAL D 234 -2.29 39.13 -1.23
C VAL D 234 -3.26 37.98 -1.49
N THR D 235 -3.01 37.22 -2.54
CA THR D 235 -3.81 36.04 -2.85
C THR D 235 -2.97 34.77 -2.74
N VAL D 236 -3.30 33.92 -1.78
CA VAL D 236 -2.53 32.71 -1.51
C VAL D 236 -3.23 31.50 -2.16
N SER D 237 -2.44 30.51 -2.58
CA SER D 237 -2.98 29.35 -3.28
C SER D 237 -2.42 28.03 -2.75
N ALA D 238 -3.28 27.04 -2.62
CA ALA D 238 -2.88 25.70 -2.18
C ALA D 238 -3.42 24.63 -3.13
N ARG D 239 -2.63 23.59 -3.37
CA ARG D 239 -3.00 22.55 -4.32
C ARG D 239 -3.15 21.18 -3.66
N ASP D 240 -4.02 20.36 -4.23
CA ASP D 240 -4.27 19.02 -3.71
C ASP D 240 -4.20 17.99 -4.83
N LEU D 241 -3.44 16.92 -4.61
CA LEU D 241 -3.26 15.88 -5.61
C LEU D 241 -4.52 15.00 -5.74
N ASP D 242 -5.33 14.99 -4.70
CA ASP D 242 -6.60 14.26 -4.74
C ASP D 242 -7.61 14.99 -5.62
N ALA D 243 -8.75 14.34 -5.88
CA ALA D 243 -9.77 14.93 -6.73
C ALA D 243 -11.14 14.93 -6.06
N GLY D 244 -12.08 15.64 -6.66
CA GLY D 244 -13.45 15.69 -6.15
C GLY D 244 -13.58 16.37 -4.81
N ILE D 245 -14.37 15.79 -3.93
CA ILE D 245 -14.61 16.33 -2.60
C ILE D 245 -13.36 16.17 -1.72
N HIS D 246 -12.46 15.30 -2.15
CA HIS D 246 -11.21 15.07 -1.42
C HIS D 246 -10.14 16.06 -1.85
N GLY D 247 -10.45 16.86 -2.86
CA GLY D 247 -9.47 17.75 -3.46
C GLY D 247 -9.64 19.22 -3.12
N ASN D 248 -10.89 19.68 -3.03
CA ASN D 248 -11.16 21.08 -2.75
C ASN D 248 -10.67 21.48 -1.36
N VAL D 249 -10.00 22.62 -1.27
CA VAL D 249 -9.41 23.07 -0.02
C VAL D 249 -10.14 24.26 0.58
N ALA D 250 -10.03 24.41 1.90
CA ALA D 250 -10.62 25.54 2.60
C ALA D 250 -9.54 26.32 3.34
N TYR D 251 -9.51 27.63 3.11
CA TYR D 251 -8.49 28.49 3.72
C TYR D 251 -8.97 29.09 5.03
N SER D 252 -8.06 29.18 6.00
CA SER D 252 -8.36 29.80 7.29
C SER D 252 -7.17 30.64 7.74
N LEU D 253 -7.47 31.80 8.33
CA LEU D 253 -6.43 32.73 8.77
C LEU D 253 -6.16 32.59 10.26
N PHE D 254 -4.89 32.35 10.60
CA PHE D 254 -4.49 32.21 12.00
C PHE D 254 -3.60 33.37 12.44
N GLN D 255 -4.12 34.19 13.35
CA GLN D 255 -3.35 35.27 13.95
C GLN D 255 -2.39 34.68 14.97
N GLY D 256 -1.34 35.42 15.29
CA GLY D 256 -0.30 34.90 16.18
C GLY D 256 -0.19 35.61 17.51
N GLY D 257 -0.18 34.83 18.59
CA GLY D 257 0.02 35.35 19.93
C GLY D 257 -1.03 36.35 20.37
N GLY D 258 -0.57 37.46 20.95
CA GLY D 258 -1.45 38.50 21.43
C GLY D 258 -1.59 39.63 20.43
N GLY D 259 -2.72 40.34 20.49
CA GLY D 259 -2.98 41.44 19.59
C GLY D 259 -3.88 41.03 18.43
N PRO D 260 -4.89 41.88 18.12
CA PRO D 260 -5.83 41.63 17.03
C PRO D 260 -5.33 42.16 15.68
N GLN D 261 -5.41 41.33 14.65
CA GLN D 261 -4.95 41.73 13.32
C GLN D 261 -6.11 42.11 12.41
N PRO D 262 -5.94 43.20 11.65
CA PRO D 262 -6.98 43.73 10.78
C PRO D 262 -7.00 43.10 9.39
N PHE D 263 -6.63 41.82 9.30
CA PHE D 263 -6.63 41.12 8.02
C PHE D 263 -7.60 39.95 8.02
N VAL D 264 -8.25 39.73 6.88
CA VAL D 264 -9.22 38.65 6.74
C VAL D 264 -9.06 37.97 5.37
N ILE D 265 -9.11 36.64 5.37
CA ILE D 265 -8.96 35.87 4.14
C ILE D 265 -10.29 35.26 3.71
N ASP D 266 -10.45 35.06 2.40
CA ASP D 266 -11.61 34.36 1.88
C ASP D 266 -11.36 32.85 1.91
N GLU D 267 -12.31 32.11 2.47
CA GLU D 267 -12.15 30.67 2.68
C GLU D 267 -11.94 29.90 1.39
N ILE D 268 -12.53 30.39 0.30
CA ILE D 268 -12.48 29.70 -0.98
C ILE D 268 -11.34 30.17 -1.87
N THR D 269 -11.34 31.47 -2.19
CA THR D 269 -10.36 32.03 -3.11
C THR D 269 -8.98 32.19 -2.48
N GLY D 270 -8.96 32.42 -1.17
CA GLY D 270 -7.70 32.61 -0.46
C GLY D 270 -7.14 34.00 -0.66
N GLU D 271 -8.02 35.00 -0.61
CA GLU D 271 -7.62 36.39 -0.78
C GLU D 271 -7.55 37.12 0.56
N ILE D 272 -6.34 37.36 1.04
CA ILE D 272 -6.14 38.12 2.26
C ILE D 272 -6.33 39.61 1.98
N ARG D 273 -7.29 40.22 2.65
CA ARG D 273 -7.55 41.64 2.46
C ARG D 273 -7.50 42.40 3.78
N LEU D 274 -7.53 43.73 3.68
CA LEU D 274 -7.47 44.59 4.86
C LEU D 274 -8.86 44.85 5.43
N LYS D 275 -9.07 44.46 6.68
CA LYS D 275 -10.38 44.59 7.30
C LYS D 275 -10.50 45.86 8.15
N GLY D 276 -9.41 46.24 8.79
CA GLY D 276 -9.41 47.42 9.64
C GLY D 276 -8.51 48.53 9.13
N ALA D 277 -8.21 49.49 9.99
CA ALA D 277 -7.33 50.59 9.62
C ALA D 277 -5.87 50.27 9.96
N LEU D 278 -4.96 50.81 9.17
CA LEU D 278 -3.54 50.60 9.40
C LEU D 278 -2.85 51.87 9.91
N ASP D 279 -1.80 51.70 10.69
CA ASP D 279 -1.02 52.81 11.21
C ASP D 279 0.39 52.36 11.53
N PHE D 280 1.36 52.86 10.75
CA PHE D 280 2.75 52.48 10.90
C PHE D 280 3.29 52.79 12.28
N GLU D 281 2.77 53.85 12.88
CA GLU D 281 3.24 54.31 14.19
C GLU D 281 2.73 53.42 15.31
N ALA D 282 1.66 52.68 15.04
CA ALA D 282 1.11 51.76 16.03
C ALA D 282 1.76 50.38 15.91
N THR D 283 1.41 49.65 14.85
CA THR D 283 1.99 48.34 14.60
C THR D 283 2.63 48.31 13.21
N SER D 284 3.90 47.92 13.17
CA SER D 284 4.67 47.98 11.93
C SER D 284 4.73 46.64 11.19
N TYR D 285 4.74 45.55 11.95
CA TYR D 285 4.94 44.23 11.34
C TYR D 285 3.92 43.20 11.81
N TYR D 286 3.29 42.54 10.86
CA TYR D 286 2.33 41.47 11.15
C TYR D 286 2.87 40.12 10.67
N THR D 287 2.72 39.11 11.51
CA THR D 287 3.11 37.75 11.13
C THR D 287 2.00 36.77 11.44
N MET D 288 1.43 36.18 10.39
CA MET D 288 0.31 35.27 10.56
C MET D 288 0.55 33.95 9.83
N GLU D 289 -0.30 32.97 10.08
CA GLU D 289 -0.20 31.68 9.41
C GLU D 289 -1.50 31.30 8.71
N ILE D 290 -1.42 31.08 7.41
CA ILE D 290 -2.58 30.64 6.65
C ILE D 290 -2.63 29.12 6.57
N VAL D 291 -3.78 28.55 6.90
CA VAL D 291 -3.93 27.10 6.93
C VAL D 291 -5.00 26.61 5.96
N ALA D 292 -4.60 25.77 5.02
CA ALA D 292 -5.53 25.14 4.08
C ALA D 292 -5.83 23.71 4.53
N THR D 293 -7.12 23.37 4.55
CA THR D 293 -7.56 22.05 4.99
C THR D 293 -8.64 21.48 4.07
N ASP D 294 -8.51 20.21 3.72
CA ASP D 294 -9.49 19.54 2.88
C ASP D 294 -10.71 19.09 3.68
N SER D 295 -11.47 18.15 3.10
CA SER D 295 -12.68 17.65 3.74
C SER D 295 -12.39 16.46 4.65
N GLY D 296 -11.12 16.12 4.78
CA GLY D 296 -10.72 14.95 5.56
C GLY D 296 -9.98 15.31 6.84
N GLY D 297 -9.42 16.51 6.89
CA GLY D 297 -8.68 16.94 8.07
C GLY D 297 -7.22 17.19 7.78
N LEU D 298 -6.74 16.62 6.67
CA LEU D 298 -5.36 16.87 6.23
C LEU D 298 -5.17 18.35 5.96
N SER D 299 -4.05 18.90 6.42
CA SER D 299 -3.83 20.33 6.32
C SER D 299 -2.40 20.68 5.93
N GLY D 300 -2.25 21.89 5.38
CA GLY D 300 -0.94 22.44 5.10
C GLY D 300 -0.97 23.91 5.44
N LYS D 301 0.14 24.45 5.94
CA LYS D 301 0.14 25.85 6.37
C LYS D 301 1.36 26.61 5.88
N CYS D 302 1.15 27.89 5.56
CA CYS D 302 2.22 28.78 5.15
C CYS D 302 2.27 30.01 6.05
N THR D 303 3.41 30.68 6.06
CA THR D 303 3.57 31.88 6.88
C THR D 303 3.48 33.14 6.03
N VAL D 304 2.51 34.00 6.36
CA VAL D 304 2.37 35.28 5.68
C VAL D 304 2.89 36.41 6.56
N ALA D 305 3.87 37.14 6.04
CA ALA D 305 4.45 38.27 6.75
C ALA D 305 4.10 39.57 6.05
N ILE D 306 3.28 40.38 6.71
CA ILE D 306 2.83 41.65 6.16
C ILE D 306 3.52 42.83 6.83
N GLN D 307 4.34 43.55 6.08
CA GLN D 307 5.00 44.75 6.59
C GLN D 307 4.33 46.00 6.03
N VAL D 308 3.90 46.89 6.91
CA VAL D 308 3.25 48.12 6.49
C VAL D 308 4.28 49.17 6.10
N LEU D 309 3.87 50.13 5.29
CA LEU D 309 4.76 51.19 4.84
C LEU D 309 4.42 52.52 5.52
N ASP D 310 5.45 53.25 5.92
CA ASP D 310 5.25 54.54 6.58
C ASP D 310 4.82 55.61 5.59
N VAL D 311 3.84 56.41 6.01
CA VAL D 311 3.35 57.52 5.19
C VAL D 311 3.35 58.80 6.04
N ASN D 312 3.88 59.88 5.48
CA ASN D 312 3.93 61.16 6.19
C ASN D 312 2.53 61.74 6.39
N ASP D 313 1.81 61.21 7.37
CA ASP D 313 0.44 61.64 7.64
C ASP D 313 0.30 62.30 9.00
N ASN D 314 1.44 62.59 9.63
CA ASN D 314 1.43 63.23 10.93
C ASN D 314 2.26 64.51 10.96
N ALA D 315 1.59 65.63 11.26
CA ALA D 315 2.27 66.92 11.36
C ALA D 315 3.04 67.00 12.67
N PRO D 316 4.18 67.71 12.66
CA PRO D 316 5.00 67.90 13.86
C PRO D 316 4.23 68.54 15.00
N LYS D 317 4.46 68.07 16.23
CA LYS D 317 3.79 68.63 17.40
C LYS D 317 4.75 69.49 18.21
N LEU D 318 4.45 70.77 18.31
CA LEU D 318 5.32 71.72 18.99
C LEU D 318 4.81 72.08 20.38
N THR D 319 5.66 71.88 21.39
CA THR D 319 5.31 72.22 22.77
C THR D 319 6.29 73.25 23.32
N ILE D 320 5.78 74.46 23.58
CA ILE D 320 6.62 75.56 24.04
C ILE D 320 6.32 75.95 25.49
N SER D 321 7.37 76.10 26.28
CA SER D 321 7.25 76.58 27.65
C SER D 321 8.18 77.77 27.86
N SER D 322 7.60 78.93 28.17
CA SER D 322 8.36 80.15 28.38
C SER D 322 8.92 80.22 29.80
N LEU D 323 10.16 80.66 29.93
CA LEU D 323 10.80 80.76 31.24
C LEU D 323 10.37 82.05 31.95
N THR D 324 10.95 83.16 31.52
CA THR D 324 10.65 84.46 32.13
C THR D 324 9.68 85.26 31.26
N SER D 325 8.57 85.68 31.84
CA SER D 325 7.59 86.49 31.14
C SER D 325 8.16 87.88 30.83
N SER D 326 8.89 88.42 31.79
CA SER D 326 9.54 89.72 31.64
C SER D 326 11.00 89.65 32.07
N ILE D 327 11.83 90.51 31.50
CA ILE D 327 13.25 90.52 31.81
C ILE D 327 13.76 91.97 31.90
N PRO D 328 14.57 92.26 32.93
CA PRO D 328 15.16 93.59 33.11
C PRO D 328 15.92 94.09 31.88
N GLU D 329 16.06 95.41 31.76
CA GLU D 329 16.68 96.02 30.60
C GLU D 329 18.16 95.66 30.47
N ASN D 330 18.91 95.86 31.56
CA ASN D 330 20.35 95.61 31.55
C ASN D 330 20.70 94.17 31.92
N ALA D 331 19.79 93.25 31.61
CA ALA D 331 20.01 91.83 31.89
C ALA D 331 20.59 91.11 30.67
N PRO D 332 21.87 90.70 30.77
CA PRO D 332 22.57 90.03 29.68
C PRO D 332 22.27 88.53 29.60
N GLU D 333 22.31 87.98 28.39
CA GLU D 333 22.08 86.56 28.15
C GLU D 333 20.75 86.10 28.75
N ALA D 334 19.66 86.43 28.06
CA ALA D 334 18.32 86.10 28.54
C ALA D 334 17.70 84.97 27.72
N VAL D 335 17.23 83.94 28.41
CA VAL D 335 16.55 82.82 27.77
C VAL D 335 15.04 83.04 27.83
N VAL D 336 14.46 83.44 26.70
CA VAL D 336 13.04 83.77 26.64
C VAL D 336 12.15 82.54 26.84
N ALA D 337 12.35 81.52 26.01
CA ALA D 337 11.52 80.33 26.08
C ALA D 337 12.27 79.07 25.65
N VAL D 338 11.81 77.93 26.14
CA VAL D 338 12.37 76.64 25.75
C VAL D 338 11.26 75.75 25.20
N PHE D 339 11.53 75.08 24.08
CA PHE D 339 10.50 74.27 23.45
C PHE D 339 11.01 72.93 22.93
N SER D 340 10.07 72.01 22.68
CA SER D 340 10.39 70.70 22.14
C SER D 340 9.48 70.36 20.97
N VAL D 341 10.03 69.63 19.99
CA VAL D 341 9.27 69.21 18.82
C VAL D 341 9.12 67.70 18.80
N SER D 342 8.01 67.22 18.23
CA SER D 342 7.74 65.78 18.19
C SER D 342 7.22 65.34 16.82
N ASP D 343 7.50 64.09 16.48
CA ASP D 343 7.02 63.51 15.24
C ASP D 343 7.04 61.98 15.34
N PRO D 344 5.85 61.37 15.36
CA PRO D 344 5.72 59.91 15.52
C PRO D 344 6.21 59.13 14.30
N ASP D 345 6.36 59.82 13.17
CA ASP D 345 6.81 59.18 11.94
C ASP D 345 8.26 58.73 12.03
N SER D 346 8.72 57.99 11.03
CA SER D 346 10.08 57.49 11.01
C SER D 346 10.84 58.00 9.78
N GLY D 347 12.16 57.86 9.81
CA GLY D 347 13.00 58.29 8.70
C GLY D 347 13.00 59.78 8.52
N ASP D 348 12.99 60.21 7.26
CA ASP D 348 12.97 61.64 6.93
C ASP D 348 11.60 62.25 7.19
N ASN D 349 10.60 61.40 7.38
CA ASN D 349 9.26 61.86 7.72
C ASN D 349 9.20 62.32 9.18
N GLY D 350 10.17 61.87 9.97
CA GLY D 350 10.25 62.24 11.37
C GLY D 350 11.28 63.32 11.63
N ARG D 351 12.19 63.51 10.69
CA ARG D 351 13.21 64.55 10.80
C ARG D 351 12.57 65.93 10.76
N MET D 352 12.87 66.74 11.77
CA MET D 352 12.27 68.07 11.87
C MET D 352 13.29 69.19 11.88
N VAL D 353 12.93 70.30 11.24
CA VAL D 353 13.75 71.51 11.25
C VAL D 353 12.90 72.70 11.70
N CYS D 354 13.40 73.42 12.69
CA CYS D 354 12.67 74.56 13.24
C CYS D 354 13.33 75.87 12.81
N SER D 355 12.50 76.84 12.42
CA SER D 355 13.01 78.12 11.94
C SER D 355 12.35 79.32 12.61
N ILE D 356 13.13 80.38 12.76
CA ILE D 356 12.64 81.63 13.35
C ILE D 356 12.88 82.75 12.33
N GLN D 357 12.04 83.78 12.38
CA GLN D 357 12.19 84.93 11.48
C GLN D 357 13.55 85.60 11.67
N ASN D 358 14.23 85.86 10.55
CA ASN D 358 15.58 86.42 10.58
C ASN D 358 15.60 87.87 11.08
N GLY D 359 14.47 88.55 10.98
CA GLY D 359 14.36 89.93 11.41
C GLY D 359 14.50 90.11 12.91
N LEU D 360 14.01 89.12 13.65
CA LEU D 360 14.06 89.17 15.11
C LEU D 360 15.48 88.95 15.62
N PRO D 361 15.91 89.76 16.60
CA PRO D 361 17.27 89.70 17.16
C PRO D 361 17.47 88.54 18.13
N PHE D 362 16.56 87.59 18.13
CA PHE D 362 16.66 86.42 19.00
C PHE D 362 17.46 85.31 18.33
N LEU D 363 18.09 84.46 19.14
CA LEU D 363 18.89 83.36 18.61
C LEU D 363 18.37 82.01 19.08
N LEU D 364 18.23 81.08 18.15
CA LEU D 364 17.71 79.75 18.46
C LEU D 364 18.85 78.76 18.67
N LYS D 365 18.95 78.20 19.86
CA LYS D 365 20.04 77.28 20.19
C LYS D 365 19.52 75.92 20.67
N PRO D 366 19.89 74.86 19.95
CA PRO D 366 19.53 73.48 20.32
C PRO D 366 20.32 72.99 21.54
N THR D 367 19.61 72.43 22.52
CA THR D 367 20.28 71.87 23.69
C THR D 367 20.23 70.35 23.66
N PHE D 368 19.03 69.79 23.58
CA PHE D 368 18.87 68.34 23.48
C PHE D 368 18.29 67.95 22.13
N LYS D 369 18.30 66.66 21.83
CA LYS D 369 17.72 66.15 20.59
C LYS D 369 16.24 66.50 20.51
N ASN D 370 15.86 67.21 19.45
CA ASN D 370 14.51 67.73 19.27
C ASN D 370 14.08 68.57 20.46
N PHE D 371 15.02 69.36 20.99
CA PHE D 371 14.78 70.16 22.18
C PHE D 371 15.65 71.42 22.14
N TYR D 372 15.04 72.54 21.77
CA TYR D 372 15.76 73.79 21.53
C TYR D 372 15.47 74.83 22.60
N THR D 373 16.34 75.85 22.68
CA THR D 373 16.15 76.96 23.61
C THR D 373 16.23 78.29 22.87
N LEU D 374 15.25 79.17 23.12
CA LEU D 374 15.22 80.48 22.51
C LEU D 374 15.92 81.51 23.38
N VAL D 375 17.12 81.91 22.98
CA VAL D 375 17.96 82.80 23.79
C VAL D 375 18.28 84.11 23.07
N THR D 376 18.21 85.22 23.80
CA THR D 376 18.59 86.51 23.26
C THR D 376 20.10 86.58 23.07
N GLU D 377 20.53 87.19 21.97
CA GLU D 377 21.95 87.27 21.64
C GLU D 377 22.66 88.32 22.49
N ARG D 378 21.97 89.42 22.78
CA ARG D 378 22.56 90.51 23.54
C ARG D 378 21.48 91.33 24.27
N PRO D 379 21.84 91.90 25.43
CA PRO D 379 20.93 92.79 26.16
C PRO D 379 20.55 94.01 25.34
N LEU D 380 19.26 94.32 25.26
CA LEU D 380 18.77 95.40 24.42
C LEU D 380 17.99 96.44 25.24
N ASP D 381 18.02 97.68 24.77
CA ASP D 381 17.29 98.76 25.43
C ASP D 381 15.78 98.55 25.31
N ARG D 382 15.03 99.09 26.26
CA ARG D 382 13.58 98.93 26.29
C ARG D 382 12.89 99.80 25.24
N GLU D 383 13.51 100.93 24.93
CA GLU D 383 12.93 101.89 24.00
C GLU D 383 12.82 101.35 22.57
N SER D 384 13.79 100.53 22.18
CA SER D 384 13.82 99.95 20.83
C SER D 384 12.63 99.02 20.61
N ASN D 385 12.42 98.10 21.54
CA ASN D 385 11.31 97.16 21.46
C ASN D 385 10.93 96.63 22.83
N ALA D 386 9.77 97.07 23.34
CA ALA D 386 9.30 96.66 24.65
C ALA D 386 8.95 95.18 24.69
N GLU D 387 8.07 94.76 23.79
CA GLU D 387 7.67 93.35 23.71
C GLU D 387 7.79 92.84 22.27
N TYR D 388 7.84 91.53 22.12
CA TYR D 388 8.03 90.93 20.80
C TYR D 388 7.19 89.66 20.61
N ASN D 389 6.61 89.54 19.43
CA ASN D 389 5.87 88.34 19.05
C ASN D 389 6.72 87.45 18.12
N ILE D 390 7.12 86.30 18.64
CA ILE D 390 8.00 85.40 17.90
C ILE D 390 7.25 84.18 17.37
N THR D 391 7.20 84.06 16.05
CA THR D 391 6.51 82.94 15.42
C THR D 391 7.50 81.86 14.97
N ILE D 392 7.58 80.78 15.75
CA ILE D 392 8.42 79.65 15.41
C ILE D 392 7.72 78.74 14.41
N THR D 393 8.42 78.37 13.34
CA THR D 393 7.85 77.49 12.32
C THR D 393 8.70 76.25 12.13
N VAL D 394 8.19 75.11 12.61
CA VAL D 394 8.88 73.84 12.46
C VAL D 394 8.21 72.97 11.40
N SER D 395 9.02 72.36 10.54
CA SER D 395 8.51 71.53 9.46
C SER D 395 9.32 70.25 9.32
N ASP D 396 8.70 69.21 8.76
CA ASP D 396 9.38 67.94 8.54
C ASP D 396 10.07 67.90 7.17
N LEU D 397 10.91 66.88 6.96
CA LEU D 397 11.61 66.72 5.71
C LEU D 397 11.05 65.53 4.91
N GLY D 398 9.76 65.27 5.07
CA GLY D 398 9.10 64.18 4.37
C GLY D 398 8.44 64.65 3.09
N THR D 399 7.84 63.71 2.37
CA THR D 399 7.16 64.04 1.12
C THR D 399 5.73 63.48 1.11
N PRO D 400 4.73 64.38 1.07
CA PRO D 400 4.88 65.84 1.06
C PRO D 400 5.24 66.39 2.44
N ARG D 401 5.86 67.57 2.47
CA ARG D 401 6.28 68.19 3.72
C ARG D 401 5.10 68.75 4.50
N LEU D 402 5.12 68.55 5.81
CA LEU D 402 4.09 69.10 6.70
C LEU D 402 4.68 70.17 7.59
N THR D 403 4.03 71.33 7.62
CA THR D 403 4.53 72.47 8.38
C THR D 403 3.61 72.83 9.54
N THR D 404 4.19 73.37 10.60
CA THR D 404 3.40 73.88 11.72
C THR D 404 4.07 75.09 12.37
N GLN D 405 3.27 76.07 12.74
CA GLN D 405 3.80 77.32 13.29
C GLN D 405 3.09 77.71 14.58
N HIS D 406 3.75 78.54 15.39
CA HIS D 406 3.18 78.98 16.66
C HIS D 406 3.84 80.26 17.15
N THR D 407 3.01 81.18 17.67
CA THR D 407 3.51 82.49 18.11
C THR D 407 3.56 82.61 19.63
N ILE D 408 4.62 83.25 20.13
CA ILE D 408 4.78 83.47 21.57
C ILE D 408 5.25 84.89 21.86
N THR D 409 4.62 85.54 22.84
CA THR D 409 4.94 86.92 23.19
C THR D 409 5.88 87.01 24.39
N VAL D 410 6.98 87.73 24.22
CA VAL D 410 7.93 87.93 25.31
C VAL D 410 8.38 89.40 25.39
N GLN D 411 8.29 89.97 26.59
CA GLN D 411 8.59 91.39 26.78
C GLN D 411 9.88 91.62 27.57
N VAL D 412 10.56 92.71 27.26
CA VAL D 412 11.77 93.10 27.97
C VAL D 412 11.61 94.47 28.60
N SER D 413 11.87 94.57 29.90
CA SER D 413 11.73 95.83 30.63
C SER D 413 13.07 96.35 31.11
N ILE E 3 -13.79 -120.92 -37.48
CA ILE E 3 -14.37 -119.90 -38.35
C ILE E 3 -15.10 -118.83 -37.55
N SER E 4 -15.11 -117.61 -38.07
CA SER E 4 -15.78 -116.49 -37.40
C SER E 4 -16.66 -115.72 -38.37
N TYR E 5 -17.80 -115.25 -37.88
CA TYR E 5 -18.72 -114.47 -38.70
C TYR E 5 -19.12 -113.17 -38.01
N SER E 6 -19.15 -112.08 -38.77
CA SER E 6 -19.52 -110.78 -38.22
C SER E 6 -20.82 -110.28 -38.82
N MET E 7 -21.56 -109.50 -38.03
CA MET E 7 -22.84 -108.94 -38.46
C MET E 7 -23.23 -107.75 -37.58
N PRO E 8 -23.86 -106.74 -38.19
CA PRO E 8 -24.27 -105.52 -37.49
C PRO E 8 -25.23 -105.78 -36.33
N GLU E 9 -25.26 -104.87 -35.37
CA GLU E 9 -26.14 -104.98 -34.21
C GLU E 9 -27.60 -104.77 -34.60
N GLU E 10 -28.51 -105.29 -33.78
CA GLU E 10 -29.94 -105.09 -33.94
C GLU E 10 -30.45 -105.57 -35.31
N THR E 11 -29.87 -106.66 -35.80
CA THR E 11 -30.32 -107.26 -37.05
C THR E 11 -31.60 -108.05 -36.82
N GLU E 12 -32.57 -107.88 -37.71
CA GLU E 12 -33.86 -108.56 -37.60
C GLU E 12 -33.70 -110.08 -37.57
N SER E 13 -34.54 -110.72 -36.77
CA SER E 13 -34.51 -112.18 -36.64
C SER E 13 -34.84 -112.85 -37.96
N GLY E 14 -34.19 -113.99 -38.22
CA GLY E 14 -34.36 -114.68 -39.48
C GLY E 14 -33.24 -114.35 -40.44
N TYR E 15 -32.29 -113.55 -39.97
CA TYR E 15 -31.14 -113.16 -40.77
C TYR E 15 -30.23 -114.35 -41.06
N LEU E 16 -29.75 -114.43 -42.29
CA LEU E 16 -28.86 -115.51 -42.70
C LEU E 16 -27.41 -115.21 -42.34
N VAL E 17 -26.93 -115.84 -41.27
CA VAL E 17 -25.56 -115.65 -40.84
C VAL E 17 -24.58 -116.18 -41.88
N ALA E 18 -24.76 -117.44 -42.26
CA ALA E 18 -23.89 -118.07 -43.25
C ALA E 18 -24.49 -119.35 -43.80
N ASN E 19 -24.08 -119.71 -45.02
CA ASN E 19 -24.41 -120.99 -45.60
C ASN E 19 -23.46 -122.04 -45.07
N LEU E 20 -23.85 -122.69 -43.97
CA LEU E 20 -22.97 -123.60 -43.24
C LEU E 20 -22.47 -124.75 -44.08
N ALA E 21 -23.34 -125.29 -44.94
CA ALA E 21 -23.00 -126.45 -45.76
C ALA E 21 -21.83 -126.16 -46.70
N GLN E 22 -21.86 -125.00 -47.35
CA GLN E 22 -20.82 -124.62 -48.29
C GLN E 22 -19.50 -124.34 -47.58
N ASP E 23 -19.57 -123.70 -46.42
CA ASP E 23 -18.38 -123.40 -45.63
C ASP E 23 -17.74 -124.68 -45.09
N LEU E 24 -18.59 -125.68 -44.83
CA LEU E 24 -18.10 -126.98 -44.38
C LEU E 24 -17.71 -127.85 -45.57
N GLY E 25 -18.12 -127.44 -46.76
CA GLY E 25 -17.87 -128.21 -47.97
C GLY E 25 -18.72 -129.46 -47.99
N LEU E 26 -19.95 -129.34 -47.48
CA LEU E 26 -20.86 -130.48 -47.36
C LEU E 26 -22.09 -130.32 -48.23
N ARG E 27 -22.65 -131.44 -48.65
CA ARG E 27 -23.92 -131.45 -49.36
C ARG E 27 -25.06 -131.30 -48.35
N VAL E 28 -26.16 -130.72 -48.78
CA VAL E 28 -27.30 -130.47 -47.88
C VAL E 28 -27.86 -131.76 -47.30
N GLY E 29 -27.97 -132.80 -48.13
CA GLY E 29 -28.44 -134.08 -47.68
C GLY E 29 -27.47 -134.70 -46.69
N GLU E 30 -26.19 -134.44 -46.89
CA GLU E 30 -25.16 -134.95 -46.00
C GLU E 30 -25.21 -134.24 -44.65
N LEU E 31 -25.49 -132.94 -44.68
CA LEU E 31 -25.58 -132.15 -43.45
C LEU E 31 -26.83 -132.50 -42.66
N THR E 32 -27.90 -132.83 -43.36
CA THR E 32 -29.15 -133.23 -42.71
C THR E 32 -29.05 -134.65 -42.19
N THR E 33 -28.24 -135.47 -42.87
CA THR E 33 -28.08 -136.88 -42.51
C THR E 33 -27.42 -137.07 -41.14
N ARG E 34 -26.38 -136.27 -40.88
CA ARG E 34 -25.57 -136.43 -39.68
C ARG E 34 -26.24 -135.89 -38.42
N GLY E 35 -27.47 -135.41 -38.56
CA GLY E 35 -28.21 -134.86 -37.44
C GLY E 35 -27.52 -133.65 -36.85
N ALA E 36 -27.06 -132.76 -37.73
CA ALA E 36 -26.34 -131.56 -37.33
C ALA E 36 -27.17 -130.69 -36.42
N ARG E 37 -26.62 -130.34 -35.25
CA ARG E 37 -27.35 -129.45 -34.35
C ARG E 37 -26.43 -128.51 -33.58
N ILE E 38 -27.01 -127.45 -33.04
CA ILE E 38 -26.25 -126.37 -32.42
C ILE E 38 -26.23 -126.48 -30.90
N HIS E 39 -25.04 -126.28 -30.32
CA HIS E 39 -24.83 -126.30 -28.88
C HIS E 39 -24.00 -125.09 -28.45
N HIS E 40 -24.42 -124.45 -27.37
CA HIS E 40 -23.77 -123.22 -26.93
C HIS E 40 -23.84 -122.99 -25.43
N ASN E 41 -23.02 -122.06 -24.94
CA ASN E 41 -22.98 -121.72 -23.53
C ASN E 41 -23.75 -120.42 -23.24
N GLY E 42 -24.11 -119.72 -24.30
CA GLY E 42 -24.83 -118.45 -24.17
C GLY E 42 -26.15 -118.60 -23.45
N ASN E 43 -26.53 -117.58 -22.69
CA ASN E 43 -27.76 -117.60 -21.92
C ASN E 43 -29.00 -117.78 -22.81
N LYS E 44 -29.12 -116.93 -23.82
CA LYS E 44 -30.23 -117.02 -24.75
C LYS E 44 -29.82 -117.76 -26.02
N GLU E 45 -30.75 -118.49 -26.61
CA GLU E 45 -30.50 -119.20 -27.85
C GLU E 45 -30.65 -118.26 -29.05
N LEU E 46 -29.60 -117.51 -29.33
CA LEU E 46 -29.60 -116.54 -30.42
C LEU E 46 -29.69 -117.22 -31.78
N LEU E 47 -29.06 -118.38 -31.91
CA LEU E 47 -29.00 -119.09 -33.18
C LEU E 47 -29.98 -120.26 -33.27
N GLN E 48 -30.55 -120.43 -34.46
CA GLN E 48 -31.29 -121.64 -34.79
C GLN E 48 -30.71 -122.22 -36.09
N LEU E 49 -30.60 -123.54 -36.14
CA LEU E 49 -29.96 -124.18 -37.29
C LEU E 49 -30.97 -124.70 -38.29
N ASP E 50 -30.85 -124.24 -39.53
CA ASP E 50 -31.70 -124.71 -40.61
C ASP E 50 -30.99 -125.82 -41.39
N ALA E 51 -31.13 -127.05 -40.91
CA ALA E 51 -30.44 -128.19 -41.49
C ALA E 51 -31.04 -128.63 -42.82
N GLU E 52 -32.24 -128.13 -43.12
CA GLU E 52 -32.93 -128.50 -44.35
C GLU E 52 -32.20 -127.95 -45.58
N ARG E 53 -31.72 -126.71 -45.49
CA ARG E 53 -30.98 -126.10 -46.59
C ARG E 53 -29.53 -125.90 -46.20
N GLY E 54 -29.21 -126.17 -44.94
CA GLY E 54 -27.85 -126.04 -44.45
C GLY E 54 -27.44 -124.60 -44.16
N ASN E 55 -28.40 -123.81 -43.69
CA ASN E 55 -28.13 -122.42 -43.36
C ASN E 55 -28.14 -122.16 -41.86
N LEU E 56 -27.38 -121.16 -41.44
CA LEU E 56 -27.33 -120.79 -40.03
C LEU E 56 -28.20 -119.55 -39.78
N LEU E 57 -29.30 -119.73 -39.06
CA LEU E 57 -30.28 -118.66 -38.88
C LEU E 57 -30.18 -117.99 -37.51
N LEU E 58 -30.64 -116.74 -37.46
CA LEU E 58 -30.70 -115.97 -36.22
C LEU E 58 -32.09 -116.06 -35.61
N LYS E 59 -32.17 -116.54 -34.38
CA LYS E 59 -33.46 -116.78 -33.74
C LYS E 59 -33.95 -115.59 -32.90
N GLU E 60 -33.05 -114.65 -32.63
CA GLU E 60 -33.41 -113.50 -31.81
C GLU E 60 -32.57 -112.27 -32.16
N LYS E 61 -33.21 -111.10 -32.17
CA LYS E 61 -32.53 -109.84 -32.47
C LYS E 61 -31.55 -109.48 -31.37
N PRO E 62 -30.26 -109.42 -31.69
CA PRO E 62 -29.20 -109.19 -30.70
C PRO E 62 -28.94 -107.71 -30.42
N ASP E 63 -28.77 -107.37 -29.15
CA ASP E 63 -28.36 -106.04 -28.74
C ASP E 63 -26.99 -106.11 -28.09
N ARG E 64 -26.02 -105.42 -28.67
CA ARG E 64 -24.62 -105.50 -28.22
C ARG E 64 -24.47 -105.06 -26.77
N GLU E 65 -25.13 -103.97 -26.40
CA GLU E 65 -24.99 -103.40 -25.06
C GLU E 65 -25.53 -104.33 -23.98
N ALA E 66 -26.46 -105.21 -24.35
CA ALA E 66 -27.05 -106.14 -23.40
C ALA E 66 -26.27 -107.45 -23.35
N LEU E 67 -25.28 -107.59 -24.23
CA LEU E 67 -24.48 -108.80 -24.30
C LEU E 67 -23.05 -108.58 -23.84
N CYS E 68 -22.42 -107.53 -24.36
CA CYS E 68 -21.02 -107.24 -24.04
C CYS E 68 -20.90 -106.00 -23.17
N GLY E 69 -21.54 -104.91 -23.60
CA GLY E 69 -21.49 -103.66 -22.86
C GLY E 69 -20.24 -102.85 -23.16
N ALA E 70 -19.32 -102.84 -22.22
CA ALA E 70 -18.08 -102.08 -22.37
C ALA E 70 -16.98 -102.92 -23.01
N THR E 71 -17.15 -104.24 -22.97
CA THR E 71 -16.17 -105.16 -23.54
C THR E 71 -16.19 -105.12 -25.06
N GLU E 72 -15.02 -105.18 -25.66
CA GLU E 72 -14.87 -105.09 -27.12
C GLU E 72 -13.66 -105.89 -27.58
N PRO E 73 -13.81 -106.70 -28.65
CA PRO E 73 -15.03 -106.90 -29.44
C PRO E 73 -16.04 -107.84 -28.78
N CYS E 74 -17.29 -107.75 -29.21
CA CYS E 74 -18.33 -108.63 -28.71
C CYS E 74 -18.39 -109.91 -29.53
N VAL E 75 -17.55 -110.88 -29.17
CA VAL E 75 -17.49 -112.15 -29.87
C VAL E 75 -18.07 -113.26 -29.01
N LEU E 76 -19.01 -114.02 -29.58
CA LEU E 76 -19.68 -115.09 -28.85
C LEU E 76 -19.35 -116.44 -29.48
N HIS E 77 -18.85 -117.37 -28.67
CA HIS E 77 -18.36 -118.65 -29.16
C HIS E 77 -19.41 -119.76 -29.07
N PHE E 78 -19.80 -120.29 -30.24
CA PHE E 78 -20.76 -121.38 -30.31
C PHE E 78 -20.12 -122.63 -30.91
N GLN E 79 -20.75 -123.78 -30.69
CA GLN E 79 -20.25 -125.04 -31.25
C GLN E 79 -21.33 -125.81 -32.01
N ILE E 80 -21.02 -126.21 -33.23
CA ILE E 80 -21.96 -127.00 -34.03
C ILE E 80 -21.50 -128.45 -34.10
N ILE E 81 -22.40 -129.40 -33.83
CA ILE E 81 -21.99 -130.80 -33.77
C ILE E 81 -22.72 -131.70 -34.76
N LEU E 82 -21.99 -132.71 -35.23
CA LEU E 82 -22.51 -133.73 -36.14
C LEU E 82 -22.32 -135.12 -35.53
N GLU E 83 -23.28 -136.01 -35.78
CA GLU E 83 -23.29 -137.33 -35.12
C GLU E 83 -22.84 -138.48 -36.02
N ASN E 84 -22.83 -138.27 -37.33
CA ASN E 84 -22.53 -139.37 -38.26
C ASN E 84 -21.40 -139.08 -39.24
N PRO E 85 -20.15 -139.35 -38.83
CA PRO E 85 -19.79 -139.77 -37.47
C PRO E 85 -19.63 -138.58 -36.53
N VAL E 86 -19.06 -138.81 -35.35
CA VAL E 86 -18.90 -137.75 -34.36
C VAL E 86 -17.90 -136.69 -34.81
N GLN E 87 -18.40 -135.47 -35.04
CA GLN E 87 -17.53 -134.35 -35.38
C GLN E 87 -18.00 -133.07 -34.70
N PHE E 88 -17.06 -132.20 -34.38
CA PHE E 88 -17.37 -130.96 -33.67
C PHE E 88 -16.70 -129.76 -34.32
N PHE E 89 -17.44 -128.66 -34.43
CA PHE E 89 -16.93 -127.45 -35.09
C PHE E 89 -17.10 -126.22 -34.22
N GLN E 90 -16.07 -125.39 -34.18
CA GLN E 90 -16.09 -124.15 -33.40
C GLN E 90 -16.40 -122.96 -34.28
N THR E 91 -17.38 -122.16 -33.89
CA THR E 91 -17.76 -120.97 -34.65
C THR E 91 -17.82 -119.74 -33.74
N ASP E 92 -17.56 -118.57 -34.32
CA ASP E 92 -17.58 -117.32 -33.56
C ASP E 92 -18.52 -116.30 -34.18
N LEU E 93 -19.19 -115.52 -33.33
CA LEU E 93 -20.09 -114.48 -33.81
C LEU E 93 -19.74 -113.12 -33.22
N GLN E 94 -19.14 -112.25 -34.05
CA GLN E 94 -18.81 -110.90 -33.63
C GLN E 94 -19.93 -109.94 -33.97
N PHE E 95 -20.36 -109.16 -32.98
CA PHE E 95 -21.42 -108.19 -33.19
C PHE E 95 -20.86 -106.78 -33.36
N THR E 96 -21.11 -106.18 -34.51
CA THR E 96 -20.64 -104.83 -34.80
C THR E 96 -21.58 -103.78 -34.23
N ASP E 97 -21.04 -102.88 -33.41
CA ASP E 97 -21.85 -101.85 -32.76
C ASP E 97 -22.42 -100.86 -33.76
N ILE E 98 -23.67 -100.47 -33.54
CA ILE E 98 -24.32 -99.47 -34.38
C ILE E 98 -24.68 -98.23 -33.55
N ASN E 99 -24.86 -97.11 -34.24
CA ASN E 99 -25.26 -95.87 -33.58
C ASN E 99 -26.77 -95.83 -33.38
N ASP E 100 -27.24 -96.47 -32.31
CA ASP E 100 -28.67 -96.56 -32.03
C ASP E 100 -29.03 -96.01 -30.65
N HIS E 101 -28.14 -95.18 -30.11
CA HIS E 101 -28.39 -94.57 -28.80
C HIS E 101 -28.29 -93.05 -28.88
N PHE E 102 -29.23 -92.37 -28.22
CA PHE E 102 -29.20 -90.93 -28.11
C PHE E 102 -28.42 -90.50 -26.87
N PRO E 103 -27.51 -89.52 -27.03
CA PRO E 103 -26.82 -88.94 -25.87
C PRO E 103 -27.83 -88.36 -24.88
N GLU E 104 -27.77 -88.80 -23.63
CA GLU E 104 -28.75 -88.36 -22.64
C GLU E 104 -28.09 -87.84 -21.37
N PHE E 105 -28.41 -86.60 -21.02
CA PHE E 105 -27.94 -86.01 -19.76
C PHE E 105 -28.83 -86.46 -18.60
N PRO E 106 -28.20 -86.78 -17.46
CA PRO E 106 -28.90 -87.24 -16.26
C PRO E 106 -29.99 -86.28 -15.80
N ASP E 107 -29.66 -84.99 -15.79
CA ASP E 107 -30.64 -83.97 -15.42
C ASP E 107 -30.95 -83.07 -16.62
N THR E 108 -32.23 -82.83 -16.85
CA THR E 108 -32.66 -81.98 -17.96
C THR E 108 -32.25 -80.52 -17.72
N GLU E 109 -32.02 -80.18 -16.45
CA GLU E 109 -31.60 -78.83 -16.09
C GLU E 109 -30.65 -78.84 -14.90
N MET E 110 -29.46 -78.30 -15.10
CA MET E 110 -28.48 -78.20 -14.02
C MET E 110 -28.32 -76.75 -13.57
N LEU E 111 -28.09 -76.56 -12.28
CA LEU E 111 -28.02 -75.21 -11.72
C LEU E 111 -26.59 -74.82 -11.32
N LEU E 112 -26.12 -73.70 -11.84
CA LEU E 112 -24.81 -73.19 -11.51
C LEU E 112 -24.91 -71.83 -10.83
N LYS E 113 -24.13 -71.64 -9.77
CA LYS E 113 -24.11 -70.37 -9.05
C LYS E 113 -22.75 -69.69 -9.20
N ILE E 114 -22.61 -68.87 -10.23
CA ILE E 114 -21.35 -68.18 -10.51
C ILE E 114 -21.39 -66.73 -10.02
N GLN E 115 -20.38 -66.34 -9.26
CA GLN E 115 -20.32 -65.00 -8.70
C GLN E 115 -20.04 -63.96 -9.79
N GLU E 116 -20.48 -62.73 -9.54
CA GLU E 116 -20.41 -61.64 -10.50
C GLU E 116 -18.98 -61.31 -10.93
N ILE E 117 -18.06 -61.30 -9.96
CA ILE E 117 -16.68 -60.91 -10.24
C ILE E 117 -15.79 -62.08 -10.64
N ALA E 118 -16.39 -63.09 -11.24
CA ALA E 118 -15.62 -64.23 -11.72
C ALA E 118 -14.71 -63.81 -12.87
N GLN E 119 -13.41 -64.00 -12.70
CA GLN E 119 -12.44 -63.62 -13.72
C GLN E 119 -12.48 -64.56 -14.92
N PRO E 120 -12.30 -64.01 -16.13
CA PRO E 120 -12.24 -64.81 -17.37
C PRO E 120 -11.16 -65.88 -17.32
N GLY E 121 -11.42 -67.02 -17.94
CA GLY E 121 -10.48 -68.12 -17.93
C GLY E 121 -10.84 -69.13 -16.85
N THR E 122 -11.79 -68.77 -16.00
CA THR E 122 -12.25 -69.66 -14.94
C THR E 122 -13.12 -70.78 -15.50
N VAL E 123 -12.78 -72.02 -15.15
CA VAL E 123 -13.50 -73.18 -15.64
C VAL E 123 -14.62 -73.60 -14.69
N PHE E 124 -15.68 -74.16 -15.26
CA PHE E 124 -16.80 -74.66 -14.47
C PHE E 124 -17.24 -76.04 -14.96
N PRO E 125 -17.05 -77.06 -14.12
CA PRO E 125 -17.38 -78.45 -14.45
C PRO E 125 -18.85 -78.65 -14.83
N LEU E 126 -19.07 -79.37 -15.93
CA LEU E 126 -20.42 -79.71 -16.37
C LEU E 126 -20.62 -81.22 -16.38
N LYS E 127 -21.81 -81.68 -16.00
CA LYS E 127 -22.11 -83.11 -16.00
C LYS E 127 -22.14 -83.64 -17.43
N ALA E 128 -21.43 -84.74 -17.66
CA ALA E 128 -21.27 -85.28 -19.01
C ALA E 128 -22.50 -86.03 -19.49
N ALA E 129 -22.57 -86.27 -20.79
CA ALA E 129 -23.66 -87.03 -21.38
C ALA E 129 -23.31 -88.51 -21.48
N GLN E 130 -24.33 -89.36 -21.41
CA GLN E 130 -24.11 -90.80 -21.44
C GLN E 130 -24.40 -91.39 -22.81
N ASP E 131 -23.54 -92.31 -23.25
CA ASP E 131 -23.70 -92.97 -24.54
C ASP E 131 -23.01 -94.33 -24.52
N PRO E 132 -23.81 -95.40 -24.37
CA PRO E 132 -23.31 -96.78 -24.24
C PRO E 132 -22.59 -97.30 -25.50
N ASP E 133 -22.60 -96.52 -26.57
CA ASP E 133 -21.94 -96.93 -27.81
C ASP E 133 -20.43 -96.93 -27.69
N ILE E 134 -19.75 -97.45 -28.71
CA ILE E 134 -18.29 -97.53 -28.70
C ILE E 134 -17.69 -96.94 -29.98
N GLY E 135 -16.64 -96.13 -29.82
CA GLY E 135 -15.92 -95.58 -30.95
C GLY E 135 -16.51 -94.28 -31.45
N SER E 136 -16.77 -94.22 -32.75
CA SER E 136 -17.32 -93.02 -33.37
C SER E 136 -18.81 -92.88 -33.07
N ASN E 137 -19.41 -93.95 -32.56
CA ASN E 137 -20.84 -93.95 -32.26
C ASN E 137 -21.14 -93.41 -30.86
N ALA E 138 -20.09 -93.17 -30.08
CA ALA E 138 -20.25 -92.62 -28.74
C ALA E 138 -20.16 -91.11 -28.77
N VAL E 139 -20.30 -90.47 -27.61
CA VAL E 139 -20.21 -89.02 -27.51
C VAL E 139 -18.82 -88.54 -27.89
N GLN E 140 -18.77 -87.55 -28.79
CA GLN E 140 -17.49 -87.07 -29.30
C GLN E 140 -17.33 -85.56 -29.14
N ASN E 141 -18.42 -84.82 -29.25
CA ASN E 141 -18.33 -83.37 -29.19
C ASN E 141 -19.35 -82.73 -28.25
N TYR E 142 -19.07 -81.50 -27.83
CA TYR E 142 -19.98 -80.70 -27.02
C TYR E 142 -20.02 -79.28 -27.53
N THR E 143 -21.22 -78.79 -27.85
CA THR E 143 -21.38 -77.41 -28.30
C THR E 143 -22.39 -76.67 -27.42
N VAL E 144 -22.21 -75.36 -27.30
CA VAL E 144 -23.08 -74.54 -26.49
C VAL E 144 -23.77 -73.49 -27.36
N SER E 145 -25.00 -73.12 -27.01
CA SER E 145 -25.74 -72.10 -27.73
C SER E 145 -24.95 -70.79 -27.79
N PRO E 146 -24.85 -70.21 -29.00
CA PRO E 146 -24.06 -69.01 -29.27
C PRO E 146 -24.34 -67.85 -28.31
N ASN E 147 -23.39 -67.57 -27.43
CA ASN E 147 -23.50 -66.45 -26.51
C ASN E 147 -22.17 -65.70 -26.40
N LEU E 148 -22.12 -64.73 -25.48
CA LEU E 148 -20.93 -63.91 -25.32
C LEU E 148 -20.22 -64.19 -24.00
N HIS E 149 -20.95 -64.73 -23.04
CA HIS E 149 -20.42 -64.90 -21.69
C HIS E 149 -19.69 -66.23 -21.50
N PHE E 150 -20.06 -67.25 -22.27
CA PHE E 150 -19.48 -68.58 -22.07
C PHE E 150 -19.14 -69.30 -23.38
N HIS E 151 -18.26 -70.29 -23.28
CA HIS E 151 -17.98 -71.20 -24.38
C HIS E 151 -17.54 -72.55 -23.82
N VAL E 152 -18.06 -73.63 -24.38
CA VAL E 152 -17.81 -74.97 -23.85
C VAL E 152 -16.57 -75.60 -24.47
N VAL E 153 -15.79 -76.29 -23.63
CA VAL E 153 -14.60 -77.00 -24.08
C VAL E 153 -14.71 -78.48 -23.78
N THR E 154 -14.41 -79.31 -24.78
CA THR E 154 -14.49 -80.77 -24.64
C THR E 154 -13.14 -81.35 -24.25
N LEU E 155 -13.08 -81.98 -23.09
CA LEU E 155 -11.83 -82.57 -22.61
C LEU E 155 -11.92 -84.09 -22.55
N SER E 156 -10.80 -84.76 -22.84
CA SER E 156 -10.75 -86.22 -22.82
C SER E 156 -9.93 -86.70 -21.63
N ARG E 157 -10.57 -87.50 -20.76
CA ARG E 157 -9.91 -88.01 -19.57
C ARG E 157 -9.94 -89.54 -19.54
N SER E 158 -8.98 -90.12 -18.81
CA SER E 158 -8.89 -91.56 -18.63
C SER E 158 -8.81 -92.32 -19.96
N ASP E 159 -9.79 -93.18 -20.19
CA ASP E 159 -9.84 -93.98 -21.42
C ASP E 159 -10.47 -93.21 -22.57
N ASP E 160 -9.96 -92.01 -22.83
CA ASP E 160 -10.47 -91.13 -23.88
C ASP E 160 -11.97 -90.85 -23.71
N ARG E 161 -12.43 -90.82 -22.46
CA ARG E 161 -13.82 -90.49 -22.16
C ARG E 161 -14.00 -88.97 -22.19
N LYS E 162 -15.00 -88.52 -22.94
CA LYS E 162 -15.22 -87.09 -23.14
C LYS E 162 -16.12 -86.47 -22.08
N TYR E 163 -15.72 -85.30 -21.60
CA TYR E 163 -16.54 -84.53 -20.67
C TYR E 163 -16.37 -83.03 -20.96
N PRO E 164 -17.48 -82.28 -20.91
CA PRO E 164 -17.47 -80.85 -21.21
C PRO E 164 -17.22 -79.98 -19.98
N GLU E 165 -16.63 -78.81 -20.20
CA GLU E 165 -16.49 -77.82 -19.14
C GLU E 165 -16.80 -76.43 -19.69
N LEU E 166 -17.51 -75.63 -18.92
CA LEU E 166 -17.93 -74.31 -19.36
C LEU E 166 -16.89 -73.25 -19.00
N VAL E 167 -16.44 -72.50 -20.00
CA VAL E 167 -15.40 -71.52 -19.80
C VAL E 167 -15.92 -70.09 -19.96
N LEU E 168 -15.62 -69.25 -18.98
CA LEU E 168 -16.01 -67.85 -19.00
C LEU E 168 -14.95 -67.00 -19.70
N ASP E 169 -15.38 -66.05 -20.52
CA ASP E 169 -14.45 -65.18 -21.23
C ASP E 169 -14.64 -63.72 -20.85
N ARG E 170 -15.84 -63.38 -20.36
CA ARG E 170 -16.11 -62.04 -19.86
C ARG E 170 -17.04 -62.09 -18.66
N ALA E 171 -16.71 -61.31 -17.63
CA ALA E 171 -17.41 -61.35 -16.35
C ALA E 171 -18.89 -61.01 -16.47
N LEU E 172 -19.66 -61.49 -15.50
CA LEU E 172 -21.10 -61.25 -15.45
C LEU E 172 -21.43 -59.99 -14.67
N ASP E 173 -22.71 -59.66 -14.59
CA ASP E 173 -23.16 -58.49 -13.85
C ASP E 173 -24.61 -58.65 -13.41
N ARG E 174 -24.82 -58.90 -12.12
CA ARG E 174 -26.15 -59.19 -11.59
C ARG E 174 -27.11 -58.01 -11.72
N GLU E 175 -26.57 -56.80 -11.61
CA GLU E 175 -27.39 -55.60 -11.70
C GLU E 175 -28.01 -55.45 -13.09
N GLU E 176 -27.41 -56.10 -14.07
CA GLU E 176 -27.91 -56.08 -15.43
C GLU E 176 -28.69 -57.37 -15.75
N GLN E 177 -27.97 -58.50 -15.71
CA GLN E 177 -28.59 -59.79 -15.98
C GLN E 177 -28.37 -60.75 -14.82
N PRO E 178 -29.35 -60.83 -13.91
CA PRO E 178 -29.27 -61.65 -12.69
C PRO E 178 -29.22 -63.15 -12.97
N GLU E 179 -29.74 -63.58 -14.11
CA GLU E 179 -29.83 -65.00 -14.42
C GLU E 179 -29.60 -65.28 -15.90
N LEU E 180 -28.91 -66.38 -16.18
CA LEU E 180 -28.64 -66.80 -17.55
C LEU E 180 -29.22 -68.19 -17.84
N THR E 181 -29.61 -68.43 -19.09
CA THR E 181 -30.12 -69.72 -19.50
C THR E 181 -29.51 -70.14 -20.83
N LEU E 182 -28.71 -71.21 -20.80
CA LEU E 182 -28.04 -71.69 -22.01
C LEU E 182 -28.50 -73.11 -22.37
N ILE E 183 -28.24 -73.49 -23.62
CA ILE E 183 -28.54 -74.84 -24.09
C ILE E 183 -27.26 -75.60 -24.42
N LEU E 184 -27.02 -76.69 -23.71
CA LEU E 184 -25.84 -77.50 -23.94
C LEU E 184 -26.17 -78.73 -24.77
N THR E 185 -25.58 -78.82 -25.96
CA THR E 185 -25.84 -79.91 -26.87
C THR E 185 -24.65 -80.86 -26.99
N ALA E 186 -24.91 -82.16 -26.84
CA ALA E 186 -23.89 -83.18 -26.99
C ALA E 186 -24.02 -83.83 -28.36
N LEU E 187 -22.94 -83.75 -29.15
CA LEU E 187 -22.94 -84.24 -30.52
C LEU E 187 -22.18 -85.55 -30.67
N ASP E 188 -22.78 -86.48 -31.41
CA ASP E 188 -22.20 -87.78 -31.70
C ASP E 188 -21.33 -87.70 -32.94
N GLY E 189 -20.40 -88.64 -33.08
CA GLY E 189 -19.51 -88.68 -34.23
C GLY E 189 -19.96 -89.66 -35.30
N GLY E 190 -21.06 -90.35 -35.03
CA GLY E 190 -21.59 -91.31 -35.97
C GLY E 190 -22.26 -90.66 -37.17
N ALA E 191 -22.75 -91.48 -38.09
CA ALA E 191 -23.41 -90.97 -39.28
C ALA E 191 -24.80 -91.59 -39.44
N PRO E 192 -25.85 -90.78 -39.29
CA PRO E 192 -25.78 -89.35 -38.95
C PRO E 192 -25.59 -89.10 -37.46
N PRO E 193 -24.98 -87.96 -37.11
CA PRO E 193 -24.75 -87.59 -35.71
C PRO E 193 -26.04 -87.47 -34.91
N LYS E 194 -26.00 -87.87 -33.65
CA LYS E 194 -27.16 -87.80 -32.78
C LYS E 194 -26.91 -86.89 -31.58
N SER E 195 -27.90 -86.08 -31.24
CA SER E 195 -27.72 -85.03 -30.24
C SER E 195 -28.26 -85.38 -28.87
N GLY E 196 -27.88 -84.57 -27.88
CA GLY E 196 -28.42 -84.67 -26.53
C GLY E 196 -28.36 -83.33 -25.83
N THR E 197 -29.49 -82.65 -25.72
CA THR E 197 -29.50 -81.29 -25.18
C THR E 197 -29.97 -81.23 -23.73
N THR E 198 -29.43 -80.26 -23.00
CA THR E 198 -29.85 -79.98 -21.64
C THR E 198 -29.85 -78.47 -21.39
N THR E 199 -30.52 -78.03 -20.33
CA THR E 199 -30.55 -76.61 -20.01
C THR E 199 -29.62 -76.27 -18.87
N VAL E 200 -28.63 -75.43 -19.17
CA VAL E 200 -27.71 -74.94 -18.15
C VAL E 200 -28.16 -73.57 -17.66
N ARG E 201 -28.79 -73.53 -16.50
CA ARG E 201 -29.27 -72.29 -15.92
C ARG E 201 -28.27 -71.74 -14.90
N ILE E 202 -27.60 -70.66 -15.26
CA ILE E 202 -26.56 -70.08 -14.41
C ILE E 202 -27.11 -68.92 -13.59
N GLU E 203 -27.07 -69.08 -12.26
CA GLU E 203 -27.53 -68.05 -11.34
C GLU E 203 -26.38 -67.17 -10.89
N VAL E 204 -26.46 -65.88 -11.20
CA VAL E 204 -25.40 -64.95 -10.86
C VAL E 204 -25.44 -64.58 -9.38
N VAL E 205 -24.34 -64.86 -8.68
CA VAL E 205 -24.23 -64.54 -7.26
C VAL E 205 -23.85 -63.08 -7.08
N ASP E 206 -24.55 -62.39 -6.17
CA ASP E 206 -24.35 -60.97 -5.95
C ASP E 206 -22.99 -60.66 -5.33
N ILE E 207 -22.34 -59.61 -5.85
CA ILE E 207 -21.08 -59.13 -5.30
C ILE E 207 -21.19 -57.64 -5.01
N ASN E 208 -20.76 -57.24 -3.81
CA ASN E 208 -20.80 -55.83 -3.43
C ASN E 208 -19.87 -54.98 -4.28
N ASP E 209 -20.38 -54.52 -5.42
CA ASP E 209 -19.59 -53.68 -6.33
C ASP E 209 -20.32 -52.37 -6.60
N ASN E 210 -21.29 -52.03 -5.75
CA ASN E 210 -22.01 -50.78 -5.86
C ASN E 210 -21.96 -49.96 -4.58
N ALA E 211 -21.56 -48.70 -4.69
CA ALA E 211 -21.50 -47.81 -3.54
C ALA E 211 -22.85 -47.14 -3.31
N PRO E 212 -23.21 -46.95 -2.03
CA PRO E 212 -24.48 -46.32 -1.65
C PRO E 212 -24.64 -44.90 -2.21
N GLN E 213 -25.88 -44.49 -2.42
CA GLN E 213 -26.17 -43.16 -2.95
C GLN E 213 -27.38 -42.55 -2.24
N PHE E 214 -27.27 -41.28 -1.87
CA PHE E 214 -28.36 -40.58 -1.21
C PHE E 214 -29.36 -40.03 -2.23
N LEU E 215 -30.63 -40.05 -1.86
CA LEU E 215 -31.68 -39.52 -2.73
C LEU E 215 -31.54 -38.01 -2.88
N GLN E 216 -31.03 -37.37 -1.84
CA GLN E 216 -30.77 -35.93 -1.87
C GLN E 216 -29.31 -35.61 -1.59
N SER E 217 -28.76 -34.68 -2.34
CA SER E 217 -27.39 -34.22 -2.12
C SER E 217 -27.33 -33.30 -0.91
N LEU E 218 -28.38 -32.50 -0.73
CA LEU E 218 -28.45 -31.54 0.36
C LEU E 218 -29.78 -31.63 1.11
N TYR E 219 -29.70 -31.70 2.44
CA TYR E 219 -30.88 -31.71 3.28
C TYR E 219 -30.99 -30.41 4.07
N ALA E 220 -32.00 -29.60 3.75
CA ALA E 220 -32.20 -28.33 4.41
C ALA E 220 -33.41 -28.39 5.34
N VAL E 221 -33.19 -28.06 6.61
CA VAL E 221 -34.25 -28.09 7.60
C VAL E 221 -34.01 -27.08 8.72
N GLU E 222 -35.05 -26.33 9.07
CA GLU E 222 -34.97 -25.35 10.15
C GLU E 222 -35.57 -25.90 11.43
N VAL E 223 -34.89 -25.68 12.55
CA VAL E 223 -35.36 -26.16 13.84
C VAL E 223 -35.19 -25.10 14.93
N PRO E 224 -36.27 -24.81 15.67
CA PRO E 224 -36.26 -23.85 16.77
C PRO E 224 -35.23 -24.20 17.85
N GLU E 225 -34.77 -23.19 18.58
CA GLU E 225 -33.78 -23.37 19.63
C GLU E 225 -34.33 -24.16 20.82
N ASN E 226 -35.58 -23.88 21.17
CA ASN E 226 -36.22 -24.52 22.31
C ASN E 226 -36.98 -25.79 21.92
N SER E 227 -36.51 -26.46 20.88
CA SER E 227 -37.15 -27.66 20.38
C SER E 227 -36.99 -28.83 21.35
N PRO E 228 -38.03 -29.67 21.46
CA PRO E 228 -38.04 -30.83 22.37
C PRO E 228 -36.91 -31.82 22.10
N LEU E 229 -36.49 -32.53 23.14
CA LEU E 229 -35.47 -33.57 23.00
C LEU E 229 -36.04 -34.76 22.22
N ASN E 230 -35.17 -35.46 21.52
CA ASN E 230 -35.57 -36.57 20.65
C ASN E 230 -36.61 -36.15 19.62
N ALA E 231 -36.37 -35.01 18.98
CA ALA E 231 -37.29 -34.51 17.96
C ALA E 231 -36.80 -34.91 16.56
N LEU E 232 -37.74 -35.34 15.72
CA LEU E 232 -37.42 -35.73 14.36
C LEU E 232 -37.10 -34.51 13.51
N VAL E 233 -35.82 -34.14 13.47
CA VAL E 233 -35.36 -33.00 12.70
C VAL E 233 -35.56 -33.24 11.22
N VAL E 234 -34.96 -34.31 10.71
CA VAL E 234 -35.10 -34.70 9.31
C VAL E 234 -34.73 -36.17 9.13
N THR E 235 -35.33 -36.81 8.14
CA THR E 235 -35.04 -38.21 7.84
C THR E 235 -34.25 -38.32 6.54
N VAL E 236 -33.16 -39.10 6.58
CA VAL E 236 -32.31 -39.27 5.41
C VAL E 236 -32.44 -40.69 4.84
N SER E 237 -32.53 -40.79 3.52
CA SER E 237 -32.69 -42.09 2.87
C SER E 237 -31.62 -42.31 1.80
N ALA E 238 -31.06 -43.52 1.77
CA ALA E 238 -30.04 -43.88 0.79
C ALA E 238 -30.42 -45.17 0.06
N ARG E 239 -30.05 -45.24 -1.22
CA ARG E 239 -30.37 -46.40 -2.04
C ARG E 239 -29.11 -47.13 -2.52
N ASP E 240 -29.17 -48.45 -2.55
CA ASP E 240 -28.06 -49.26 -3.04
C ASP E 240 -28.53 -50.17 -4.17
N LEU E 241 -27.75 -50.24 -5.23
CA LEU E 241 -28.11 -51.05 -6.40
C LEU E 241 -28.04 -52.54 -6.13
N ASP E 242 -27.12 -52.94 -5.24
CA ASP E 242 -26.96 -54.33 -4.88
C ASP E 242 -28.16 -54.85 -4.09
N ALA E 243 -28.16 -56.15 -3.82
CA ALA E 243 -29.27 -56.76 -3.08
C ALA E 243 -28.76 -57.56 -1.88
N GLY E 244 -29.66 -57.86 -0.96
CA GLY E 244 -29.32 -58.62 0.23
C GLY E 244 -28.53 -57.81 1.24
N ILE E 245 -27.56 -58.46 1.88
CA ILE E 245 -26.73 -57.79 2.88
C ILE E 245 -25.81 -56.75 2.21
N HIS E 246 -25.48 -57.00 0.95
CA HIS E 246 -24.63 -56.09 0.19
C HIS E 246 -25.37 -54.81 -0.17
N GLY E 247 -26.69 -54.83 0.01
CA GLY E 247 -27.53 -53.69 -0.32
C GLY E 247 -28.00 -52.93 0.90
N ASN E 248 -28.10 -53.63 2.03
CA ASN E 248 -28.51 -53.00 3.28
C ASN E 248 -27.50 -51.94 3.72
N VAL E 249 -28.02 -50.76 4.05
CA VAL E 249 -27.16 -49.60 4.29
C VAL E 249 -27.17 -49.16 5.75
N ALA E 250 -26.01 -48.71 6.23
CA ALA E 250 -25.89 -48.18 7.59
C ALA E 250 -25.46 -46.72 7.56
N TYR E 251 -26.15 -45.89 8.35
CA TYR E 251 -25.88 -44.45 8.37
C TYR E 251 -24.96 -44.05 9.51
N SER E 252 -24.05 -43.11 9.23
CA SER E 252 -23.17 -42.56 10.24
C SER E 252 -23.15 -41.03 10.16
N LEU E 253 -23.03 -40.37 11.30
CA LEU E 253 -23.11 -38.92 11.35
C LEU E 253 -21.77 -38.25 11.64
N PHE E 254 -21.28 -37.49 10.67
CA PHE E 254 -20.13 -36.63 10.89
C PHE E 254 -20.63 -35.20 11.00
N GLN E 255 -20.01 -34.39 11.85
CA GLN E 255 -20.49 -33.04 12.08
C GLN E 255 -19.37 -32.01 12.08
N GLY E 256 -19.75 -30.74 12.09
CA GLY E 256 -18.79 -29.65 12.19
C GLY E 256 -18.09 -29.71 13.54
N GLY E 257 -16.81 -29.36 13.55
CA GLY E 257 -15.99 -29.46 14.73
C GLY E 257 -16.48 -28.67 15.92
N GLY E 258 -16.43 -27.34 15.81
CA GLY E 258 -16.76 -26.44 16.91
C GLY E 258 -18.10 -26.69 17.58
N GLY E 259 -18.12 -26.51 18.90
CA GLY E 259 -19.34 -26.69 19.67
C GLY E 259 -19.65 -28.14 19.97
N PRO E 260 -20.67 -28.38 20.80
CA PRO E 260 -21.10 -29.74 21.13
C PRO E 260 -21.84 -30.41 19.97
N GLN E 261 -22.15 -31.69 20.12
CA GLN E 261 -22.88 -32.42 19.09
C GLN E 261 -24.22 -32.91 19.63
N PRO E 262 -25.25 -32.06 19.53
CA PRO E 262 -26.59 -32.38 20.04
C PRO E 262 -27.38 -33.29 19.11
N PHE E 263 -26.81 -33.61 17.95
CA PHE E 263 -27.51 -34.42 16.97
C PHE E 263 -26.97 -35.84 16.90
N VAL E 264 -27.87 -36.81 16.77
CA VAL E 264 -27.51 -38.20 16.59
C VAL E 264 -28.32 -38.82 15.45
N ILE E 265 -27.73 -39.80 14.78
CA ILE E 265 -28.37 -40.45 13.65
C ILE E 265 -28.78 -41.88 14.01
N ASP E 266 -29.92 -42.31 13.47
CA ASP E 266 -30.32 -43.70 13.61
C ASP E 266 -29.60 -44.53 12.55
N GLU E 267 -28.94 -45.59 12.99
CA GLU E 267 -28.08 -46.39 12.11
C GLU E 267 -28.85 -47.06 10.98
N ILE E 268 -30.16 -47.26 11.18
CA ILE E 268 -30.97 -47.98 10.21
C ILE E 268 -31.93 -47.07 9.45
N THR E 269 -32.83 -46.42 10.18
CA THR E 269 -33.88 -45.61 9.56
C THR E 269 -33.32 -44.34 8.93
N GLY E 270 -32.24 -43.80 9.49
CA GLY E 270 -31.65 -42.58 8.99
C GLY E 270 -32.40 -41.35 9.44
N GLU E 271 -32.76 -41.32 10.72
CA GLU E 271 -33.49 -40.20 11.29
C GLU E 271 -32.61 -39.40 12.25
N ILE E 272 -32.40 -38.13 11.93
CA ILE E 272 -31.58 -37.25 12.76
C ILE E 272 -32.39 -36.67 13.91
N ARG E 273 -31.96 -36.94 15.14
CA ARG E 273 -32.70 -36.47 16.31
C ARG E 273 -31.79 -35.75 17.31
N LEU E 274 -32.41 -35.01 18.23
CA LEU E 274 -31.67 -34.26 19.24
C LEU E 274 -31.25 -35.13 20.41
N LYS E 275 -29.97 -35.07 20.75
CA LYS E 275 -29.45 -35.79 21.90
C LYS E 275 -29.19 -34.82 23.05
N GLY E 276 -28.81 -33.60 22.71
CA GLY E 276 -28.54 -32.56 23.70
C GLY E 276 -29.44 -31.36 23.54
N ALA E 277 -29.05 -30.26 24.17
CA ALA E 277 -29.84 -29.03 24.11
C ALA E 277 -29.34 -28.11 23.01
N LEU E 278 -30.27 -27.46 22.32
CA LEU E 278 -29.94 -26.49 21.28
C LEU E 278 -29.91 -25.07 21.84
N ASP E 279 -28.89 -24.31 21.45
CA ASP E 279 -28.77 -22.92 21.89
C ASP E 279 -28.23 -22.06 20.75
N PHE E 280 -29.01 -21.06 20.35
CA PHE E 280 -28.66 -20.18 19.24
C PHE E 280 -27.40 -19.37 19.54
N GLU E 281 -27.17 -19.10 20.82
CA GLU E 281 -26.05 -18.26 21.24
C GLU E 281 -24.73 -19.02 21.17
N ALA E 282 -24.77 -20.31 21.49
CA ALA E 282 -23.59 -21.16 21.41
C ALA E 282 -23.22 -21.41 19.95
N THR E 283 -24.07 -22.16 19.26
CA THR E 283 -23.90 -22.42 17.84
C THR E 283 -25.22 -22.17 17.11
N SER E 284 -25.17 -21.40 16.03
CA SER E 284 -26.38 -21.01 15.33
C SER E 284 -26.61 -21.79 14.05
N TYR E 285 -25.53 -22.26 13.43
CA TYR E 285 -25.63 -22.94 12.14
C TYR E 285 -24.77 -24.20 12.11
N TYR E 286 -25.38 -25.30 11.67
CA TYR E 286 -24.67 -26.57 11.55
C TYR E 286 -24.53 -26.99 10.10
N THR E 287 -23.35 -27.46 9.73
CA THR E 287 -23.10 -28.01 8.40
C THR E 287 -22.45 -29.38 8.55
N MET E 288 -23.26 -30.43 8.49
CA MET E 288 -22.75 -31.77 8.76
C MET E 288 -22.90 -32.70 7.57
N GLU E 289 -22.31 -33.88 7.68
CA GLU E 289 -22.36 -34.89 6.61
C GLU E 289 -22.89 -36.22 7.09
N ILE E 290 -23.87 -36.75 6.36
CA ILE E 290 -24.34 -38.11 6.59
C ILE E 290 -23.60 -39.05 5.64
N VAL E 291 -23.09 -40.15 6.18
CA VAL E 291 -22.35 -41.12 5.39
C VAL E 291 -23.06 -42.47 5.36
N ALA E 292 -23.35 -42.95 4.16
CA ALA E 292 -23.99 -44.25 3.97
C ALA E 292 -22.95 -45.32 3.63
N THR E 293 -22.85 -46.33 4.48
CA THR E 293 -21.87 -47.39 4.29
C THR E 293 -22.53 -48.77 4.32
N ASP E 294 -22.20 -49.61 3.33
CA ASP E 294 -22.73 -50.96 3.28
C ASP E 294 -21.94 -51.90 4.20
N SER E 295 -22.00 -53.19 3.91
CA SER E 295 -21.32 -54.19 4.73
C SER E 295 -19.94 -54.51 4.18
N GLY E 296 -19.55 -53.82 3.11
CA GLY E 296 -18.28 -54.08 2.46
C GLY E 296 -17.25 -52.98 2.63
N GLY E 297 -17.72 -51.75 2.74
CA GLY E 297 -16.83 -50.61 2.91
C GLY E 297 -17.10 -49.49 1.94
N LEU E 298 -17.85 -49.79 0.89
CA LEU E 298 -18.26 -48.79 -0.09
C LEU E 298 -19.15 -47.75 0.58
N SER E 299 -18.87 -46.48 0.31
CA SER E 299 -19.55 -45.40 1.02
C SER E 299 -20.13 -44.34 0.10
N GLY E 300 -20.98 -43.49 0.66
CA GLY E 300 -21.56 -42.36 -0.04
C GLY E 300 -21.74 -41.20 0.93
N LYS E 301 -21.61 -39.99 0.42
CA LYS E 301 -21.70 -38.81 1.29
C LYS E 301 -22.84 -37.89 0.89
N CYS E 302 -23.52 -37.32 1.88
CA CYS E 302 -24.48 -36.25 1.62
C CYS E 302 -24.32 -35.16 2.67
N THR E 303 -24.58 -33.92 2.28
CA THR E 303 -24.46 -32.80 3.20
C THR E 303 -25.82 -32.36 3.72
N VAL E 304 -25.96 -32.33 5.04
CA VAL E 304 -27.16 -31.79 5.66
C VAL E 304 -26.83 -30.52 6.43
N ALA E 305 -27.53 -29.44 6.10
CA ALA E 305 -27.31 -28.15 6.71
C ALA E 305 -28.50 -27.74 7.57
N ILE E 306 -28.25 -27.60 8.87
CA ILE E 306 -29.30 -27.26 9.82
C ILE E 306 -29.19 -25.83 10.30
N GLN E 307 -30.28 -25.07 10.15
CA GLN E 307 -30.33 -23.69 10.61
C GLN E 307 -31.19 -23.57 11.87
N VAL E 308 -30.60 -23.06 12.95
CA VAL E 308 -31.31 -22.93 14.21
C VAL E 308 -32.06 -21.61 14.29
N LEU E 309 -33.32 -21.68 14.73
CA LEU E 309 -34.14 -20.48 14.91
C LEU E 309 -33.90 -19.87 16.29
N ASP E 310 -33.85 -18.54 16.35
CA ASP E 310 -33.59 -17.84 17.59
C ASP E 310 -34.86 -17.72 18.45
N VAL E 311 -34.69 -17.91 19.76
CA VAL E 311 -35.79 -17.79 20.71
C VAL E 311 -35.41 -16.82 21.83
N ASN E 312 -36.32 -15.92 22.17
CA ASN E 312 -36.06 -14.98 23.27
C ASN E 312 -36.09 -15.68 24.62
N ASP E 313 -34.97 -16.32 24.96
CA ASP E 313 -34.88 -17.09 26.20
C ASP E 313 -33.78 -16.56 27.12
N ASN E 314 -33.39 -15.31 26.91
CA ASN E 314 -32.37 -14.68 27.75
C ASN E 314 -32.79 -13.29 28.21
N ALA E 315 -32.83 -13.10 29.53
CA ALA E 315 -33.16 -11.80 30.10
C ALA E 315 -31.91 -10.91 30.10
N PRO E 316 -32.11 -9.60 29.87
CA PRO E 316 -31.00 -8.64 29.85
C PRO E 316 -30.22 -8.61 31.15
N LYS E 317 -28.89 -8.54 31.06
CA LYS E 317 -28.05 -8.46 32.23
C LYS E 317 -27.72 -7.00 32.56
N LEU E 318 -28.05 -6.60 33.79
CA LEU E 318 -27.85 -5.22 34.22
C LEU E 318 -26.72 -5.09 35.23
N THR E 319 -25.70 -4.31 34.86
CA THR E 319 -24.56 -4.07 35.75
C THR E 319 -24.48 -2.60 36.14
N ILE E 320 -24.66 -2.32 37.42
CA ILE E 320 -24.69 -0.95 37.91
C ILE E 320 -23.45 -0.60 38.75
N SER E 321 -22.85 0.54 38.46
CA SER E 321 -21.72 1.04 39.24
C SER E 321 -22.07 2.37 39.90
N SER E 322 -21.86 2.44 41.20
CA SER E 322 -22.18 3.65 41.96
C SER E 322 -21.02 4.64 41.95
N LEU E 323 -21.36 5.93 41.89
CA LEU E 323 -20.36 6.98 41.90
C LEU E 323 -20.43 7.78 43.20
N THR E 324 -21.64 8.15 43.60
CA THR E 324 -21.84 8.90 44.83
C THR E 324 -22.93 8.26 45.69
N SER E 325 -22.56 7.91 46.92
CA SER E 325 -23.51 7.35 47.87
C SER E 325 -24.52 8.41 48.30
N SER E 326 -24.07 9.66 48.29
CA SER E 326 -24.93 10.79 48.63
C SER E 326 -24.65 11.97 47.71
N ILE E 327 -25.70 12.76 47.44
CA ILE E 327 -25.57 13.92 46.56
C ILE E 327 -26.02 15.20 47.27
N PRO E 328 -25.39 16.34 46.94
CA PRO E 328 -25.78 17.63 47.51
C PRO E 328 -27.20 18.01 47.13
N GLU E 329 -27.82 18.87 47.94
CA GLU E 329 -29.22 19.25 47.74
C GLU E 329 -29.43 20.10 46.50
N ASN E 330 -28.95 21.35 46.55
CA ASN E 330 -29.18 22.30 45.47
C ASN E 330 -28.12 22.26 44.38
N ALA E 331 -27.53 21.08 44.17
CA ALA E 331 -26.52 20.92 43.12
C ALA E 331 -27.16 20.45 41.82
N PRO E 332 -27.09 21.30 40.79
CA PRO E 332 -27.68 21.00 39.48
C PRO E 332 -26.85 20.01 38.66
N GLU E 333 -27.52 19.20 37.85
CA GLU E 333 -26.88 18.23 36.98
C GLU E 333 -25.93 17.30 37.73
N ALA E 334 -26.46 16.64 38.76
CA ALA E 334 -25.66 15.73 39.57
C ALA E 334 -25.74 14.30 39.02
N VAL E 335 -24.59 13.67 38.86
CA VAL E 335 -24.54 12.30 38.37
C VAL E 335 -24.48 11.31 39.52
N VAL E 336 -25.53 10.49 39.65
CA VAL E 336 -25.66 9.56 40.76
C VAL E 336 -24.91 8.26 40.50
N ALA E 337 -25.32 7.53 39.47
CA ALA E 337 -24.73 6.23 39.15
C ALA E 337 -24.63 5.99 37.66
N VAL E 338 -23.82 5.01 37.27
CA VAL E 338 -23.64 4.67 35.87
C VAL E 338 -23.78 3.17 35.66
N PHE E 339 -24.72 2.78 34.81
CA PHE E 339 -24.99 1.37 34.57
C PHE E 339 -24.90 1.00 33.10
N SER E 340 -24.74 -0.29 32.82
CA SER E 340 -24.71 -0.80 31.46
C SER E 340 -25.49 -2.11 31.36
N VAL E 341 -26.02 -2.38 30.18
CA VAL E 341 -26.85 -3.57 29.97
C VAL E 341 -26.31 -4.44 28.84
N SER E 342 -26.57 -5.75 28.92
CA SER E 342 -26.14 -6.68 27.90
C SER E 342 -27.25 -7.67 27.54
N ASP E 343 -27.16 -8.25 26.35
CA ASP E 343 -28.14 -9.22 25.89
C ASP E 343 -27.54 -10.10 24.79
N PRO E 344 -27.38 -11.40 25.07
CA PRO E 344 -26.79 -12.36 24.12
C PRO E 344 -27.73 -12.72 22.97
N ASP E 345 -29.00 -12.34 23.08
CA ASP E 345 -29.98 -12.64 22.04
C ASP E 345 -29.72 -11.83 20.77
N SER E 346 -30.47 -12.13 19.72
CA SER E 346 -30.29 -11.45 18.44
C SER E 346 -31.60 -10.83 17.96
N GLY E 347 -31.48 -9.81 17.10
CA GLY E 347 -32.63 -9.12 16.55
C GLY E 347 -33.33 -8.26 17.59
N ASP E 348 -34.66 -8.29 17.57
CA ASP E 348 -35.45 -7.53 18.54
C ASP E 348 -35.33 -8.15 19.93
N ASN E 349 -34.96 -9.42 19.98
CA ASN E 349 -34.73 -10.10 21.24
C ASN E 349 -33.47 -9.58 21.94
N GLY E 350 -32.59 -8.97 21.14
CA GLY E 350 -31.36 -8.41 21.66
C GLY E 350 -31.48 -6.92 21.95
N ARG E 351 -32.26 -6.22 21.14
CA ARG E 351 -32.50 -4.80 21.34
C ARG E 351 -33.30 -4.57 22.62
N MET E 352 -32.84 -3.63 23.43
CA MET E 352 -33.41 -3.42 24.76
C MET E 352 -33.50 -1.94 25.13
N VAL E 353 -34.54 -1.61 25.89
CA VAL E 353 -34.73 -0.25 26.38
C VAL E 353 -34.87 -0.27 27.90
N CYS E 354 -34.31 0.75 28.56
CA CYS E 354 -34.35 0.82 30.02
C CYS E 354 -35.21 1.99 30.49
N SER E 355 -35.88 1.80 31.62
CA SER E 355 -36.79 2.81 32.14
C SER E 355 -36.70 2.98 33.65
N ILE E 356 -37.14 4.15 34.11
CA ILE E 356 -37.15 4.50 35.53
C ILE E 356 -38.58 4.86 35.92
N GLN E 357 -38.87 4.89 37.22
CA GLN E 357 -40.19 5.28 37.70
C GLN E 357 -40.55 6.69 37.25
N ASN E 358 -41.83 6.90 36.95
CA ASN E 358 -42.31 8.19 36.48
C ASN E 358 -42.32 9.24 37.59
N GLY E 359 -42.53 8.78 38.82
CA GLY E 359 -42.63 9.68 39.96
C GLY E 359 -41.31 10.27 40.40
N LEU E 360 -40.22 9.54 40.17
CA LEU E 360 -38.90 9.99 40.60
C LEU E 360 -38.40 11.16 39.76
N PRO E 361 -37.78 12.15 40.41
CA PRO E 361 -37.24 13.34 39.76
C PRO E 361 -35.87 13.12 39.14
N PHE E 362 -35.55 11.87 38.80
CA PHE E 362 -34.28 11.54 38.17
C PHE E 362 -34.45 11.32 36.68
N LEU E 363 -33.36 11.44 35.92
CA LEU E 363 -33.43 11.32 34.47
C LEU E 363 -32.32 10.44 33.91
N LEU E 364 -32.68 9.50 33.05
CA LEU E 364 -31.70 8.63 32.42
C LEU E 364 -31.17 9.24 31.13
N LYS E 365 -29.84 9.28 31.00
CA LYS E 365 -29.21 9.86 29.83
C LYS E 365 -28.23 8.87 29.19
N PRO E 366 -28.55 8.41 27.98
CA PRO E 366 -27.71 7.47 27.23
C PRO E 366 -26.42 8.11 26.73
N THR E 367 -25.28 7.65 27.24
CA THR E 367 -23.99 8.16 26.82
C THR E 367 -23.38 7.30 25.72
N PHE E 368 -23.15 6.03 26.01
CA PHE E 368 -22.58 5.10 25.04
C PHE E 368 -23.54 3.97 24.72
N LYS E 369 -23.22 3.21 23.67
CA LYS E 369 -24.04 2.06 23.27
C LYS E 369 -24.12 1.03 24.39
N ASN E 370 -25.34 0.68 24.78
CA ASN E 370 -25.59 -0.19 25.92
C ASN E 370 -24.90 0.33 27.17
N PHE E 371 -24.93 1.65 27.35
CA PHE E 371 -24.20 2.29 28.43
C PHE E 371 -24.85 3.63 28.79
N TYR E 372 -25.69 3.61 29.81
CA TYR E 372 -26.47 4.79 30.21
C TYR E 372 -25.90 5.44 31.47
N THR E 373 -26.48 6.57 31.85
CA THR E 373 -26.03 7.31 33.03
C THR E 373 -27.21 7.87 33.81
N LEU E 374 -27.22 7.64 35.12
CA LEU E 374 -28.29 8.10 35.99
C LEU E 374 -28.01 9.50 36.53
N VAL E 375 -28.74 10.48 36.02
CA VAL E 375 -28.51 11.89 36.37
C VAL E 375 -29.78 12.54 36.92
N THR E 376 -29.61 13.41 37.92
CA THR E 376 -30.72 14.17 38.47
C THR E 376 -31.27 15.17 37.45
N GLU E 377 -32.58 15.29 37.39
CA GLU E 377 -33.23 16.19 36.44
C GLU E 377 -33.23 17.63 36.97
N ARG E 378 -33.34 17.77 38.29
CA ARG E 378 -33.42 19.07 38.91
C ARG E 378 -32.99 19.01 40.37
N PRO E 379 -32.45 20.12 40.90
CA PRO E 379 -32.11 20.21 42.33
C PRO E 379 -33.32 19.96 43.22
N LEU E 380 -33.11 19.32 44.36
CA LEU E 380 -34.21 18.94 45.24
C LEU E 380 -33.86 19.16 46.71
N ASP E 381 -34.84 19.61 47.49
CA ASP E 381 -34.62 19.93 48.89
C ASP E 381 -34.81 18.70 49.79
N ARG E 382 -33.94 18.57 50.79
CA ARG E 382 -33.95 17.43 51.70
C ARG E 382 -35.25 17.33 52.51
N GLU E 383 -35.85 18.49 52.79
CA GLU E 383 -37.05 18.56 53.61
C GLU E 383 -38.21 17.74 53.04
N SER E 384 -38.34 17.76 51.72
CA SER E 384 -39.41 17.02 51.06
C SER E 384 -39.15 15.51 51.13
N ASN E 385 -38.03 15.07 50.55
CA ASN E 385 -37.65 13.67 50.58
C ASN E 385 -36.17 13.51 50.93
N ALA E 386 -35.90 12.67 51.92
CA ALA E 386 -34.54 12.49 52.42
C ALA E 386 -33.78 11.42 51.64
N GLU E 387 -34.48 10.35 51.26
CA GLU E 387 -33.84 9.25 50.55
C GLU E 387 -34.69 8.76 49.38
N TYR E 388 -34.03 8.23 48.36
CA TYR E 388 -34.73 7.78 47.16
C TYR E 388 -34.36 6.34 46.78
N ASN E 389 -35.37 5.57 46.40
CA ASN E 389 -35.17 4.23 45.87
C ASN E 389 -35.39 4.20 44.36
N ILE E 390 -34.32 3.93 43.60
CA ILE E 390 -34.40 3.95 42.15
C ILE E 390 -34.28 2.55 41.55
N THR E 391 -35.39 2.02 41.06
CA THR E 391 -35.41 0.68 40.46
C THR E 391 -35.32 0.74 38.94
N ILE E 392 -34.10 0.69 38.42
CA ILE E 392 -33.88 0.69 36.98
C ILE E 392 -34.41 -0.61 36.37
N THR E 393 -35.22 -0.49 35.31
CA THR E 393 -35.81 -1.66 34.69
C THR E 393 -35.53 -1.73 33.19
N VAL E 394 -34.65 -2.65 32.79
CA VAL E 394 -34.31 -2.84 31.39
C VAL E 394 -35.05 -4.04 30.80
N SER E 395 -35.69 -3.82 29.65
CA SER E 395 -36.46 -4.87 29.00
C SER E 395 -36.13 -4.97 27.52
N ASP E 396 -36.11 -6.19 26.99
CA ASP E 396 -35.87 -6.39 25.56
C ASP E 396 -37.11 -6.07 24.73
N LEU E 397 -36.99 -6.17 23.42
CA LEU E 397 -38.10 -5.88 22.52
C LEU E 397 -38.56 -7.15 21.81
N GLY E 398 -38.48 -8.28 22.49
CA GLY E 398 -38.83 -9.56 21.91
C GLY E 398 -40.19 -10.08 22.34
N THR E 399 -40.59 -11.22 21.80
CA THR E 399 -41.87 -11.82 22.13
C THR E 399 -41.68 -13.29 22.55
N PRO E 400 -41.96 -13.60 23.83
CA PRO E 400 -42.41 -12.65 24.87
C PRO E 400 -41.27 -11.78 25.39
N ARG E 401 -41.63 -10.64 25.98
CA ARG E 401 -40.64 -9.68 26.47
C ARG E 401 -40.09 -10.09 27.83
N LEU E 402 -38.78 -10.32 27.88
CA LEU E 402 -38.10 -10.65 29.14
C LEU E 402 -37.50 -9.40 29.76
N THR E 403 -37.84 -9.14 31.01
CA THR E 403 -37.41 -7.91 31.68
C THR E 403 -36.54 -8.21 32.91
N THR E 404 -35.67 -7.26 33.24
CA THR E 404 -34.81 -7.38 34.41
C THR E 404 -34.66 -6.03 35.10
N GLN E 405 -34.83 -6.00 36.41
CA GLN E 405 -34.77 -4.75 37.16
C GLN E 405 -33.88 -4.86 38.40
N HIS E 406 -33.25 -3.75 38.76
CA HIS E 406 -32.42 -3.70 39.95
C HIS E 406 -32.56 -2.35 40.66
N THR E 407 -32.44 -2.37 41.98
CA THR E 407 -32.66 -1.18 42.79
C THR E 407 -31.35 -0.57 43.29
N ILE E 408 -31.32 0.75 43.36
CA ILE E 408 -30.19 1.47 43.94
C ILE E 408 -30.71 2.64 44.79
N THR E 409 -30.18 2.75 46.00
CA THR E 409 -30.64 3.77 46.94
C THR E 409 -29.72 4.97 46.96
N VAL E 410 -30.29 6.16 46.80
CA VAL E 410 -29.52 7.40 46.82
C VAL E 410 -30.10 8.40 47.82
N GLN E 411 -29.27 8.83 48.76
CA GLN E 411 -29.70 9.78 49.78
C GLN E 411 -29.20 11.18 49.47
N VAL E 412 -30.00 12.18 49.81
CA VAL E 412 -29.62 13.58 49.59
C VAL E 412 -29.24 14.24 50.92
N SER E 413 -28.21 15.09 50.87
CA SER E 413 -27.72 15.76 52.06
C SER E 413 -28.00 17.26 51.99
N ASP E 414 -27.97 17.91 53.16
CA ASP E 414 -28.24 19.34 53.24
C ASP E 414 -26.99 20.18 53.00
N ILE E 415 -27.17 21.50 52.93
CA ILE E 415 -26.06 22.42 52.71
C ILE E 415 -26.41 23.82 53.19
N GLU F 1 -9.64 -0.89 16.48
CA GLU F 1 -10.61 -0.11 17.25
C GLU F 1 -10.05 1.27 17.58
N ALA F 2 -10.77 2.03 18.41
CA ALA F 2 -10.33 3.36 18.81
C ALA F 2 -9.09 3.29 19.68
N ILE F 3 -9.23 2.65 20.83
CA ILE F 3 -8.10 2.45 21.72
C ILE F 3 -8.08 0.99 22.18
N SER F 4 -7.05 0.27 21.74
CA SER F 4 -6.94 -1.16 21.95
C SER F 4 -5.68 -1.56 22.71
N TYR F 5 -5.87 -2.36 23.75
CA TYR F 5 -4.77 -2.98 24.49
C TYR F 5 -4.82 -4.48 24.23
N SER F 6 -3.74 -5.03 23.67
CA SER F 6 -3.70 -6.46 23.37
C SER F 6 -2.80 -7.20 24.36
N MET F 7 -3.21 -8.41 24.71
CA MET F 7 -2.45 -9.22 25.64
C MET F 7 -2.82 -10.70 25.52
N PRO F 8 -1.82 -11.59 25.64
CA PRO F 8 -2.00 -13.04 25.51
C PRO F 8 -3.01 -13.63 26.49
N GLU F 9 -3.60 -14.76 26.12
CA GLU F 9 -4.55 -15.48 26.97
C GLU F 9 -3.81 -16.19 28.11
N GLU F 10 -4.54 -16.47 29.19
CA GLU F 10 -4.02 -17.23 30.32
C GLU F 10 -2.82 -16.54 30.98
N THR F 11 -2.77 -15.21 30.87
CA THR F 11 -1.72 -14.43 31.51
C THR F 11 -1.98 -14.33 33.01
N GLU F 12 -0.93 -14.42 33.80
CA GLU F 12 -1.05 -14.36 35.25
C GLU F 12 -1.71 -13.07 35.73
N SER F 13 -2.53 -13.17 36.76
CA SER F 13 -3.23 -12.02 37.32
C SER F 13 -2.25 -11.02 37.91
N GLY F 14 -2.64 -9.74 37.89
CA GLY F 14 -1.78 -8.68 38.36
C GLY F 14 -0.88 -8.17 37.25
N TYR F 15 -1.17 -8.60 36.03
CA TYR F 15 -0.39 -8.19 34.86
C TYR F 15 -0.58 -6.71 34.58
N LEU F 16 0.53 -6.02 34.29
CA LEU F 16 0.48 -4.59 33.98
C LEU F 16 -0.05 -4.38 32.57
N VAL F 17 -1.33 -4.00 32.47
CA VAL F 17 -1.95 -3.74 31.18
C VAL F 17 -1.32 -2.52 30.52
N ALA F 18 -1.51 -1.36 31.16
CA ALA F 18 -0.95 -0.11 30.64
C ALA F 18 -0.97 0.99 31.70
N ASN F 19 -0.10 1.98 31.52
CA ASN F 19 -0.11 3.17 32.35
C ASN F 19 -1.23 4.10 31.89
N LEU F 20 -2.38 3.99 32.56
CA LEU F 20 -3.59 4.71 32.14
C LEU F 20 -3.42 6.22 32.22
N ALA F 21 -2.62 6.69 33.17
CA ALA F 21 -2.40 8.12 33.37
C ALA F 21 -1.79 8.75 32.13
N GLN F 22 -0.75 8.12 31.58
CA GLN F 22 -0.10 8.63 30.38
C GLN F 22 -1.00 8.50 29.16
N ASP F 23 -1.80 7.44 29.15
CA ASP F 23 -2.73 7.20 28.04
C ASP F 23 -3.83 8.26 28.01
N LEU F 24 -4.15 8.80 29.17
CA LEU F 24 -5.16 9.85 29.27
C LEU F 24 -4.54 11.23 29.06
N GLY F 25 -3.21 11.30 29.19
CA GLY F 25 -2.50 12.57 29.12
C GLY F 25 -2.78 13.40 30.37
N LEU F 26 -3.07 12.70 31.47
CA LEU F 26 -3.45 13.34 32.71
C LEU F 26 -2.42 13.07 33.80
N ARG F 27 -2.21 14.04 34.69
CA ARG F 27 -1.28 13.89 35.79
C ARG F 27 -1.78 12.86 36.79
N VAL F 28 -0.84 12.16 37.43
CA VAL F 28 -1.18 11.12 38.40
C VAL F 28 -1.94 11.69 39.60
N GLY F 29 -1.59 12.91 40.00
CA GLY F 29 -2.27 13.58 41.08
C GLY F 29 -3.72 13.84 40.72
N GLU F 30 -3.96 14.22 39.48
CA GLU F 30 -5.31 14.45 38.99
C GLU F 30 -6.02 13.12 38.74
N LEU F 31 -5.23 12.07 38.51
CA LEU F 31 -5.78 10.74 38.32
C LEU F 31 -6.34 10.21 39.63
N THR F 32 -5.64 10.47 40.72
CA THR F 32 -6.09 10.06 42.04
C THR F 32 -7.18 10.99 42.56
N THR F 33 -7.06 12.27 42.25
CA THR F 33 -8.01 13.28 42.71
C THR F 33 -9.42 13.05 42.17
N ARG F 34 -9.52 12.84 40.86
CA ARG F 34 -10.81 12.71 40.20
C ARG F 34 -11.47 11.35 40.45
N GLY F 35 -10.84 10.53 41.27
CA GLY F 35 -11.38 9.23 41.62
C GLY F 35 -11.71 8.36 40.42
N ALA F 36 -10.72 8.18 39.54
CA ALA F 36 -10.89 7.40 38.33
C ALA F 36 -11.31 5.97 38.65
N ARG F 37 -12.28 5.45 37.91
CA ARG F 37 -12.69 4.06 38.09
C ARG F 37 -13.01 3.40 36.75
N ILE F 38 -13.18 2.08 36.77
CA ILE F 38 -13.49 1.33 35.55
C ILE F 38 -14.77 0.51 35.72
N HIS F 39 -15.47 0.28 34.61
CA HIS F 39 -16.74 -0.42 34.64
C HIS F 39 -16.99 -1.21 33.37
N HIS F 40 -17.27 -2.50 33.51
CA HIS F 40 -17.54 -3.37 32.36
C HIS F 40 -18.72 -4.28 32.64
N ASN F 41 -19.22 -4.92 31.58
CA ASN F 41 -20.41 -5.77 31.67
C ASN F 41 -20.15 -7.11 32.34
N GLY F 42 -18.88 -7.54 32.34
CA GLY F 42 -18.50 -8.82 32.91
C GLY F 42 -18.83 -8.94 34.38
N ASN F 43 -19.32 -10.11 34.77
CA ASN F 43 -19.68 -10.38 36.16
C ASN F 43 -18.46 -10.29 37.07
N LYS F 44 -17.43 -11.04 36.74
CA LYS F 44 -16.17 -10.99 37.48
C LYS F 44 -15.34 -9.80 37.06
N GLU F 45 -14.65 -9.19 38.02
CA GLU F 45 -13.81 -8.02 37.74
C GLU F 45 -12.46 -8.43 37.16
N LEU F 46 -12.35 -8.41 35.84
CA LEU F 46 -11.11 -8.77 35.17
C LEU F 46 -10.05 -7.69 35.40
N LEU F 47 -10.47 -6.44 35.38
CA LEU F 47 -9.55 -5.32 35.52
C LEU F 47 -9.75 -4.55 36.83
N GLN F 48 -8.65 -4.13 37.44
CA GLN F 48 -8.70 -3.24 38.59
C GLN F 48 -7.82 -2.03 38.33
N LEU F 49 -8.28 -0.86 38.74
CA LEU F 49 -7.55 0.38 38.48
C LEU F 49 -6.74 0.82 39.69
N ASP F 50 -5.42 0.82 39.52
CA ASP F 50 -4.50 1.28 40.56
C ASP F 50 -4.29 2.79 40.44
N ALA F 51 -4.99 3.55 41.27
CA ALA F 51 -4.99 5.01 41.18
C ALA F 51 -3.72 5.64 41.74
N GLU F 52 -3.02 4.90 42.60
CA GLU F 52 -1.80 5.41 43.23
C GLU F 52 -0.69 5.58 42.20
N ARG F 53 -0.47 4.57 41.37
CA ARG F 53 0.55 4.63 40.35
C ARG F 53 -0.04 4.92 38.98
N GLY F 54 -1.36 5.04 38.92
CA GLY F 54 -2.06 5.32 37.68
C GLY F 54 -1.95 4.21 36.66
N ASN F 55 -1.97 2.97 37.14
CA ASN F 55 -1.83 1.81 36.26
C ASN F 55 -3.10 0.98 36.15
N LEU F 56 -3.23 0.23 35.07
CA LEU F 56 -4.34 -0.69 34.90
C LEU F 56 -3.86 -2.12 35.11
N LEU F 57 -4.51 -2.85 36.02
CA LEU F 57 -4.06 -4.18 36.38
C LEU F 57 -5.12 -5.25 36.15
N LEU F 58 -4.70 -6.51 36.19
CA LEU F 58 -5.61 -7.64 36.12
C LEU F 58 -5.94 -8.18 37.51
N LYS F 59 -7.19 -8.60 37.70
CA LYS F 59 -7.60 -9.17 38.98
C LYS F 59 -7.95 -10.64 38.82
N GLU F 60 -7.94 -11.13 37.58
CA GLU F 60 -8.25 -12.52 37.30
C GLU F 60 -7.65 -12.96 35.97
N LYS F 61 -7.42 -14.27 35.83
CA LYS F 61 -6.84 -14.82 34.61
C LYS F 61 -7.88 -14.89 33.48
N PRO F 62 -7.53 -14.32 32.32
CA PRO F 62 -8.42 -14.30 31.15
C PRO F 62 -8.38 -15.60 30.34
N ASP F 63 -9.54 -16.24 30.20
CA ASP F 63 -9.65 -17.45 29.38
C ASP F 63 -10.50 -17.17 28.15
N ARG F 64 -9.87 -17.15 26.98
CA ARG F 64 -10.52 -16.79 25.73
C ARG F 64 -11.71 -17.69 25.43
N GLU F 65 -11.53 -19.00 25.58
CA GLU F 65 -12.57 -19.96 25.27
C GLU F 65 -13.74 -19.88 26.25
N ALA F 66 -13.47 -19.39 27.46
CA ALA F 66 -14.50 -19.28 28.48
C ALA F 66 -15.17 -17.91 28.46
N LEU F 67 -14.63 -17.00 27.66
CA LEU F 67 -15.19 -15.65 27.56
C LEU F 67 -15.83 -15.42 26.19
N CYS F 68 -15.06 -15.67 25.13
CA CYS F 68 -15.53 -15.45 23.78
C CYS F 68 -15.95 -16.77 23.11
N GLY F 69 -15.07 -17.76 23.16
CA GLY F 69 -15.34 -19.05 22.57
C GLY F 69 -14.94 -19.14 21.11
N ALA F 70 -15.94 -19.15 20.23
CA ALA F 70 -15.69 -19.25 18.80
C ALA F 70 -15.64 -17.88 18.14
N THR F 71 -16.08 -16.86 18.86
CA THR F 71 -16.12 -15.50 18.34
C THR F 71 -14.73 -14.88 18.30
N GLU F 72 -14.39 -14.27 17.16
CA GLU F 72 -13.10 -13.64 16.96
C GLU F 72 -13.28 -12.32 16.20
N PRO F 73 -12.63 -11.25 16.67
CA PRO F 73 -11.71 -11.19 17.82
C PRO F 73 -12.42 -11.13 19.17
N CYS F 74 -11.71 -11.53 20.22
CA CYS F 74 -12.23 -11.46 21.58
C CYS F 74 -12.01 -10.07 22.16
N VAL F 75 -13.02 -9.22 22.03
CA VAL F 75 -12.90 -7.83 22.46
C VAL F 75 -13.77 -7.52 23.68
N LEU F 76 -13.15 -7.03 24.74
CA LEU F 76 -13.88 -6.62 25.93
C LEU F 76 -14.02 -5.09 25.99
N HIS F 77 -15.26 -4.62 25.98
CA HIS F 77 -15.54 -3.20 26.03
C HIS F 77 -15.74 -2.73 27.48
N PHE F 78 -14.86 -1.85 27.94
CA PHE F 78 -14.99 -1.31 29.28
C PHE F 78 -14.87 0.22 29.27
N GLN F 79 -15.48 0.86 30.26
CA GLN F 79 -15.48 2.32 30.32
C GLN F 79 -14.75 2.86 31.54
N ILE F 80 -14.02 3.96 31.32
CA ILE F 80 -13.28 4.62 32.39
C ILE F 80 -13.99 5.93 32.75
N ILE F 81 -14.24 6.11 34.05
CA ILE F 81 -15.03 7.23 34.52
C ILE F 81 -14.26 8.13 35.50
N LEU F 82 -14.33 9.43 35.24
CA LEU F 82 -13.82 10.45 36.16
C LEU F 82 -15.01 11.23 36.70
N GLU F 83 -14.94 11.69 37.95
CA GLU F 83 -16.10 12.31 38.58
C GLU F 83 -15.91 13.80 38.92
N ASN F 84 -14.72 14.33 38.67
CA ASN F 84 -14.47 15.75 38.95
C ASN F 84 -13.70 16.46 37.83
N PRO F 85 -14.43 16.93 36.80
CA PRO F 85 -15.88 16.74 36.63
C PRO F 85 -16.21 15.38 36.04
N VAL F 86 -17.48 15.18 35.68
CA VAL F 86 -17.92 13.89 35.16
C VAL F 86 -17.51 13.68 33.70
N GLN F 87 -16.66 12.69 33.47
CA GLN F 87 -16.22 12.36 32.12
C GLN F 87 -16.15 10.85 31.92
N PHE F 88 -16.46 10.40 30.71
CA PHE F 88 -16.46 8.98 30.39
C PHE F 88 -15.58 8.68 29.18
N PHE F 89 -14.99 7.49 29.17
CA PHE F 89 -14.14 7.07 28.04
C PHE F 89 -14.41 5.60 27.71
N GLN F 90 -14.48 5.29 26.42
CA GLN F 90 -14.72 3.92 26.00
C GLN F 90 -13.42 3.28 25.52
N THR F 91 -13.13 2.08 26.04
CA THR F 91 -11.85 1.43 25.78
C THR F 91 -12.05 -0.08 25.53
N ASP F 92 -11.20 -0.64 24.67
CA ASP F 92 -11.29 -2.05 24.32
C ASP F 92 -10.05 -2.83 24.74
N LEU F 93 -10.27 -4.04 25.27
CA LEU F 93 -9.18 -4.93 25.67
C LEU F 93 -9.28 -6.24 24.91
N GLN F 94 -8.23 -6.56 24.13
CA GLN F 94 -8.24 -7.74 23.29
C GLN F 94 -7.35 -8.86 23.86
N PHE F 95 -7.88 -10.08 23.88
CA PHE F 95 -7.12 -11.24 24.34
C PHE F 95 -6.66 -12.08 23.15
N THR F 96 -5.36 -12.09 22.91
CA THR F 96 -4.79 -12.91 21.84
C THR F 96 -4.82 -14.38 22.22
N ASP F 97 -5.41 -15.20 21.36
CA ASP F 97 -5.50 -16.63 21.60
C ASP F 97 -4.13 -17.26 21.74
N ILE F 98 -4.00 -18.17 22.70
CA ILE F 98 -2.75 -18.90 22.89
C ILE F 98 -3.01 -20.39 22.65
N ASN F 99 -2.02 -21.07 22.07
CA ASN F 99 -2.14 -22.51 21.82
C ASN F 99 -2.05 -23.30 23.12
N ASP F 100 -3.19 -23.47 23.78
CA ASP F 100 -3.22 -24.16 25.08
C ASP F 100 -4.19 -25.33 25.08
N HIS F 101 -4.51 -25.85 23.89
CA HIS F 101 -5.40 -26.98 23.76
C HIS F 101 -4.84 -28.07 22.85
N PHE F 102 -4.86 -29.30 23.32
CA PHE F 102 -4.46 -30.44 22.51
C PHE F 102 -5.60 -30.84 21.58
N PRO F 103 -5.27 -31.21 20.33
CA PRO F 103 -6.26 -31.79 19.42
C PRO F 103 -6.86 -33.06 20.03
N GLU F 104 -8.17 -33.20 19.96
CA GLU F 104 -8.83 -34.34 20.59
C GLU F 104 -9.89 -34.95 19.69
N PHE F 105 -9.78 -36.25 19.47
CA PHE F 105 -10.78 -37.00 18.70
C PHE F 105 -11.93 -37.44 19.60
N PRO F 106 -13.17 -37.34 19.10
CA PRO F 106 -14.38 -37.71 19.84
C PRO F 106 -14.34 -39.14 20.37
N ASP F 107 -13.94 -40.08 19.50
CA ASP F 107 -13.87 -41.49 19.89
C ASP F 107 -12.42 -41.98 19.92
N THR F 108 -12.12 -42.84 20.89
CA THR F 108 -10.78 -43.39 21.03
C THR F 108 -10.50 -44.43 19.95
N GLU F 109 -11.57 -44.99 19.39
CA GLU F 109 -11.43 -46.03 18.37
C GLU F 109 -12.38 -45.82 17.20
N MET F 110 -11.84 -45.90 15.99
CA MET F 110 -12.65 -45.80 14.77
C MET F 110 -12.70 -47.15 14.06
N LEU F 111 -13.91 -47.63 13.78
CA LEU F 111 -14.08 -48.93 13.14
C LEU F 111 -14.33 -48.81 11.64
N LEU F 112 -13.50 -49.47 10.86
CA LEU F 112 -13.68 -49.51 9.40
C LEU F 112 -13.74 -50.95 8.91
N LYS F 113 -14.80 -51.28 8.17
CA LYS F 113 -14.94 -52.60 7.59
C LYS F 113 -14.79 -52.54 6.07
N ILE F 114 -13.57 -52.73 5.61
CA ILE F 114 -13.25 -52.64 4.18
C ILE F 114 -13.09 -54.01 3.55
N GLN F 115 -13.78 -54.22 2.42
CA GLN F 115 -13.74 -55.51 1.73
C GLN F 115 -12.38 -55.77 1.08
N GLU F 116 -12.09 -57.04 0.84
CA GLU F 116 -10.81 -57.45 0.30
C GLU F 116 -10.59 -56.94 -1.13
N ILE F 117 -11.68 -56.85 -1.89
CA ILE F 117 -11.60 -56.44 -3.29
C ILE F 117 -11.70 -54.93 -3.47
N ALA F 118 -11.34 -54.18 -2.42
CA ALA F 118 -11.38 -52.73 -2.48
C ALA F 118 -10.36 -52.19 -3.47
N GLN F 119 -10.83 -51.41 -4.44
CA GLN F 119 -9.97 -50.83 -5.45
C GLN F 119 -9.16 -49.67 -4.88
N PRO F 120 -7.86 -49.61 -5.23
CA PRO F 120 -6.97 -48.52 -4.78
C PRO F 120 -7.50 -47.16 -5.21
N GLY F 121 -7.37 -46.17 -4.32
CA GLY F 121 -7.85 -44.83 -4.60
C GLY F 121 -9.21 -44.58 -3.97
N THR F 122 -9.83 -45.63 -3.47
CA THR F 122 -11.14 -45.51 -2.82
C THR F 122 -10.99 -44.82 -1.47
N VAL F 123 -11.73 -43.75 -1.27
CA VAL F 123 -11.65 -42.98 -0.04
C VAL F 123 -12.59 -43.53 1.03
N PHE F 124 -12.21 -43.34 2.29
CA PHE F 124 -13.00 -43.78 3.43
C PHE F 124 -13.07 -42.67 4.48
N PRO F 125 -14.28 -42.21 4.79
CA PRO F 125 -14.51 -41.05 5.67
C PRO F 125 -14.16 -41.31 7.14
N LEU F 126 -13.52 -40.33 7.77
CA LEU F 126 -13.19 -40.40 9.19
C LEU F 126 -13.63 -39.11 9.88
N LYS F 127 -14.05 -39.23 11.14
CA LYS F 127 -14.44 -38.06 11.91
C LYS F 127 -13.21 -37.23 12.24
N ALA F 128 -13.40 -35.91 12.33
CA ALA F 128 -12.28 -34.98 12.52
C ALA F 128 -11.90 -34.83 13.99
N ALA F 129 -10.77 -34.18 14.23
CA ALA F 129 -10.30 -33.89 15.58
C ALA F 129 -10.88 -32.57 16.07
N GLN F 130 -10.88 -32.37 17.39
CA GLN F 130 -11.45 -31.17 17.98
C GLN F 130 -10.37 -30.26 18.55
N ASP F 131 -10.53 -28.96 18.34
CA ASP F 131 -9.59 -27.97 18.85
C ASP F 131 -10.27 -26.61 19.00
N PRO F 132 -10.63 -26.24 20.24
CA PRO F 132 -11.33 -24.98 20.54
C PRO F 132 -10.53 -23.73 20.16
N ASP F 133 -9.24 -23.89 19.90
CA ASP F 133 -8.39 -22.77 19.52
C ASP F 133 -8.76 -22.21 18.14
N ILE F 134 -8.17 -21.08 17.78
CA ILE F 134 -8.48 -20.43 16.51
C ILE F 134 -7.23 -20.28 15.64
N GLY F 135 -7.45 -20.12 14.34
CA GLY F 135 -6.37 -19.87 13.39
C GLY F 135 -5.34 -20.98 13.32
N SER F 136 -4.07 -20.59 13.46
CA SER F 136 -2.97 -21.54 13.37
C SER F 136 -2.87 -22.40 14.63
N ASN F 137 -3.59 -22.00 15.68
CA ASN F 137 -3.61 -22.74 16.93
C ASN F 137 -4.59 -23.90 16.89
N ALA F 138 -5.35 -24.00 15.80
CA ALA F 138 -6.30 -25.08 15.61
C ALA F 138 -5.66 -26.23 14.83
N VAL F 139 -6.44 -27.28 14.60
CA VAL F 139 -5.96 -28.43 13.83
C VAL F 139 -5.63 -28.03 12.40
N GLN F 140 -4.42 -28.34 11.97
CA GLN F 140 -3.94 -27.94 10.65
C GLN F 140 -3.48 -29.14 9.82
N ASN F 141 -3.01 -30.19 10.49
CA ASN F 141 -2.47 -31.34 9.76
C ASN F 141 -3.02 -32.68 10.25
N TYR F 142 -3.01 -33.66 9.35
CA TYR F 142 -3.40 -35.03 9.70
C TYR F 142 -2.36 -36.02 9.17
N THR F 143 -1.83 -36.86 10.05
CA THR F 143 -0.87 -37.87 9.66
C THR F 143 -1.28 -39.25 10.18
N VAL F 144 -0.97 -40.28 9.41
CA VAL F 144 -1.31 -41.65 9.79
C VAL F 144 -0.04 -42.47 9.99
N SER F 145 -0.07 -43.38 10.95
CA SER F 145 1.08 -44.24 11.24
C SER F 145 1.51 -45.02 10.01
N PRO F 146 2.83 -45.16 9.80
CA PRO F 146 3.41 -45.82 8.63
C PRO F 146 2.88 -47.23 8.42
N ASN F 147 2.29 -47.47 7.24
CA ASN F 147 1.77 -48.79 6.90
C ASN F 147 1.98 -49.10 5.42
N LEU F 148 1.26 -50.10 4.92
CA LEU F 148 1.44 -50.55 3.54
C LEU F 148 0.20 -50.34 2.67
N HIS F 149 -0.94 -50.11 3.31
CA HIS F 149 -2.20 -50.13 2.57
C HIS F 149 -2.97 -48.81 2.60
N PHE F 150 -2.57 -47.87 3.45
CA PHE F 150 -3.32 -46.63 3.58
C PHE F 150 -2.44 -45.39 3.76
N HIS F 151 -3.01 -44.23 3.40
CA HIS F 151 -2.39 -42.95 3.67
C HIS F 151 -3.49 -41.89 3.78
N VAL F 152 -3.36 -41.01 4.77
CA VAL F 152 -4.43 -40.06 5.09
C VAL F 152 -4.30 -38.76 4.30
N VAL F 153 -5.45 -38.17 3.96
CA VAL F 153 -5.49 -36.89 3.27
C VAL F 153 -6.29 -35.87 4.06
N THR F 154 -5.69 -34.70 4.27
CA THR F 154 -6.34 -33.62 5.02
C THR F 154 -7.14 -32.69 4.11
N LEU F 155 -8.45 -32.71 4.26
CA LEU F 155 -9.31 -31.82 3.48
C LEU F 155 -9.90 -30.73 4.37
N SER F 156 -10.12 -29.55 3.79
CA SER F 156 -10.68 -28.44 4.55
C SER F 156 -12.07 -28.08 4.04
N ARG F 157 -13.06 -28.11 4.93
CA ARG F 157 -14.44 -27.83 4.54
C ARG F 157 -15.06 -26.71 5.37
N SER F 158 -16.26 -26.31 4.96
CA SER F 158 -17.04 -25.28 5.64
C SER F 158 -16.25 -23.99 5.81
N ASP F 159 -16.00 -23.61 7.06
CA ASP F 159 -15.24 -22.42 7.38
C ASP F 159 -13.75 -22.71 7.38
N ASP F 160 -13.30 -23.46 6.38
CA ASP F 160 -11.89 -23.83 6.22
C ASP F 160 -11.36 -24.57 7.45
N ARG F 161 -12.13 -25.52 7.94
CA ARG F 161 -11.67 -26.35 9.06
C ARG F 161 -11.32 -27.75 8.56
N LYS F 162 -10.37 -28.40 9.26
CA LYS F 162 -9.77 -29.63 8.77
C LYS F 162 -10.50 -30.90 9.19
N TYR F 163 -10.65 -31.80 8.23
CA TYR F 163 -11.17 -33.14 8.48
C TYR F 163 -10.41 -34.12 7.57
N PRO F 164 -10.11 -35.32 8.09
CA PRO F 164 -9.31 -36.29 7.36
C PRO F 164 -10.14 -37.33 6.61
N GLU F 165 -9.62 -37.79 5.48
CA GLU F 165 -10.20 -38.95 4.81
C GLU F 165 -9.08 -39.92 4.44
N LEU F 166 -9.33 -41.20 4.65
CA LEU F 166 -8.31 -42.22 4.42
C LEU F 166 -8.30 -42.70 2.98
N VAL F 167 -7.11 -42.86 2.42
CA VAL F 167 -6.97 -43.27 1.03
C VAL F 167 -6.19 -44.58 0.90
N LEU F 168 -6.78 -45.53 0.19
CA LEU F 168 -6.15 -46.81 -0.09
C LEU F 168 -5.17 -46.70 -1.25
N ASP F 169 -4.00 -47.31 -1.11
CA ASP F 169 -3.01 -47.28 -2.18
C ASP F 169 -2.61 -48.70 -2.60
N ARG F 170 -2.86 -49.67 -1.74
CA ARG F 170 -2.60 -51.07 -2.04
C ARG F 170 -3.74 -51.95 -1.53
N ALA F 171 -4.22 -52.84 -2.41
CA ALA F 171 -5.37 -53.69 -2.10
C ALA F 171 -5.12 -54.60 -0.90
N LEU F 172 -6.19 -54.94 -0.20
CA LEU F 172 -6.10 -55.78 0.99
C LEU F 172 -6.20 -57.27 0.66
N ASP F 173 -5.91 -58.11 1.64
CA ASP F 173 -6.01 -59.55 1.50
C ASP F 173 -6.20 -60.19 2.88
N ARG F 174 -7.41 -60.68 3.14
CA ARG F 174 -7.75 -61.23 4.45
C ARG F 174 -6.97 -62.50 4.75
N GLU F 175 -6.60 -63.23 3.70
CA GLU F 175 -5.85 -64.47 3.86
C GLU F 175 -4.40 -64.19 4.23
N GLU F 176 -3.97 -62.93 4.05
CA GLU F 176 -2.63 -62.52 4.43
C GLU F 176 -2.66 -61.68 5.71
N GLN F 177 -3.49 -60.64 5.71
CA GLN F 177 -3.65 -59.79 6.88
C GLN F 177 -5.11 -59.50 7.15
N PRO F 178 -5.70 -60.18 8.15
CA PRO F 178 -7.11 -60.07 8.50
C PRO F 178 -7.49 -58.73 9.12
N GLU F 179 -6.60 -58.15 9.91
CA GLU F 179 -6.92 -56.94 10.65
C GLU F 179 -5.82 -55.88 10.55
N LEU F 180 -6.23 -54.63 10.44
CA LEU F 180 -5.30 -53.50 10.40
C LEU F 180 -5.47 -52.62 11.64
N THR F 181 -4.35 -52.12 12.16
CA THR F 181 -4.37 -51.21 13.30
C THR F 181 -3.50 -49.99 13.03
N LEU F 182 -4.13 -48.83 12.95
CA LEU F 182 -3.41 -47.61 12.62
C LEU F 182 -3.59 -46.52 13.68
N ILE F 183 -2.60 -45.64 13.77
CA ILE F 183 -2.66 -44.50 14.68
C ILE F 183 -2.84 -43.21 13.90
N LEU F 184 -3.98 -42.56 14.11
CA LEU F 184 -4.28 -41.30 13.45
C LEU F 184 -3.93 -40.11 14.34
N THR F 185 -2.90 -39.37 13.94
CA THR F 185 -2.44 -38.23 14.72
C THR F 185 -2.82 -36.92 14.04
N ALA F 186 -3.40 -36.00 14.81
CA ALA F 186 -3.75 -34.68 14.33
C ALA F 186 -2.75 -33.65 14.84
N LEU F 187 -2.07 -32.98 13.92
CA LEU F 187 -1.03 -32.00 14.24
C LEU F 187 -1.54 -30.57 14.23
N ASP F 188 -1.15 -29.81 15.26
CA ASP F 188 -1.47 -28.39 15.36
C ASP F 188 -0.49 -27.57 14.54
N GLY F 189 -0.82 -26.30 14.30
CA GLY F 189 0.05 -25.42 13.54
C GLY F 189 0.80 -24.43 14.39
N GLY F 190 0.58 -24.48 15.70
CA GLY F 190 1.23 -23.58 16.64
C GLY F 190 2.69 -23.93 16.85
N ALA F 191 3.38 -23.12 17.64
CA ALA F 191 4.79 -23.35 17.95
C ALA F 191 5.03 -23.32 19.45
N PRO F 192 5.39 -24.48 20.03
CA PRO F 192 5.53 -25.76 19.35
C PRO F 192 4.19 -26.45 19.10
N PRO F 193 4.10 -27.25 18.02
CA PRO F 193 2.86 -27.96 17.66
C PRO F 193 2.37 -28.90 18.74
N LYS F 194 1.07 -29.19 18.73
CA LYS F 194 0.46 -30.11 19.68
C LYS F 194 -0.38 -31.14 18.94
N SER F 195 -0.39 -32.38 19.42
CA SER F 195 -1.00 -33.48 18.68
C SER F 195 -2.23 -34.09 19.34
N GLY F 196 -2.95 -34.92 18.59
CA GLY F 196 -4.05 -35.70 19.14
C GLY F 196 -4.16 -37.04 18.42
N THR F 197 -3.83 -38.13 19.11
CA THR F 197 -3.86 -39.45 18.49
C THR F 197 -5.18 -40.16 18.72
N THR F 198 -5.50 -41.10 17.83
CA THR F 198 -6.63 -42.00 18.00
C THR F 198 -6.36 -43.32 17.30
N THR F 199 -7.08 -44.35 17.70
CA THR F 199 -6.91 -45.67 17.09
C THR F 199 -7.94 -45.90 15.99
N VAL F 200 -7.46 -46.17 14.78
CA VAL F 200 -8.35 -46.57 13.68
C VAL F 200 -8.07 -48.02 13.32
N ARG F 201 -9.04 -48.88 13.61
CA ARG F 201 -8.91 -50.31 13.37
C ARG F 201 -9.71 -50.72 12.14
N ILE F 202 -9.02 -51.19 11.11
CA ILE F 202 -9.65 -51.55 9.86
C ILE F 202 -9.82 -53.06 9.72
N GLU F 203 -11.07 -53.50 9.77
CA GLU F 203 -11.40 -54.92 9.67
C GLU F 203 -11.63 -55.32 8.22
N VAL F 204 -10.81 -56.23 7.72
CA VAL F 204 -10.91 -56.68 6.33
C VAL F 204 -12.06 -57.66 6.13
N VAL F 205 -13.04 -57.26 5.32
CA VAL F 205 -14.18 -58.10 5.04
C VAL F 205 -13.83 -59.19 4.03
N ASP F 206 -14.21 -60.43 4.33
CA ASP F 206 -13.87 -61.57 3.49
C ASP F 206 -14.57 -61.52 2.13
N ILE F 207 -13.83 -61.90 1.10
CA ILE F 207 -14.38 -62.03 -0.25
C ILE F 207 -13.99 -63.37 -0.83
N ASN F 208 -14.95 -64.07 -1.42
CA ASN F 208 -14.70 -65.38 -2.02
C ASN F 208 -13.75 -65.28 -3.21
N ASP F 209 -12.45 -65.37 -2.95
CA ASP F 209 -11.44 -65.31 -4.00
C ASP F 209 -10.53 -66.53 -3.97
N ASN F 210 -10.94 -67.54 -3.20
CA ASN F 210 -10.17 -68.78 -3.12
C ASN F 210 -11.00 -69.99 -3.53
N ALA F 211 -10.41 -70.85 -4.35
CA ALA F 211 -11.08 -72.06 -4.81
C ALA F 211 -10.76 -73.23 -3.88
N PRO F 212 -11.77 -74.08 -3.62
CA PRO F 212 -11.62 -75.24 -2.72
C PRO F 212 -10.55 -76.21 -3.18
N GLN F 213 -9.94 -76.91 -2.23
CA GLN F 213 -8.91 -77.91 -2.53
C GLN F 213 -9.11 -79.17 -1.71
N PHE F 214 -9.08 -80.32 -2.37
CA PHE F 214 -9.22 -81.61 -1.69
C PHE F 214 -7.92 -81.97 -0.97
N LEU F 215 -8.06 -82.54 0.22
CA LEU F 215 -6.91 -82.98 1.00
C LEU F 215 -6.18 -84.10 0.28
N GLN F 216 -6.93 -84.89 -0.48
CA GLN F 216 -6.35 -85.97 -1.27
C GLN F 216 -6.69 -85.81 -2.75
N SER F 217 -5.67 -85.86 -3.60
CA SER F 217 -5.85 -85.71 -5.04
C SER F 217 -6.47 -86.98 -5.62
N LEU F 218 -6.20 -88.11 -4.98
CA LEU F 218 -6.72 -89.41 -5.42
C LEU F 218 -7.25 -90.21 -4.25
N TYR F 219 -8.44 -90.79 -4.42
CA TYR F 219 -9.03 -91.63 -3.39
C TYR F 219 -9.11 -93.09 -3.85
N ALA F 220 -8.34 -93.95 -3.19
CA ALA F 220 -8.28 -95.36 -3.56
C ALA F 220 -8.87 -96.24 -2.47
N VAL F 221 -9.85 -97.06 -2.85
CA VAL F 221 -10.49 -97.97 -1.90
C VAL F 221 -10.99 -99.24 -2.58
N GLU F 222 -10.72 -100.38 -1.97
CA GLU F 222 -11.19 -101.67 -2.49
C GLU F 222 -12.51 -102.06 -1.84
N VAL F 223 -13.52 -102.32 -2.66
CA VAL F 223 -14.84 -102.70 -2.16
C VAL F 223 -15.38 -103.93 -2.88
N PRO F 224 -15.55 -105.03 -2.13
CA PRO F 224 -16.08 -106.30 -2.66
C PRO F 224 -17.46 -106.14 -3.31
N GLU F 225 -17.82 -107.07 -4.19
CA GLU F 225 -19.09 -107.01 -4.89
C GLU F 225 -20.26 -107.41 -3.99
N ASN F 226 -19.96 -108.15 -2.93
CA ASN F 226 -20.98 -108.59 -1.99
C ASN F 226 -21.04 -107.66 -0.77
N SER F 227 -20.49 -106.46 -0.94
CA SER F 227 -20.47 -105.48 0.14
C SER F 227 -21.88 -105.03 0.52
N PRO F 228 -22.10 -104.76 1.81
CA PRO F 228 -23.40 -104.30 2.32
C PRO F 228 -23.85 -103.00 1.66
N LEU F 229 -25.15 -102.74 1.67
CA LEU F 229 -25.66 -101.47 1.18
C LEU F 229 -25.40 -100.41 2.24
N ASN F 230 -25.40 -99.14 1.82
CA ASN F 230 -25.06 -98.02 2.71
C ASN F 230 -23.66 -98.15 3.30
N ALA F 231 -22.78 -98.85 2.58
CA ALA F 231 -21.42 -99.06 3.03
C ALA F 231 -20.58 -97.82 2.77
N LEU F 232 -19.82 -97.39 3.78
CA LEU F 232 -18.94 -96.24 3.64
C LEU F 232 -17.82 -96.55 2.66
N VAL F 233 -18.01 -96.18 1.40
CA VAL F 233 -17.00 -96.41 0.38
C VAL F 233 -15.76 -95.57 0.67
N VAL F 234 -15.96 -94.28 0.92
CA VAL F 234 -14.82 -93.42 1.27
C VAL F 234 -15.29 -92.11 1.92
N THR F 235 -14.39 -91.46 2.63
CA THR F 235 -14.66 -90.14 3.20
C THR F 235 -13.79 -89.09 2.52
N VAL F 236 -14.44 -88.12 1.89
CA VAL F 236 -13.73 -87.08 1.14
C VAL F 236 -13.82 -85.73 1.83
N SER F 237 -12.69 -85.03 1.95
CA SER F 237 -12.65 -83.73 2.60
C SER F 237 -11.97 -82.69 1.71
N ALA F 238 -12.57 -81.50 1.66
CA ALA F 238 -12.00 -80.39 0.90
C ALA F 238 -11.93 -79.13 1.77
N ARG F 239 -10.78 -78.45 1.73
CA ARG F 239 -10.56 -77.28 2.57
C ARG F 239 -10.60 -75.98 1.76
N ASP F 240 -11.21 -74.96 2.35
CA ASP F 240 -11.29 -73.65 1.72
C ASP F 240 -10.56 -72.61 2.58
N LEU F 241 -9.70 -71.81 1.94
CA LEU F 241 -8.92 -70.81 2.64
C LEU F 241 -9.79 -69.66 3.15
N ASP F 242 -10.94 -69.47 2.51
CA ASP F 242 -11.87 -68.42 2.91
C ASP F 242 -12.57 -68.77 4.22
N ALA F 243 -13.49 -67.91 4.64
CA ALA F 243 -14.22 -68.13 5.88
C ALA F 243 -15.71 -67.79 5.72
N GLY F 244 -16.52 -68.33 6.62
CA GLY F 244 -17.95 -68.08 6.61
C GLY F 244 -18.68 -68.80 5.48
N ILE F 245 -19.65 -68.12 4.88
CA ILE F 245 -20.44 -68.69 3.80
C ILE F 245 -19.61 -68.76 2.51
N HIS F 246 -18.47 -68.08 2.52
CA HIS F 246 -17.55 -68.14 1.39
C HIS F 246 -16.57 -69.29 1.60
N GLY F 247 -16.71 -69.98 2.73
CA GLY F 247 -15.81 -71.06 3.10
C GLY F 247 -16.43 -72.44 3.04
N ASN F 248 -17.71 -72.54 3.39
CA ASN F 248 -18.39 -73.83 3.35
C ASN F 248 -18.47 -74.35 1.92
N VAL F 249 -18.36 -75.67 1.78
CA VAL F 249 -18.22 -76.27 0.45
C VAL F 249 -19.30 -77.32 0.19
N ALA F 250 -19.70 -77.45 -1.08
CA ALA F 250 -20.69 -78.45 -1.47
C ALA F 250 -20.10 -79.43 -2.47
N TYR F 251 -20.26 -80.71 -2.20
CA TYR F 251 -19.69 -81.76 -3.05
C TYR F 251 -20.69 -82.27 -4.08
N SER F 252 -20.21 -82.49 -5.30
CA SER F 252 -21.04 -83.04 -6.36
C SER F 252 -20.31 -84.19 -7.06
N LEU F 253 -21.08 -85.20 -7.47
CA LEU F 253 -20.50 -86.39 -8.07
C LEU F 253 -20.58 -86.37 -9.60
N PHE F 254 -19.42 -86.49 -10.24
CA PHE F 254 -19.34 -86.53 -11.70
C PHE F 254 -18.90 -87.91 -12.16
N GLN F 255 -19.80 -88.63 -12.83
CA GLN F 255 -19.54 -89.99 -13.25
C GLN F 255 -19.03 -90.06 -14.70
N GLY F 256 -17.71 -89.97 -14.86
CA GLY F 256 -17.09 -90.12 -16.16
C GLY F 256 -17.14 -91.56 -16.62
N GLY F 257 -17.29 -91.76 -17.93
CA GLY F 257 -17.39 -93.09 -18.49
C GLY F 257 -18.82 -93.49 -18.76
N GLY F 258 -19.01 -94.74 -19.17
CA GLY F 258 -20.34 -95.24 -19.51
C GLY F 258 -20.99 -96.01 -18.38
N GLY F 259 -22.32 -96.02 -18.38
CA GLY F 259 -23.09 -96.75 -17.38
C GLY F 259 -23.30 -95.98 -16.10
N PRO F 260 -24.53 -96.01 -15.58
CA PRO F 260 -24.87 -95.37 -14.30
C PRO F 260 -24.08 -95.98 -13.15
N GLN F 261 -23.58 -95.14 -12.25
CA GLN F 261 -22.78 -95.61 -11.12
C GLN F 261 -23.61 -95.72 -9.85
N PRO F 262 -23.47 -96.84 -9.12
CA PRO F 262 -24.26 -97.15 -7.93
C PRO F 262 -23.78 -96.42 -6.67
N PHE F 263 -22.95 -95.41 -6.84
CA PHE F 263 -22.41 -94.68 -5.69
C PHE F 263 -22.97 -93.26 -5.61
N VAL F 264 -23.09 -92.75 -4.39
CA VAL F 264 -23.52 -91.37 -4.17
C VAL F 264 -22.69 -90.72 -3.06
N ILE F 265 -22.47 -89.42 -3.17
CA ILE F 265 -21.70 -88.69 -2.16
C ILE F 265 -22.57 -87.70 -1.42
N ASP F 266 -22.30 -87.51 -0.13
CA ASP F 266 -23.00 -86.53 0.67
C ASP F 266 -22.43 -85.14 0.40
N GLU F 267 -23.30 -84.16 0.23
CA GLU F 267 -22.88 -82.81 -0.14
C GLU F 267 -22.23 -82.06 1.03
N ILE F 268 -22.55 -82.49 2.25
CA ILE F 268 -22.06 -81.80 3.44
C ILE F 268 -20.80 -82.44 4.00
N THR F 269 -20.90 -83.71 4.37
CA THR F 269 -19.78 -84.42 4.97
C THR F 269 -18.76 -84.87 3.92
N GLY F 270 -19.23 -85.16 2.72
CA GLY F 270 -18.37 -85.60 1.64
C GLY F 270 -18.05 -87.08 1.73
N GLU F 271 -19.05 -87.87 2.12
CA GLU F 271 -18.85 -89.30 2.28
C GLU F 271 -19.51 -90.10 1.15
N ILE F 272 -18.69 -90.69 0.29
CA ILE F 272 -19.17 -91.55 -0.77
C ILE F 272 -19.59 -92.92 -0.22
N ARG F 273 -20.84 -93.27 -0.47
CA ARG F 273 -21.39 -94.57 -0.08
C ARG F 273 -22.04 -95.26 -1.28
N LEU F 274 -22.41 -96.51 -1.09
CA LEU F 274 -23.06 -97.31 -2.13
C LEU F 274 -24.58 -97.19 -2.07
N LYS F 275 -25.20 -96.98 -3.22
CA LYS F 275 -26.65 -96.85 -3.29
C LYS F 275 -27.22 -97.64 -4.47
N GLY F 276 -26.55 -98.73 -4.83
CA GLY F 276 -26.99 -99.56 -5.93
C GLY F 276 -26.31 -100.92 -5.91
N ALA F 277 -26.63 -101.75 -6.90
CA ALA F 277 -26.09 -103.10 -6.98
C ALA F 277 -24.68 -103.11 -7.57
N LEU F 278 -23.83 -104.00 -7.05
CA LEU F 278 -22.48 -104.16 -7.57
C LEU F 278 -22.30 -105.54 -8.18
N ASP F 279 -21.52 -105.61 -9.26
CA ASP F 279 -21.23 -106.88 -9.92
C ASP F 279 -19.85 -106.83 -10.57
N PHE F 280 -18.95 -107.68 -10.09
CA PHE F 280 -17.58 -107.73 -10.60
C PHE F 280 -17.54 -108.16 -12.07
N GLU F 281 -18.49 -108.99 -12.45
CA GLU F 281 -18.53 -109.54 -13.80
C GLU F 281 -19.02 -108.52 -14.82
N ALA F 282 -19.88 -107.60 -14.38
CA ALA F 282 -20.36 -106.53 -15.24
C ALA F 282 -19.29 -105.45 -15.40
N THR F 283 -19.08 -104.68 -14.34
CA THR F 283 -18.04 -103.67 -14.32
C THR F 283 -17.12 -103.89 -13.12
N SER F 284 -15.83 -104.03 -13.38
CA SER F 284 -14.87 -104.39 -12.35
C SER F 284 -14.19 -103.18 -11.71
N TYR F 285 -14.00 -102.12 -12.49
CA TYR F 285 -13.26 -100.95 -12.01
C TYR F 285 -14.02 -99.66 -12.29
N TYR F 286 -14.05 -98.77 -11.31
CA TYR F 286 -14.73 -97.49 -11.47
C TYR F 286 -13.78 -96.32 -11.28
N THR F 287 -13.96 -95.28 -12.08
CA THR F 287 -13.16 -94.06 -11.98
C THR F 287 -14.02 -92.83 -12.21
N MET F 288 -14.33 -92.11 -11.12
CA MET F 288 -15.19 -90.95 -11.20
C MET F 288 -14.50 -89.72 -10.61
N GLU F 289 -15.09 -88.56 -10.79
CA GLU F 289 -14.50 -87.33 -10.28
C GLU F 289 -15.45 -86.57 -9.34
N ILE F 290 -14.95 -86.25 -8.15
CA ILE F 290 -15.70 -85.42 -7.21
C ILE F 290 -15.36 -83.95 -7.44
N VAL F 291 -16.39 -83.11 -7.52
CA VAL F 291 -16.20 -81.68 -7.70
C VAL F 291 -16.77 -80.90 -6.52
N ALA F 292 -15.89 -80.20 -5.81
CA ALA F 292 -16.29 -79.37 -4.68
C ALA F 292 -16.43 -77.92 -5.11
N THR F 293 -17.61 -77.36 -4.89
CA THR F 293 -17.90 -75.98 -5.27
C THR F 293 -18.49 -75.21 -4.10
N ASP F 294 -18.01 -73.98 -3.90
CA ASP F 294 -18.53 -73.13 -2.82
C ASP F 294 -19.84 -72.48 -3.22
N SER F 295 -20.14 -71.34 -2.59
CA SER F 295 -21.37 -70.62 -2.87
C SER F 295 -21.14 -69.52 -3.91
N GLY F 296 -19.94 -69.48 -4.47
CA GLY F 296 -19.57 -68.46 -5.43
C GLY F 296 -19.37 -68.98 -6.84
N GLY F 297 -19.02 -70.26 -6.95
CA GLY F 297 -18.79 -70.87 -8.24
C GLY F 297 -17.38 -71.42 -8.38
N LEU F 298 -16.48 -70.94 -7.54
CA LEU F 298 -15.11 -71.44 -7.50
C LEU F 298 -15.10 -72.91 -7.13
N SER F 299 -14.43 -73.72 -7.94
CA SER F 299 -14.48 -75.16 -7.77
C SER F 299 -13.10 -75.81 -7.72
N GLY F 300 -13.06 -77.04 -7.22
CA GLY F 300 -11.86 -77.85 -7.21
C GLY F 300 -12.27 -79.29 -7.47
N LYS F 301 -11.44 -80.03 -8.19
CA LYS F 301 -11.81 -81.40 -8.55
C LYS F 301 -10.81 -82.43 -8.08
N CYS F 302 -11.28 -83.65 -7.82
CA CYS F 302 -10.41 -84.75 -7.47
C CYS F 302 -10.89 -86.03 -8.15
N THR F 303 -9.97 -86.95 -8.41
CA THR F 303 -10.32 -88.21 -9.02
C THR F 303 -10.37 -89.33 -7.98
N VAL F 304 -11.54 -89.95 -7.83
CA VAL F 304 -11.68 -91.11 -6.97
C VAL F 304 -11.92 -92.35 -7.82
N ALA F 305 -11.03 -93.34 -7.65
CA ALA F 305 -11.11 -94.58 -8.40
C ALA F 305 -11.27 -95.77 -7.46
N ILE F 306 -12.39 -96.46 -7.58
CA ILE F 306 -12.66 -97.60 -6.70
C ILE F 306 -12.61 -98.92 -7.47
N GLN F 307 -11.86 -99.88 -6.91
CA GLN F 307 -11.72 -101.20 -7.49
C GLN F 307 -12.64 -102.19 -6.79
N VAL F 308 -13.42 -102.94 -7.57
CA VAL F 308 -14.32 -103.94 -7.02
C VAL F 308 -13.59 -105.28 -6.86
N LEU F 309 -13.85 -105.96 -5.75
CA LEU F 309 -13.25 -107.27 -5.51
C LEU F 309 -14.18 -108.39 -5.97
N ASP F 310 -13.60 -109.49 -6.44
CA ASP F 310 -14.38 -110.62 -6.94
C ASP F 310 -14.75 -111.59 -5.83
N VAL F 311 -16.01 -112.01 -5.82
CA VAL F 311 -16.50 -112.97 -4.84
C VAL F 311 -17.11 -114.18 -5.54
N ASN F 312 -16.78 -115.38 -5.07
CA ASN F 312 -17.31 -116.61 -5.65
C ASN F 312 -18.81 -116.74 -5.44
N ASP F 313 -19.58 -115.98 -6.21
CA ASP F 313 -21.04 -115.97 -6.08
C ASP F 313 -21.73 -116.58 -7.29
N ASN F 314 -20.96 -117.27 -8.12
CA ASN F 314 -21.51 -117.91 -9.31
C ASN F 314 -21.10 -119.37 -9.43
N ALA F 315 -22.09 -120.25 -9.51
CA ALA F 315 -21.84 -121.67 -9.68
C ALA F 315 -21.61 -122.00 -11.15
N PRO F 316 -20.72 -122.96 -11.43
CA PRO F 316 -20.41 -123.37 -12.81
C PRO F 316 -21.65 -123.86 -13.57
N LYS F 317 -21.86 -123.30 -14.76
CA LYS F 317 -22.99 -123.69 -15.59
C LYS F 317 -22.62 -124.86 -16.49
N LEU F 318 -23.36 -125.96 -16.36
CA LEU F 318 -23.08 -127.16 -17.13
C LEU F 318 -24.16 -127.43 -18.18
N THR F 319 -23.76 -127.39 -19.45
CA THR F 319 -24.68 -127.65 -20.55
C THR F 319 -24.29 -128.92 -21.29
N ILE F 320 -25.15 -129.94 -21.21
CA ILE F 320 -24.86 -131.24 -21.79
C ILE F 320 -25.70 -131.52 -23.04
N SER F 321 -25.04 -132.05 -24.07
CA SER F 321 -25.73 -132.47 -25.29
C SER F 321 -25.48 -133.95 -25.53
N SER F 322 -26.55 -134.73 -25.56
CA SER F 322 -26.44 -136.18 -25.75
C SER F 322 -26.40 -136.55 -27.22
N LEU F 323 -25.44 -137.41 -27.56
CA LEU F 323 -25.29 -137.86 -28.95
C LEU F 323 -26.02 -139.18 -29.19
N THR F 324 -25.75 -140.16 -28.34
CA THR F 324 -26.33 -141.48 -28.49
C THR F 324 -27.06 -141.94 -27.24
N SER F 325 -28.34 -142.29 -27.40
CA SER F 325 -29.14 -142.83 -26.30
C SER F 325 -28.68 -144.25 -25.98
N SER F 326 -28.43 -145.01 -27.04
CA SER F 326 -27.90 -146.37 -26.90
C SER F 326 -26.49 -146.44 -27.49
N ILE F 327 -25.76 -147.48 -27.11
CA ILE F 327 -24.38 -147.63 -27.59
C ILE F 327 -24.10 -149.06 -28.06
N PRO F 328 -23.44 -149.19 -29.22
CA PRO F 328 -23.01 -150.50 -29.74
C PRO F 328 -22.20 -151.28 -28.72
N GLU F 329 -22.26 -152.61 -28.81
CA GLU F 329 -21.65 -153.47 -27.79
C GLU F 329 -20.13 -153.40 -27.80
N ASN F 330 -19.51 -153.96 -28.83
CA ASN F 330 -18.05 -154.04 -28.89
C ASN F 330 -17.42 -152.96 -29.76
N ALA F 331 -17.96 -151.75 -29.68
CA ALA F 331 -17.43 -150.62 -30.46
C ALA F 331 -16.42 -149.82 -29.64
N PRO F 332 -15.14 -149.83 -30.08
CA PRO F 332 -14.08 -149.10 -29.39
C PRO F 332 -14.15 -147.59 -29.63
N GLU F 333 -13.85 -146.81 -28.59
CA GLU F 333 -13.86 -145.34 -28.67
C GLU F 333 -15.21 -144.83 -29.17
N ALA F 334 -16.22 -144.90 -28.31
CA ALA F 334 -17.57 -144.43 -28.67
C ALA F 334 -17.93 -143.19 -27.86
N VAL F 335 -18.33 -142.13 -28.56
CA VAL F 335 -18.67 -140.88 -27.90
C VAL F 335 -20.14 -140.85 -27.47
N VAL F 336 -20.36 -140.93 -26.16
CA VAL F 336 -21.72 -140.95 -25.61
C VAL F 336 -22.34 -139.55 -25.61
N ALA F 337 -21.74 -138.64 -24.85
CA ALA F 337 -22.26 -137.29 -24.71
C ALA F 337 -21.16 -136.23 -24.81
N VAL F 338 -21.56 -135.02 -25.16
CA VAL F 338 -20.64 -133.90 -25.25
C VAL F 338 -21.18 -132.70 -24.48
N PHE F 339 -20.43 -132.26 -23.49
CA PHE F 339 -20.87 -131.17 -22.61
C PHE F 339 -19.89 -130.02 -22.56
N SER F 340 -20.35 -128.88 -22.04
CA SER F 340 -19.50 -127.70 -21.88
C SER F 340 -19.81 -127.01 -20.56
N VAL F 341 -18.77 -126.40 -19.97
CA VAL F 341 -18.89 -125.71 -18.69
C VAL F 341 -18.63 -124.22 -18.83
N SER F 342 -19.20 -123.44 -17.91
CA SER F 342 -19.05 -121.98 -17.95
C SER F 342 -18.90 -121.41 -16.54
N ASP F 343 -18.16 -120.30 -16.43
CA ASP F 343 -17.98 -119.62 -15.16
C ASP F 343 -17.55 -118.17 -15.38
N PRO F 344 -18.42 -117.23 -15.03
CA PRO F 344 -18.15 -115.79 -15.22
C PRO F 344 -17.15 -115.23 -14.20
N ASP F 345 -16.91 -115.96 -13.12
CA ASP F 345 -16.01 -115.50 -12.06
C ASP F 345 -14.57 -115.41 -12.54
N SER F 346 -13.72 -114.77 -11.74
CA SER F 346 -12.31 -114.60 -12.07
C SER F 346 -11.42 -115.30 -11.07
N GLY F 347 -10.15 -115.47 -11.43
CA GLY F 347 -9.19 -116.15 -10.57
C GLY F 347 -9.48 -117.63 -10.46
N ASP F 348 -9.22 -118.19 -9.28
CA ASP F 348 -9.48 -119.61 -9.04
C ASP F 348 -10.97 -119.86 -8.84
N ASN F 349 -11.72 -118.79 -8.60
CA ASN F 349 -13.17 -118.89 -8.43
C ASN F 349 -13.85 -119.18 -9.77
N GLY F 350 -13.21 -118.76 -10.86
CA GLY F 350 -13.72 -119.01 -12.19
C GLY F 350 -13.14 -120.28 -12.78
N ARG F 351 -11.98 -120.69 -12.27
CA ARG F 351 -11.33 -121.91 -12.72
C ARG F 351 -12.02 -123.12 -12.11
N MET F 352 -12.35 -124.09 -12.96
CA MET F 352 -13.15 -125.24 -12.53
C MET F 352 -12.60 -126.56 -13.03
N VAL F 353 -12.78 -127.60 -12.23
CA VAL F 353 -12.39 -128.96 -12.61
C VAL F 353 -13.60 -129.88 -12.57
N CYS F 354 -13.73 -130.74 -13.58
CA CYS F 354 -14.86 -131.65 -13.67
C CYS F 354 -14.42 -133.10 -13.54
N SER F 355 -15.22 -133.90 -12.85
CA SER F 355 -14.86 -135.28 -12.59
C SER F 355 -16.03 -136.25 -12.73
N ILE F 356 -15.69 -137.53 -12.87
CA ILE F 356 -16.66 -138.60 -12.99
C ILE F 356 -16.35 -139.66 -11.93
N GLN F 357 -17.25 -140.62 -11.73
CA GLN F 357 -17.01 -141.70 -10.79
C GLN F 357 -15.79 -142.53 -11.21
N ASN F 358 -14.96 -142.87 -10.24
CA ASN F 358 -13.73 -143.60 -10.51
C ASN F 358 -13.97 -145.04 -10.93
N GLY F 359 -15.09 -145.60 -10.48
CA GLY F 359 -15.43 -146.99 -10.77
C GLY F 359 -15.88 -147.21 -12.20
N LEU F 360 -16.54 -146.22 -12.78
CA LEU F 360 -17.08 -146.32 -14.13
C LEU F 360 -15.97 -146.34 -15.17
N PRO F 361 -16.11 -147.21 -16.20
CA PRO F 361 -15.11 -147.36 -17.26
C PRO F 361 -15.22 -146.31 -18.36
N PHE F 362 -15.73 -145.12 -18.01
CA PHE F 362 -15.84 -144.03 -18.97
C PHE F 362 -14.69 -143.03 -18.79
N LEU F 363 -14.34 -142.34 -19.86
CA LEU F 363 -13.20 -141.44 -19.85
C LEU F 363 -13.57 -140.04 -20.33
N LEU F 364 -13.08 -139.02 -19.62
CA LEU F 364 -13.33 -137.63 -19.99
C LEU F 364 -12.17 -137.07 -20.82
N LYS F 365 -12.48 -136.62 -22.03
CA LYS F 365 -11.48 -136.09 -22.93
C LYS F 365 -11.81 -134.66 -23.36
N PRO F 366 -10.92 -133.71 -23.03
CA PRO F 366 -11.09 -132.30 -23.39
C PRO F 366 -10.78 -132.04 -24.87
N THR F 367 -11.77 -131.58 -25.62
CA THR F 367 -11.58 -131.24 -27.02
C THR F 367 -11.29 -129.76 -27.19
N PHE F 368 -12.25 -128.92 -26.78
CA PHE F 368 -12.05 -127.47 -26.84
C PHE F 368 -11.99 -126.89 -25.44
N LYS F 369 -11.61 -125.61 -25.35
CA LYS F 369 -11.57 -124.92 -24.07
C LYS F 369 -12.95 -124.91 -23.42
N ASN F 370 -13.04 -125.48 -22.21
CA ASN F 370 -14.30 -125.65 -21.50
C ASN F 370 -15.31 -126.42 -22.35
N PHE F 371 -14.82 -127.42 -23.07
CA PHE F 371 -15.66 -128.21 -23.97
C PHE F 371 -15.12 -129.62 -24.07
N TYR F 372 -15.76 -130.54 -23.36
CA TYR F 372 -15.29 -131.92 -23.22
C TYR F 372 -16.16 -132.91 -23.98
N THR F 373 -15.68 -134.15 -24.09
CA THR F 373 -16.46 -135.24 -24.67
C THR F 373 -16.43 -136.46 -23.76
N LEU F 374 -17.60 -137.05 -23.51
CA LEU F 374 -17.71 -138.23 -22.68
C LEU F 374 -17.57 -139.49 -23.52
N VAL F 375 -16.40 -140.12 -23.46
CA VAL F 375 -16.11 -141.28 -24.31
C VAL F 375 -15.76 -142.52 -23.49
N THR F 376 -16.23 -143.68 -23.95
CA THR F 376 -15.91 -144.95 -23.31
C THR F 376 -14.44 -145.30 -23.48
N GLU F 377 -13.82 -145.80 -22.41
CA GLU F 377 -12.41 -146.14 -22.44
C GLU F 377 -12.13 -147.40 -23.25
N ARG F 378 -12.97 -148.41 -23.06
CA ARG F 378 -12.79 -149.70 -23.72
C ARG F 378 -14.11 -150.40 -23.98
N PRO F 379 -14.19 -151.19 -25.06
CA PRO F 379 -15.41 -151.94 -25.42
C PRO F 379 -15.89 -152.85 -24.28
N LEU F 380 -17.20 -152.97 -24.14
CA LEU F 380 -17.78 -153.79 -23.08
C LEU F 380 -19.06 -154.48 -23.53
N ASP F 381 -19.18 -155.76 -23.20
CA ASP F 381 -20.36 -156.53 -23.57
C ASP F 381 -21.55 -156.20 -22.68
N ARG F 382 -22.75 -156.49 -23.17
CA ARG F 382 -23.98 -156.24 -22.42
C ARG F 382 -24.15 -157.26 -21.31
N GLU F 383 -23.45 -158.38 -21.43
CA GLU F 383 -23.54 -159.47 -20.45
C GLU F 383 -23.06 -159.03 -19.07
N SER F 384 -22.12 -158.10 -19.03
CA SER F 384 -21.60 -157.58 -17.77
C SER F 384 -22.58 -156.61 -17.13
N ASN F 385 -22.67 -155.41 -17.69
CA ASN F 385 -23.59 -154.39 -17.21
C ASN F 385 -24.46 -153.85 -18.34
N ALA F 386 -25.77 -153.81 -18.12
CA ALA F 386 -26.72 -153.42 -19.14
C ALA F 386 -26.90 -151.90 -19.23
N GLU F 387 -27.10 -151.26 -18.08
CA GLU F 387 -27.39 -149.84 -18.05
C GLU F 387 -26.40 -149.08 -17.16
N TYR F 388 -26.19 -147.81 -17.47
CA TYR F 388 -25.21 -147.00 -16.75
C TYR F 388 -25.72 -145.61 -16.38
N ASN F 389 -25.54 -145.24 -15.11
CA ASN F 389 -25.81 -143.90 -14.63
C ASN F 389 -24.53 -143.09 -14.51
N ILE F 390 -24.40 -142.03 -15.32
CA ILE F 390 -23.19 -141.22 -15.32
C ILE F 390 -23.44 -139.82 -14.79
N THR F 391 -22.99 -139.56 -13.56
CA THR F 391 -23.19 -138.25 -12.95
C THR F 391 -21.91 -137.40 -13.04
N ILE F 392 -21.86 -136.51 -14.02
CA ILE F 392 -20.74 -135.60 -14.17
C ILE F 392 -20.80 -134.51 -13.10
N THR F 393 -19.67 -134.30 -12.42
CA THR F 393 -19.63 -133.31 -11.34
C THR F 393 -18.50 -132.29 -11.53
N VAL F 394 -18.88 -131.06 -11.88
CA VAL F 394 -17.90 -130.00 -12.07
C VAL F 394 -17.93 -129.00 -10.90
N SER F 395 -16.76 -128.70 -10.35
CA SER F 395 -16.65 -127.79 -9.21
C SER F 395 -15.50 -126.80 -9.40
N ASP F 396 -15.70 -125.56 -8.96
CA ASP F 396 -14.68 -124.53 -9.07
C ASP F 396 -13.58 -124.73 -8.04
N LEU F 397 -12.52 -123.93 -8.15
CA LEU F 397 -11.38 -124.03 -7.24
C LEU F 397 -11.40 -122.90 -6.20
N GLY F 398 -12.52 -122.17 -6.16
CA GLY F 398 -12.64 -121.03 -5.26
C GLY F 398 -12.99 -121.44 -3.84
N THR F 399 -12.99 -120.46 -2.94
CA THR F 399 -13.31 -120.69 -1.54
C THR F 399 -14.49 -119.80 -1.11
N PRO F 400 -15.62 -120.42 -0.75
CA PRO F 400 -15.86 -121.87 -0.75
C PRO F 400 -16.08 -122.43 -2.16
N ARG F 401 -15.95 -123.75 -2.30
CA ARG F 401 -16.09 -124.40 -3.60
C ARG F 401 -17.56 -124.59 -3.96
N LEU F 402 -17.92 -124.21 -5.17
CA LEU F 402 -19.29 -124.39 -5.66
C LEU F 402 -19.38 -125.58 -6.61
N THR F 403 -20.27 -126.51 -6.30
CA THR F 403 -20.40 -127.74 -7.06
C THR F 403 -21.67 -127.77 -7.91
N THR F 404 -21.54 -128.30 -9.13
CA THR F 404 -22.68 -128.48 -10.02
C THR F 404 -22.57 -129.84 -10.71
N GLN F 405 -23.60 -130.67 -10.54
CA GLN F 405 -23.58 -132.02 -11.09
C GLN F 405 -24.83 -132.33 -11.90
N HIS F 406 -24.70 -133.23 -12.86
CA HIS F 406 -25.84 -133.67 -13.65
C HIS F 406 -25.70 -135.13 -14.08
N THR F 407 -26.82 -135.84 -14.12
CA THR F 407 -26.84 -137.25 -14.43
C THR F 407 -27.27 -137.51 -15.88
N ILE F 408 -26.66 -138.50 -16.52
CA ILE F 408 -27.07 -138.94 -17.85
C ILE F 408 -26.98 -140.47 -17.93
N THR F 409 -28.05 -141.08 -18.43
CA THR F 409 -28.13 -142.54 -18.50
C THR F 409 -27.79 -143.06 -19.89
N VAL F 410 -26.94 -144.07 -19.94
CA VAL F 410 -26.56 -144.68 -21.22
C VAL F 410 -26.59 -146.21 -21.11
N GLN F 411 -27.24 -146.85 -22.08
CA GLN F 411 -27.41 -148.30 -22.06
C GLN F 411 -26.79 -148.98 -23.28
N VAL F 412 -26.29 -150.20 -23.07
CA VAL F 412 -25.69 -150.98 -24.15
C VAL F 412 -26.69 -152.00 -24.68
N SER F 413 -26.66 -152.24 -25.99
CA SER F 413 -27.64 -153.13 -26.62
C SER F 413 -26.99 -154.21 -27.47
N ASP F 414 -27.79 -154.76 -28.40
CA ASP F 414 -27.36 -155.80 -29.33
C ASP F 414 -26.94 -157.10 -28.64
N ILE F 415 -27.27 -157.23 -27.35
CA ILE F 415 -26.99 -158.44 -26.58
C ILE F 415 -25.53 -158.87 -26.66
#